data_8UCP
#
_entry.id   8UCP
#
_cell.length_a   1.00
_cell.length_b   1.00
_cell.length_c   1.00
_cell.angle_alpha   90.00
_cell.angle_beta   90.00
_cell.angle_gamma   90.00
#
_symmetry.space_group_name_H-M   'P 1'
#
loop_
_entity.id
_entity.type
_entity.pdbx_description
1 polymer 'Synaptic vesicular amine transporter'
2 polymer 'Cytochrome c oxidase subunit 1'
3 polymer 'Cytochrome c oxidase subunit 2'
4 polymer 'Cytochrome c oxidase subunit 3'
5 polymer 'Cytochrome c oxidase subunit 4'
6 polymer 'Cytochrome c oxidase subunit 5'
7 polymer 'Cytochrome c oxidase subunit 6'
8 polymer 'Cytochrome c oxidase subunit 7'
9 polymer 'Cytochrome c oxidase subunit 8'
10 polymer 'Cytochrome c oxidase subunit 9'
11 non-polymer SEROTONIN
12 non-polymer 'COPPER (II) ION'
13 non-polymer HEME-A
14 non-polymer PHOSPHATIDYLETHANOLAMINE
15 non-polymer 'DINUCLEAR COPPER ION'
16 non-polymer 'ZINC ION'
#
loop_
_entity_poly.entity_id
_entity_poly.type
_entity_poly.pdbx_seq_one_letter_code
_entity_poly.pdbx_strand_id
1 'polypeptide(L)'
;MALSELALVRWLQESRRSRKLILFIVFLALLLDNMLLTVVVPIIPSYLYSIKHEKNATEIQTARPVHTASISDSFQSIFS
YYDNSTMVTGNATRDLTLHQTATQHMVTNASAVPSDCPSEDKDLLNENVQVGLLFASKATVQLITNPFIGLLTNRIGYPI
PIFAGFCIMFVSTIMFAFSSSYAFLLIARSLQGIGSSCSSVAGMGMLASVYTDDEERGNVMGIALGGLAMGVLVGPPFGS
VLYEFVGKTAPFLVLAALVLLDGAIQLFVLQPSRVQPESQKGTPLTTLLKDPYILIAAGSICFANMGIAMLEPALPIWMM
ETMCSRKWQLGVAFLPASISYLIGTNIFGILAHKMGRWLCALLGMIIVGVSILCIPFAKNIYGLIAPNFGVGFAIGMVDS
SMMPIMGYLVDLRHVSVYGSVYAIADVAFCMGYAIGPSAGGAIAKAIGFPWLMTIIGIIDILFAPLCFFLRSPPAKEEKM
AILMDHNCPIKTKMYTQNNIQSYPIGEDEESESD
;
A
2 'polypeptide(L)'
;MNYINRWLFSTNAKDIAVLYFIFALFCGLLGSIMSLILRLELSAPGNQILMGNHQLFNVVATAHAVLMVFFLVMPAAIGF
FGNYLLPLMIGASDMSFARLNNISFWLLPPALVSLLASALIENGAGTGWTVYPPLAGVQSHSGPSVDLAIFALHLTSISS
LLGAINFITTTLNMRTIGMTMSKLPLFVWAVVFTSILLLLSLPVLSAGVTLLLLDRNFNTSFFEPAGGGDPILYQHLFWF
FGHPEVYILIIPGFGIISHIVSTYSKKPVFGAIGMVYAMGSIGFLGLLVWSHHMYTVGLDVDSRAYFTSATMVIAVPTGI
KIFSWLATLYGGSIRYTTPMLYAFAFLFLFTVGGLSGVVLSNASLDIAFHDTYYVIGHFHYVLSLGAVFSLFAGYYYWSP
LITGLYYNNNLANIQFWLLFIGTNVTFFPMHFLGLNGMPRRIPDYPDAFAGWNAISSFGSLISIISVILFAYVIYDQLVN
GLTNKQLSTNSLFKNPDFIESNIIFNDNSIKSSSIDFLLTSPPLPHTFNTPAIQS
;
a
3 'polypeptide(L)'
;DVPTPWGIFFQDSATPNMEGIIELHNNIMFYLVLILTFVSYILYTIIYNYSNATIVHKYMNHGQLIEIVWTTLPAVILLI
IAFPSFILLYLCDEVISPAMTIKAIGLQWYWKYEYSDFINDDGEIVEFESYVIPEELLEDGQLRLLDVDASVVVPVDTHI
RFIVSSADVIHDFCVPALGVKVDASPGRLNQTSALIQREGVYYGQCSELCGVMHSAMPIKIEAVSLYEFINWLDEQ
;
b
4 'polypeptide(L)'
;MRIQNRENLQLFPFHLVTNSPWPLTTSLALMSLALTLGLTMHGYIGNHLWLFLAISLVLSSIFLWVRDVVIEGTYLGDHT
IAVRKGLNIGFMLFVLSEILIFAALFWSYFHSAMGPTIEIGCQWPPVGITSIKPTELPLLNTIILLASGATVTWAHHSIL
YKDRQGTLVGLFITTLLIILFVGCQVLEYTWATFTIADSVFGSIFYAGTGLHFIHMVMLIVMLAICYARMYFYHFTSNHH
LGLETTILYLHVLDIIWLFLYIVFYWWG
;
c
5 'polypeptide(L)'
;QFKTATSIAEVEGLENLVGPGAKTGTVPTDLEQATGLERYELLGKLEGIEVFDETPLEAVRKGTMKDPILIDSYDDYRYV
GCTGVPADSHNIEWLKPTTEKNARCWECGSVYKLNFL
;
d
6 'polypeptide(L)'
;NATVTNLEKRWEDLPETDQKDIISQLSERQKLPWKDLTLSEKKAAWYISFGEWGPRRPVHTKEDKLYIFWGTVIGIVISA
TIFGAFRYNRNVPKTMNREWQAASDEYLKSKNAEPFTGYSQIQS
;
e
7 'polypeptide(L)'
;EETYEEFSQRYEKEFDEAYDLFEVQRVLNNCFSYDIVPSPAVIGKALNACRRVNDYATAVRVFEGLKHKVETKEQYDAYL
EELKDVREELGIDLKEELFP
;
f
8 'polypeptide(L)' TATEKIIELQKFYQSTNKPIYAAHPRSKYYLIPYFGLLGVSVAATLFYTGRACFGIKD g
9 'polypeptide(L)' DVGPYSNLPFKVKNRRVPYAVPHFLFFAIGMGIPFFACYVQLKRSGSI h
10 'polypeptide(L)' SLTRIQGSVKRRILTDISVGLTLGFGFASYWWWGVHKPTVAHRENYYIELAKKKKA i
#
# COMPACT_ATOMS: atom_id res chain seq x y z
N SER A 18 8.63 4.75 34.84
CA SER A 18 9.16 5.87 34.05
C SER A 18 8.04 6.62 33.35
N ARG A 19 8.34 7.86 32.94
CA ARG A 19 7.37 8.68 32.23
C ARG A 19 6.94 8.00 30.94
N LYS A 20 7.90 7.67 30.08
CA LYS A 20 7.59 6.91 28.87
C LYS A 20 7.09 5.52 29.23
N LEU A 21 7.70 4.90 30.26
CA LEU A 21 7.28 3.56 30.64
C LEU A 21 5.84 3.55 31.13
N ILE A 22 5.45 4.53 31.94
CA ILE A 22 4.07 4.57 32.42
C ILE A 22 3.11 4.92 31.29
N LEU A 23 3.54 5.77 30.36
CA LEU A 23 2.73 6.02 29.17
C LEU A 23 2.46 4.72 28.41
N PHE A 24 3.51 3.95 28.14
CA PHE A 24 3.32 2.68 27.45
C PHE A 24 2.48 1.71 28.27
N ILE A 25 2.70 1.68 29.58
CA ILE A 25 1.99 0.73 30.43
C ILE A 25 0.50 1.02 30.44
N VAL A 26 0.13 2.29 30.61
CA VAL A 26 -1.29 2.64 30.60
C VAL A 26 -1.89 2.41 29.22
N PHE A 27 -1.13 2.71 28.16
CA PHE A 27 -1.65 2.49 26.82
C PHE A 27 -1.95 1.02 26.57
N LEU A 28 -1.01 0.13 26.89
CA LEU A 28 -1.25 -1.29 26.68
C LEU A 28 -2.33 -1.82 27.61
N ALA A 29 -2.38 -1.31 28.84
CA ALA A 29 -3.40 -1.76 29.79
C ALA A 29 -4.79 -1.45 29.27
N LEU A 30 -4.99 -0.24 28.74
CA LEU A 30 -6.27 0.10 28.15
C LEU A 30 -6.49 -0.67 26.85
N LEU A 31 -5.42 -0.93 26.10
CA LEU A 31 -5.57 -1.55 24.78
C LEU A 31 -6.04 -2.99 24.89
N LEU A 32 -5.47 -3.74 25.84
CA LEU A 32 -5.78 -5.18 25.91
C LEU A 32 -7.19 -5.44 26.42
N ASP A 33 -7.72 -4.52 27.23
CA ASP A 33 -9.01 -4.77 27.88
C ASP A 33 -10.13 -4.89 26.86
N ASN A 34 -10.25 -3.89 25.98
CA ASN A 34 -11.32 -3.93 24.98
C ASN A 34 -11.02 -4.98 23.92
N MET A 35 -9.75 -5.30 23.70
CA MET A 35 -9.39 -6.45 22.88
C MET A 35 -10.05 -7.72 23.39
N LEU A 36 -9.92 -7.97 24.70
CA LEU A 36 -10.57 -9.14 25.29
C LEU A 36 -12.08 -8.98 25.28
N LEU A 37 -12.55 -7.77 25.49
CA LEU A 37 -13.98 -7.55 25.59
C LEU A 37 -14.77 -7.88 24.37
N THR A 38 -14.39 -7.31 23.25
CA THR A 38 -15.18 -7.48 22.06
C THR A 38 -15.33 -8.91 21.51
N VAL A 39 -14.29 -9.72 21.61
CA VAL A 39 -14.38 -11.06 21.04
C VAL A 39 -15.52 -11.85 21.64
N VAL A 40 -16.27 -12.52 20.79
CA VAL A 40 -17.40 -13.29 21.27
C VAL A 40 -17.48 -14.57 20.47
N VAL A 41 -17.78 -15.67 21.13
CA VAL A 41 -17.87 -16.97 20.48
C VAL A 41 -19.25 -17.16 19.87
N LEU A 133 -25.62 -10.15 29.45
CA LEU A 133 -25.63 -10.98 30.66
C LEU A 133 -24.22 -11.07 31.23
N LEU A 134 -23.31 -11.66 30.46
CA LEU A 134 -21.93 -11.78 30.90
C LEU A 134 -21.30 -10.40 31.09
N PHE A 135 -21.59 -9.48 30.18
CA PHE A 135 -21.03 -8.13 30.29
C PHE A 135 -21.48 -7.45 31.58
N ALA A 136 -22.76 -7.61 31.94
CA ALA A 136 -23.25 -7.04 33.19
C ALA A 136 -22.53 -7.63 34.38
N SER A 137 -22.31 -8.95 34.37
CA SER A 137 -21.61 -9.59 35.48
C SER A 137 -20.18 -9.08 35.61
N LYS A 138 -19.47 -8.96 34.48
CA LYS A 138 -18.09 -8.47 34.56
C LYS A 138 -18.05 -7.03 35.06
N ALA A 139 -18.95 -6.19 34.57
CA ALA A 139 -18.96 -4.80 35.00
C ALA A 139 -19.33 -4.69 36.48
N THR A 140 -20.23 -5.55 36.95
CA THR A 140 -20.58 -5.53 38.36
C THR A 140 -19.41 -5.94 39.25
N VAL A 141 -18.69 -6.99 38.87
CA VAL A 141 -17.53 -7.40 39.67
C VAL A 141 -16.45 -6.33 39.62
N GLN A 142 -16.30 -5.66 38.47
CA GLN A 142 -15.35 -4.56 38.38
C GLN A 142 -15.73 -3.43 39.32
N LEU A 143 -17.02 -3.10 39.41
CA LEU A 143 -17.48 -2.09 40.34
C LEU A 143 -17.18 -2.49 41.79
N ILE A 144 -17.44 -3.75 42.13
CA ILE A 144 -17.29 -4.17 43.52
C ILE A 144 -15.81 -4.16 43.94
N THR A 145 -14.92 -4.67 43.08
CA THR A 145 -13.55 -4.88 43.50
C THR A 145 -12.76 -3.58 43.62
N ASN A 146 -13.27 -2.50 43.04
CA ASN A 146 -12.46 -1.29 42.89
C ASN A 146 -12.04 -0.64 44.21
N PRO A 147 -12.93 -0.37 45.17
CA PRO A 147 -12.47 0.30 46.40
C PRO A 147 -11.45 -0.49 47.19
N PHE A 148 -11.53 -1.82 47.15
CA PHE A 148 -10.51 -2.64 47.79
C PHE A 148 -9.14 -2.38 47.17
N ILE A 149 -9.08 -2.30 45.84
CA ILE A 149 -7.82 -2.00 45.17
C ILE A 149 -7.36 -0.61 45.53
N GLY A 150 -8.29 0.35 45.63
CA GLY A 150 -7.91 1.70 46.01
C GLY A 150 -7.29 1.75 47.39
N LEU A 151 -7.86 1.01 48.34
CA LEU A 151 -7.25 0.91 49.65
C LEU A 151 -5.89 0.22 49.58
N LEU A 152 -5.78 -0.82 48.77
CA LEU A 152 -4.52 -1.55 48.67
C LEU A 152 -3.41 -0.68 48.12
N THR A 153 -3.74 0.24 47.20
CA THR A 153 -2.71 1.07 46.58
C THR A 153 -1.95 1.90 47.60
N ASN A 154 -2.60 2.28 48.69
CA ASN A 154 -1.95 3.10 49.70
C ASN A 154 -0.81 2.34 50.38
N ARG A 155 -1.06 1.11 50.79
CA ARG A 155 -0.11 0.36 51.60
C ARG A 155 0.83 -0.49 50.76
N ILE A 156 0.28 -1.31 49.86
CA ILE A 156 1.11 -2.25 49.10
C ILE A 156 2.03 -1.50 48.15
N GLY A 157 1.52 -0.47 47.50
CA GLY A 157 2.29 0.24 46.49
C GLY A 157 1.73 0.04 45.10
N TYR A 158 2.05 0.98 44.22
CA TYR A 158 1.44 1.00 42.90
C TYR A 158 1.80 -0.19 42.00
N PRO A 159 3.07 -0.59 41.84
CA PRO A 159 3.38 -1.60 40.81
C PRO A 159 2.69 -2.95 41.01
N ILE A 160 2.40 -3.34 42.25
CA ILE A 160 1.80 -4.66 42.49
C ILE A 160 0.43 -4.79 41.86
N PRO A 161 -0.51 -3.84 42.05
CA PRO A 161 -1.80 -3.94 41.35
C PRO A 161 -1.67 -3.96 39.83
N ILE A 162 -0.71 -3.22 39.28
CA ILE A 162 -0.49 -3.26 37.84
C ILE A 162 -0.05 -4.66 37.42
N PHE A 163 0.87 -5.26 38.18
CA PHE A 163 1.38 -6.58 37.82
C PHE A 163 0.30 -7.63 37.92
N ALA A 164 -0.59 -7.51 38.92
CA ALA A 164 -1.64 -8.51 39.10
C ALA A 164 -2.60 -8.53 37.90
N GLY A 165 -2.93 -7.35 37.39
CA GLY A 165 -3.90 -7.27 36.31
C GLY A 165 -3.47 -8.02 35.06
N PHE A 166 -2.17 -8.04 34.79
CA PHE A 166 -1.68 -8.75 33.61
C PHE A 166 -1.97 -10.24 33.70
N CYS A 167 -1.57 -10.88 34.80
CA CYS A 167 -1.84 -12.31 34.95
C CYS A 167 -3.33 -12.58 35.01
N ILE A 168 -4.10 -11.66 35.58
CA ILE A 168 -5.55 -11.83 35.59
C ILE A 168 -6.10 -11.85 34.17
N MET A 169 -5.61 -10.94 33.32
CA MET A 169 -6.03 -10.94 31.92
C MET A 169 -5.62 -12.23 31.22
N PHE A 170 -4.40 -12.73 31.48
CA PHE A 170 -3.99 -13.97 30.83
C PHE A 170 -4.90 -15.13 31.23
N VAL A 171 -5.20 -15.26 32.52
CA VAL A 171 -6.05 -16.36 32.95
C VAL A 171 -7.45 -16.22 32.38
N SER A 172 -7.98 -15.00 32.37
CA SER A 172 -9.32 -14.78 31.84
C SER A 172 -9.39 -15.11 30.36
N THR A 173 -8.41 -14.64 29.58
CA THR A 173 -8.43 -14.88 28.15
C THR A 173 -8.22 -16.35 27.81
N ILE A 174 -7.37 -17.04 28.59
CA ILE A 174 -7.21 -18.47 28.37
C ILE A 174 -8.51 -19.20 28.65
N MET A 175 -9.23 -18.75 29.66
CA MET A 175 -10.47 -19.39 29.93
C MET A 175 -11.36 -19.21 28.72
N PHE A 176 -11.36 -18.02 28.12
CA PHE A 176 -12.29 -17.84 27.01
C PHE A 176 -12.01 -18.77 25.85
N ALA A 177 -10.76 -18.84 25.43
CA ALA A 177 -10.40 -19.64 24.25
C ALA A 177 -10.49 -21.14 24.41
N PHE A 178 -9.97 -21.64 25.52
CA PHE A 178 -9.91 -23.08 25.67
C PHE A 178 -11.14 -23.69 26.30
N SER A 179 -12.07 -22.84 26.73
CA SER A 179 -13.22 -23.39 27.43
C SER A 179 -14.56 -22.97 26.86
N SER A 180 -15.37 -23.95 26.52
CA SER A 180 -16.72 -23.69 26.03
C SER A 180 -17.78 -23.82 27.11
N SER A 181 -17.40 -24.27 28.31
CA SER A 181 -18.36 -24.42 29.39
C SER A 181 -18.85 -23.07 29.89
N TYR A 182 -20.11 -23.01 30.29
CA TYR A 182 -20.70 -21.76 30.75
C TYR A 182 -20.02 -21.26 32.03
N ALA A 183 -19.74 -22.17 32.97
CA ALA A 183 -19.14 -21.76 34.24
C ALA A 183 -17.76 -21.18 34.04
N PHE A 184 -16.94 -21.80 33.18
CA PHE A 184 -15.61 -21.28 32.92
C PHE A 184 -15.68 -19.92 32.24
N LEU A 185 -16.63 -19.72 31.34
CA LEU A 185 -16.80 -18.42 30.70
C LEU A 185 -17.21 -17.36 31.71
N LEU A 186 -18.11 -17.70 32.63
CA LEU A 186 -18.51 -16.77 33.66
C LEU A 186 -17.33 -16.40 34.55
N ILE A 187 -16.51 -17.39 34.92
CA ILE A 187 -15.32 -17.12 35.72
C ILE A 187 -14.37 -16.21 34.95
N ALA A 188 -14.22 -16.46 33.65
CA ALA A 188 -13.35 -15.62 32.83
C ALA A 188 -13.84 -14.18 32.81
N ARG A 189 -15.15 -13.98 32.68
CA ARG A 189 -15.69 -12.62 32.70
C ARG A 189 -15.47 -11.95 34.06
N SER A 190 -15.70 -12.68 35.14
CA SER A 190 -15.53 -12.11 36.47
C SER A 190 -14.07 -11.70 36.71
N LEU A 191 -13.13 -12.58 36.39
CA LEU A 191 -11.73 -12.23 36.52
C LEU A 191 -11.35 -11.10 35.57
N GLN A 192 -11.96 -11.04 34.39
CA GLN A 192 -11.72 -9.92 33.50
C GLN A 192 -12.06 -8.60 34.19
N GLY A 193 -13.24 -8.54 34.80
CA GLY A 193 -13.63 -7.32 35.50
C GLY A 193 -12.69 -6.99 36.65
N ILE A 194 -12.58 -7.92 37.59
CA ILE A 194 -11.77 -7.71 38.78
C ILE A 194 -10.38 -7.29 38.40
N GLY A 195 -9.76 -8.01 37.48
CA GLY A 195 -8.41 -7.70 37.08
C GLY A 195 -8.21 -6.35 36.44
N SER A 196 -9.18 -5.95 35.61
CA SER A 196 -9.05 -4.69 34.92
C SER A 196 -9.02 -3.59 35.92
N SER A 197 -9.82 -3.72 36.96
CA SER A 197 -9.86 -2.63 37.87
C SER A 197 -8.47 -2.55 38.43
N CYS A 198 -7.84 -3.67 38.73
CA CYS A 198 -6.47 -3.51 39.22
C CYS A 198 -5.62 -2.72 38.24
N SER A 199 -5.63 -3.16 36.97
CA SER A 199 -4.78 -2.53 35.96
C SER A 199 -5.13 -1.06 35.79
N SER A 200 -6.41 -0.75 35.60
CA SER A 200 -6.80 0.63 35.34
C SER A 200 -6.50 1.53 36.54
N VAL A 201 -6.89 1.09 37.75
CA VAL A 201 -6.74 1.95 38.91
C VAL A 201 -5.27 2.22 39.19
N ALA A 202 -4.45 1.17 39.23
CA ALA A 202 -3.03 1.38 39.53
C ALA A 202 -2.35 2.18 38.43
N GLY A 203 -2.71 1.93 37.16
CA GLY A 203 -2.11 2.67 36.08
C GLY A 203 -2.41 4.15 36.16
N MET A 204 -3.68 4.50 36.39
CA MET A 204 -4.04 5.90 36.49
C MET A 204 -3.37 6.56 37.69
N GLY A 205 -3.31 5.84 38.82
CA GLY A 205 -2.66 6.39 39.99
C GLY A 205 -1.19 6.71 39.76
N MET A 206 -0.43 5.75 39.25
CA MET A 206 0.98 6.03 39.02
C MET A 206 1.21 7.01 37.88
N LEU A 207 0.31 7.02 36.87
CA LEU A 207 0.42 8.01 35.81
C LEU A 207 0.29 9.41 36.37
N ALA A 208 -0.61 9.60 37.34
CA ALA A 208 -0.66 10.88 38.03
C ALA A 208 0.58 11.08 38.89
N SER A 209 1.11 10.00 39.47
CA SER A 209 2.22 10.11 40.41
C SER A 209 3.46 10.69 39.75
N VAL A 210 3.88 10.11 38.64
CA VAL A 210 5.11 10.59 38.01
C VAL A 210 4.90 11.98 37.40
N TYR A 211 3.73 12.22 36.81
CA TYR A 211 3.47 13.47 36.10
C TYR A 211 2.93 14.49 37.10
N THR A 212 3.85 15.21 37.74
CA THR A 212 3.49 16.08 38.84
C THR A 212 2.80 17.35 38.37
N ASP A 213 3.31 17.96 37.29
CA ASP A 213 2.83 19.28 36.88
C ASP A 213 1.36 19.21 36.43
N ASP A 214 0.62 20.28 36.73
CA ASP A 214 -0.80 20.32 36.39
C ASP A 214 -1.03 20.30 34.88
N GLU A 215 -0.21 21.05 34.13
CA GLU A 215 -0.43 21.16 32.69
C GLU A 215 -0.14 19.85 31.97
N GLU A 216 0.95 19.17 32.34
CA GLU A 216 1.35 17.97 31.61
C GLU A 216 0.38 16.84 31.83
N ARG A 217 -0.33 16.84 32.95
CA ARG A 217 -1.22 15.74 33.29
C ARG A 217 -2.31 15.57 32.24
N GLY A 218 -2.87 16.67 31.76
CA GLY A 218 -3.94 16.57 30.78
C GLY A 218 -3.50 15.93 29.49
N ASN A 219 -2.35 16.38 28.96
CA ASN A 219 -1.86 15.82 27.71
C ASN A 219 -1.49 14.35 27.88
N VAL A 220 -0.81 14.02 28.97
CA VAL A 220 -0.42 12.63 29.20
C VAL A 220 -1.63 11.75 29.35
N MET A 221 -2.65 12.22 30.07
CA MET A 221 -3.82 11.39 30.29
C MET A 221 -4.67 11.27 29.04
N GLY A 222 -4.68 12.30 28.19
CA GLY A 222 -5.33 12.15 26.91
C GLY A 222 -4.66 11.12 26.03
N ILE A 223 -3.32 11.15 25.98
CA ILE A 223 -2.58 10.14 25.24
C ILE A 223 -2.89 8.76 25.79
N ALA A 224 -2.97 8.64 27.11
CA ALA A 224 -3.27 7.34 27.72
C ALA A 224 -4.68 6.88 27.37
N LEU A 225 -5.69 7.72 27.62
CA LEU A 225 -7.08 7.34 27.45
C LEU A 225 -7.47 7.18 25.98
N GLY A 226 -6.60 7.60 25.06
CA GLY A 226 -6.87 7.23 23.68
C GLY A 226 -6.76 5.75 23.39
N GLY A 227 -6.26 4.96 24.33
CA GLY A 227 -6.01 3.55 24.05
C GLY A 227 -7.27 2.72 24.00
N LEU A 228 -8.35 3.23 24.59
CA LEU A 228 -9.60 2.48 24.58
C LEU A 228 -10.12 2.28 23.16
N ALA A 229 -10.10 3.34 22.34
CA ALA A 229 -10.55 3.23 20.97
C ALA A 229 -9.62 2.35 20.16
N MET A 230 -8.32 2.44 20.42
CA MET A 230 -7.35 1.59 19.74
C MET A 230 -7.63 0.13 20.02
N GLY A 231 -8.04 -0.19 21.25
CA GLY A 231 -8.36 -1.57 21.57
C GLY A 231 -9.52 -2.11 20.76
N VAL A 232 -10.58 -1.31 20.61
CA VAL A 232 -11.76 -1.77 19.89
C VAL A 232 -11.46 -1.87 18.39
N LEU A 233 -10.74 -0.90 17.84
CA LEU A 233 -10.43 -0.94 16.41
C LEU A 233 -9.45 -2.05 16.06
N VAL A 234 -8.48 -2.32 16.94
CA VAL A 234 -7.36 -3.18 16.56
C VAL A 234 -7.83 -4.59 16.22
N GLY A 235 -8.63 -5.18 17.11
CA GLY A 235 -9.21 -6.47 16.83
C GLY A 235 -10.63 -6.54 17.37
N PRO A 236 -11.60 -6.76 16.50
CA PRO A 236 -12.95 -7.06 16.98
C PRO A 236 -12.91 -8.31 17.84
N PRO A 237 -12.29 -9.40 17.38
CA PRO A 237 -11.78 -10.39 18.33
C PRO A 237 -10.30 -10.20 18.56
N PHE A 238 -9.78 -10.67 19.68
CA PHE A 238 -8.35 -10.82 19.88
C PHE A 238 -8.06 -12.25 20.28
N GLY A 239 -7.19 -12.91 19.52
CA GLY A 239 -6.96 -14.32 19.74
C GLY A 239 -8.23 -15.13 19.52
N SER A 240 -8.90 -14.88 18.41
CA SER A 240 -10.17 -15.54 18.10
C SER A 240 -9.95 -16.95 17.53
N VAL A 241 -11.02 -17.50 16.94
CA VAL A 241 -11.13 -18.95 16.75
C VAL A 241 -10.04 -19.48 15.82
N LEU A 242 -9.77 -18.80 14.70
CA LEU A 242 -8.94 -19.37 13.66
C LEU A 242 -7.50 -18.88 13.81
N TYR A 243 -6.58 -19.74 13.35
CA TYR A 243 -5.15 -19.50 13.57
C TYR A 243 -4.69 -18.19 12.93
N GLU A 244 -5.21 -17.87 11.76
CA GLU A 244 -4.79 -16.65 11.09
C GLU A 244 -5.19 -15.40 11.86
N PHE A 245 -6.13 -15.50 12.80
CA PHE A 245 -6.45 -14.38 13.67
C PHE A 245 -5.36 -14.12 14.71
N VAL A 246 -4.53 -15.11 15.02
CA VAL A 246 -3.26 -14.85 15.69
C VAL A 246 -2.12 -14.73 14.69
N GLY A 247 -2.45 -14.55 13.41
CA GLY A 247 -1.51 -14.13 12.39
C GLY A 247 -1.61 -12.64 12.15
N LYS A 248 -2.49 -11.97 12.89
CA LYS A 248 -2.59 -10.51 12.89
C LYS A 248 -2.10 -9.90 14.20
N THR A 249 -2.51 -10.46 15.34
CA THR A 249 -2.11 -9.89 16.63
C THR A 249 -0.66 -10.21 16.96
N ALA A 250 -0.08 -11.21 16.31
CA ALA A 250 1.32 -11.51 16.51
C ALA A 250 2.24 -10.33 16.18
N PRO A 251 2.09 -9.64 15.06
CA PRO A 251 2.95 -8.47 14.81
C PRO A 251 2.84 -7.37 15.86
N PHE A 252 1.66 -7.16 16.44
CA PHE A 252 1.49 -6.07 17.40
C PHE A 252 1.98 -6.47 18.80
N LEU A 253 1.83 -7.74 19.16
CA LEU A 253 2.41 -8.21 20.42
C LEU A 253 3.91 -8.01 20.44
N VAL A 254 4.56 -8.28 19.31
CA VAL A 254 6.00 -8.10 19.21
C VAL A 254 6.38 -6.65 19.43
N LEU A 255 5.61 -5.73 18.82
CA LEU A 255 5.91 -4.32 18.98
C LEU A 255 5.73 -3.87 20.41
N ALA A 256 4.68 -4.37 21.08
CA ALA A 256 4.47 -4.01 22.48
C ALA A 256 5.63 -4.48 23.34
N ALA A 257 6.05 -5.73 23.16
CA ALA A 257 7.18 -6.24 23.93
C ALA A 257 8.45 -5.46 23.63
N LEU A 258 8.63 -5.08 22.37
CA LEU A 258 9.85 -4.40 21.96
C LEU A 258 9.93 -3.01 22.58
N VAL A 259 8.79 -2.31 22.68
CA VAL A 259 8.78 -1.01 23.34
C VAL A 259 8.98 -1.17 24.85
N LEU A 260 8.41 -2.23 25.43
CA LEU A 260 8.67 -2.48 26.84
C LEU A 260 10.14 -2.74 27.10
N LEU A 261 10.86 -3.27 26.12
CA LEU A 261 12.30 -3.42 26.26
C LEU A 261 12.97 -2.06 26.41
N ASP A 262 12.55 -1.07 25.61
CA ASP A 262 13.02 0.30 25.79
C ASP A 262 12.79 0.78 27.21
N GLY A 263 11.55 0.63 27.69
CA GLY A 263 11.24 1.11 29.03
C GLY A 263 12.08 0.45 30.11
N ALA A 264 12.21 -0.88 30.05
CA ALA A 264 12.97 -1.61 31.06
C ALA A 264 14.45 -1.23 31.00
N ILE A 265 15.01 -1.11 29.80
CA ILE A 265 16.42 -0.77 29.68
C ILE A 265 16.67 0.63 30.22
N GLN A 266 15.71 1.54 30.02
CA GLN A 266 15.88 2.88 30.57
C GLN A 266 15.85 2.86 32.10
N LEU A 267 14.88 2.16 32.69
CA LEU A 267 14.77 2.23 34.15
C LEU A 267 15.84 1.41 34.86
N PHE A 268 16.11 0.18 34.41
CA PHE A 268 16.89 -0.76 35.21
C PHE A 268 18.38 -0.71 34.89
N VAL A 269 18.76 -1.03 33.65
CA VAL A 269 20.17 -1.24 33.36
C VAL A 269 20.94 0.08 33.37
N LEU A 270 20.39 1.11 32.74
CA LEU A 270 21.13 2.35 32.50
C LEU A 270 20.28 3.49 33.06
N GLN A 271 20.77 4.71 32.93
CA GLN A 271 20.06 5.87 33.43
C GLN A 271 18.71 6.01 32.71
N PRO A 272 17.64 6.35 33.43
CA PRO A 272 16.29 6.51 32.87
C PRO A 272 16.22 7.60 31.81
N GLU A 278 8.42 8.12 51.90
CA GLU A 278 7.82 9.31 52.52
C GLU A 278 6.33 9.39 52.22
N SER A 279 5.71 8.23 51.99
CA SER A 279 4.29 8.19 51.69
C SER A 279 3.48 8.68 52.88
N GLN A 280 2.36 9.34 52.59
CA GLN A 280 1.53 9.97 53.61
C GLN A 280 0.19 9.25 53.67
N LYS A 281 -0.20 8.82 54.87
CA LYS A 281 -1.55 8.30 55.07
C LYS A 281 -2.53 9.45 55.21
N GLY A 282 -3.42 9.59 54.24
CA GLY A 282 -4.32 10.72 54.24
C GLY A 282 -5.51 10.50 53.33
N THR A 283 -6.43 11.46 53.36
CA THR A 283 -7.65 11.44 52.58
C THR A 283 -8.44 10.15 52.80
N PRO A 284 -9.07 9.97 53.95
CA PRO A 284 -9.95 8.81 54.14
C PRO A 284 -11.13 8.88 53.18
N LEU A 285 -11.64 7.69 52.81
CA LEU A 285 -12.67 7.61 51.78
C LEU A 285 -13.92 8.40 52.15
N THR A 286 -14.26 8.43 53.44
CA THR A 286 -15.37 9.29 53.86
C THR A 286 -15.04 10.75 53.59
N THR A 287 -13.81 11.16 53.89
CA THR A 287 -13.39 12.53 53.58
C THR A 287 -13.47 12.79 52.09
N LEU A 288 -13.13 11.78 51.27
CA LEU A 288 -13.28 11.93 49.83
C LEU A 288 -14.74 12.14 49.44
N LEU A 289 -15.64 11.39 50.07
CA LEU A 289 -17.05 11.50 49.73
C LEU A 289 -17.62 12.84 50.17
N LYS A 290 -17.05 13.43 51.22
CA LYS A 290 -17.57 14.69 51.73
C LYS A 290 -17.48 15.81 50.70
N ASP A 291 -16.38 15.86 49.96
CA ASP A 291 -16.18 16.94 49.01
C ASP A 291 -17.20 16.84 47.87
N PRO A 292 -18.02 17.87 47.71
CA PRO A 292 -19.06 17.73 46.69
C PRO A 292 -18.42 18.04 45.39
N TYR A 293 -17.35 18.80 45.46
CA TYR A 293 -16.68 19.15 44.26
C TYR A 293 -16.14 17.89 43.66
N ILE A 294 -15.65 16.99 44.50
CA ILE A 294 -15.06 15.79 43.98
C ILE A 294 -16.16 15.08 43.28
N LEU A 295 -17.31 15.11 43.88
CA LEU A 295 -18.42 14.40 43.32
C LEU A 295 -18.85 14.87 41.98
N ILE A 296 -18.76 16.16 41.72
CA ILE A 296 -19.36 16.63 40.50
C ILE A 296 -18.83 15.94 39.29
N ALA A 297 -17.53 15.80 39.18
CA ALA A 297 -16.98 15.22 37.97
C ALA A 297 -17.41 13.80 37.88
N ALA A 298 -17.42 13.13 39.01
CA ALA A 298 -17.72 11.73 38.98
C ALA A 298 -19.09 11.56 38.45
N GLY A 299 -19.98 12.43 38.88
CA GLY A 299 -21.36 12.27 38.46
C GLY A 299 -21.48 12.40 36.96
N SER A 300 -20.80 13.38 36.40
CA SER A 300 -20.88 13.58 34.98
C SER A 300 -20.28 12.42 34.28
N ILE A 301 -19.22 11.91 34.86
CA ILE A 301 -18.51 10.88 34.19
C ILE A 301 -19.51 9.79 34.00
N CYS A 302 -20.34 9.56 35.00
CA CYS A 302 -21.34 8.51 34.93
C CYS A 302 -22.31 8.76 33.84
N PHE A 303 -22.74 9.98 33.71
CA PHE A 303 -23.78 10.22 32.77
C PHE A 303 -23.37 9.83 31.37
N ALA A 304 -22.16 10.19 30.97
CA ALA A 304 -21.75 9.90 29.61
C ALA A 304 -21.68 8.45 29.39
N ASN A 305 -21.14 7.73 30.35
CA ASN A 305 -20.96 6.33 30.16
C ASN A 305 -22.30 5.69 29.97
N MET A 306 -23.27 6.16 30.73
CA MET A 306 -24.57 5.56 30.65
C MET A 306 -25.07 5.74 29.26
N GLY A 307 -24.82 6.88 28.68
CA GLY A 307 -25.38 7.13 27.37
C GLY A 307 -24.93 6.22 26.25
N ILE A 308 -23.63 5.99 26.13
CA ILE A 308 -23.13 5.12 25.10
C ILE A 308 -23.68 3.78 25.44
N ALA A 309 -23.71 3.48 26.71
CA ALA A 309 -24.11 2.15 27.09
C ALA A 309 -25.53 1.86 26.72
N MET A 310 -26.41 2.82 26.95
CA MET A 310 -27.82 2.57 26.71
C MET A 310 -27.92 2.35 25.26
N LEU A 311 -27.14 3.12 24.53
CA LEU A 311 -27.13 3.00 23.09
C LEU A 311 -26.66 1.69 22.56
N GLU A 312 -25.70 1.07 23.20
CA GLU A 312 -25.13 -0.11 22.58
C GLU A 312 -26.01 -1.28 22.30
N PRO A 313 -26.76 -1.73 23.28
CA PRO A 313 -27.57 -2.87 22.88
C PRO A 313 -28.72 -2.50 22.02
N ALA A 314 -29.43 -1.46 22.42
CA ALA A 314 -30.65 -1.08 21.71
C ALA A 314 -30.59 -0.59 20.30
N LEU A 315 -29.56 0.18 19.97
CA LEU A 315 -29.51 0.79 18.66
C LEU A 315 -29.52 -0.19 17.52
N PRO A 316 -28.78 -1.27 17.67
CA PRO A 316 -28.90 -2.21 16.58
C PRO A 316 -30.32 -2.73 16.47
N ILE A 317 -30.99 -2.96 17.59
CA ILE A 317 -32.30 -3.57 17.54
C ILE A 317 -33.30 -2.72 16.77
N TRP A 318 -33.29 -1.43 17.01
CA TRP A 318 -34.19 -0.55 16.27
C TRP A 318 -33.87 -0.57 14.81
N MET A 319 -32.59 -0.62 14.49
CA MET A 319 -32.19 -0.57 13.10
C MET A 319 -32.80 -1.75 12.41
N MET A 320 -32.84 -2.87 13.11
CA MET A 320 -33.37 -4.05 12.51
C MET A 320 -34.81 -3.77 12.16
N GLU A 321 -35.51 -3.08 13.04
CA GLU A 321 -36.91 -2.79 12.80
C GLU A 321 -37.24 -1.89 11.62
N THR A 322 -36.51 -0.80 11.42
CA THR A 322 -36.90 0.14 10.38
C THR A 322 -35.93 0.36 9.23
N MET A 323 -34.65 0.37 9.53
CA MET A 323 -33.64 0.62 8.51
C MET A 323 -33.62 -0.44 7.43
N CYS A 324 -33.84 -1.69 7.80
CA CYS A 324 -33.77 -2.80 6.86
C CYS A 324 -32.33 -2.92 6.50
N SER A 325 -31.49 -2.93 7.53
CA SER A 325 -30.04 -2.99 7.30
C SER A 325 -29.49 -4.31 7.78
N ARG A 326 -28.48 -4.82 7.08
CA ARG A 326 -27.85 -6.08 7.43
C ARG A 326 -26.93 -5.90 8.63
N LYS A 327 -26.34 -7.02 9.07
CA LYS A 327 -25.51 -7.00 10.26
C LYS A 327 -24.25 -6.17 10.06
N TRP A 328 -23.72 -6.13 8.83
CA TRP A 328 -22.50 -5.38 8.57
C TRP A 328 -22.71 -3.89 8.80
N GLN A 329 -23.89 -3.37 8.46
CA GLN A 329 -24.20 -1.99 8.77
C GLN A 329 -24.24 -1.77 10.28
N LEU A 330 -24.81 -2.74 11.02
CA LEU A 330 -24.85 -2.65 12.48
C LEU A 330 -23.44 -2.56 13.04
N GLY A 331 -22.53 -3.39 12.55
CA GLY A 331 -21.16 -3.33 13.02
C GLY A 331 -20.47 -2.04 12.64
N VAL A 332 -20.63 -1.60 11.39
CA VAL A 332 -19.92 -0.42 10.90
C VAL A 332 -20.48 0.88 11.43
N ALA A 333 -21.66 0.87 12.05
CA ALA A 333 -22.24 2.11 12.56
C ALA A 333 -21.35 2.76 13.62
N PHE A 334 -20.62 1.96 14.40
CA PHE A 334 -19.91 2.47 15.55
C PHE A 334 -18.46 2.85 15.28
N LEU A 335 -17.96 2.65 14.06
CA LEU A 335 -16.60 3.07 13.75
C LEU A 335 -16.39 4.58 13.88
N PRO A 336 -17.29 5.45 13.39
CA PRO A 336 -17.07 6.89 13.56
C PRO A 336 -16.94 7.32 15.01
N ALA A 337 -17.69 6.69 15.91
CA ALA A 337 -17.53 6.99 17.33
C ALA A 337 -16.13 6.62 17.81
N SER A 338 -15.62 5.47 17.34
CA SER A 338 -14.30 5.04 17.76
C SER A 338 -13.22 6.01 17.31
N ILE A 339 -13.31 6.51 16.08
CA ILE A 339 -12.33 7.50 15.63
C ILE A 339 -12.51 8.81 16.37
N SER A 340 -13.77 9.20 16.61
CA SER A 340 -14.05 10.48 17.25
C SER A 340 -13.51 10.53 18.67
N TYR A 341 -13.58 9.41 19.39
CA TYR A 341 -13.09 9.39 20.76
C TYR A 341 -11.60 9.74 20.81
N LEU A 342 -10.80 9.07 19.98
CA LEU A 342 -9.37 9.34 19.97
C LEU A 342 -9.07 10.77 19.54
N ILE A 343 -9.75 11.24 18.48
CA ILE A 343 -9.48 12.60 18.00
C ILE A 343 -9.82 13.62 19.07
N GLY A 344 -11.01 13.51 19.67
CA GLY A 344 -11.43 14.48 20.66
C GLY A 344 -10.57 14.45 21.90
N THR A 345 -10.24 13.26 22.39
CA THR A 345 -9.41 13.17 23.59
C THR A 345 -8.05 13.79 23.35
N ASN A 346 -7.42 13.50 22.20
CA ASN A 346 -6.08 14.04 21.96
C ASN A 346 -6.12 15.56 21.80
N ILE A 347 -7.14 16.09 21.14
CA ILE A 347 -7.19 17.55 20.96
C ILE A 347 -7.50 18.25 22.28
N PHE A 348 -8.48 17.76 23.02
CA PHE A 348 -8.92 18.53 24.16
C PHE A 348 -8.13 18.26 25.42
N GLY A 349 -7.30 17.21 25.45
CA GLY A 349 -6.33 17.11 26.53
C GLY A 349 -5.40 18.31 26.55
N ILE A 350 -5.10 18.86 25.38
CA ILE A 350 -4.37 20.12 25.32
C ILE A 350 -5.32 21.30 25.55
N LEU A 351 -6.42 21.36 24.79
CA LEU A 351 -7.22 22.58 24.77
C LEU A 351 -7.93 22.88 26.10
N ALA A 352 -8.10 21.87 26.97
CA ALA A 352 -8.88 22.08 28.18
C ALA A 352 -8.20 23.07 29.12
N HIS A 353 -6.88 22.99 29.25
CA HIS A 353 -6.18 23.88 30.16
C HIS A 353 -6.32 25.33 29.74
N LYS A 354 -6.19 25.61 28.43
CA LYS A 354 -6.27 26.99 27.98
C LYS A 354 -7.70 27.51 28.02
N MET A 355 -8.67 26.73 27.53
CA MET A 355 -10.03 27.27 27.46
C MET A 355 -10.79 27.17 28.77
N GLY A 356 -10.23 26.54 29.80
CA GLY A 356 -10.97 26.34 31.02
C GLY A 356 -11.61 24.98 31.06
N ARG A 357 -11.24 24.15 32.04
CA ARG A 357 -11.70 22.77 32.07
C ARG A 357 -13.20 22.69 32.33
N TRP A 358 -13.72 23.57 33.18
CA TRP A 358 -15.16 23.59 33.44
C TRP A 358 -15.94 23.90 32.16
N LEU A 359 -15.44 24.83 31.34
CA LEU A 359 -16.14 25.18 30.12
C LEU A 359 -16.14 24.02 29.14
N CYS A 360 -15.02 23.31 29.04
CA CYS A 360 -14.97 22.13 28.19
C CYS A 360 -15.94 21.07 28.67
N ALA A 361 -16.04 20.87 29.99
CA ALA A 361 -16.98 19.89 30.51
C ALA A 361 -18.42 20.27 30.17
N LEU A 362 -18.79 21.53 30.41
CA LEU A 362 -20.15 21.97 30.13
C LEU A 362 -20.47 21.85 28.64
N LEU A 363 -19.55 22.30 27.79
CA LEU A 363 -19.78 22.20 26.35
C LEU A 363 -19.92 20.75 25.91
N GLY A 364 -19.03 19.87 26.41
CA GLY A 364 -19.09 18.47 26.01
C GLY A 364 -20.40 17.82 26.43
N MET A 365 -20.88 18.13 27.62
CA MET A 365 -22.19 17.62 28.02
C MET A 365 -23.27 18.14 27.08
N ILE A 366 -23.14 19.39 26.65
CA ILE A 366 -24.10 19.96 25.71
C ILE A 366 -24.11 19.19 24.39
N ILE A 367 -22.92 18.90 23.84
CA ILE A 367 -22.90 18.15 22.57
C ILE A 367 -23.39 16.73 22.78
N VAL A 368 -23.14 16.14 23.96
CA VAL A 368 -23.69 14.81 24.24
C VAL A 368 -25.20 14.84 24.12
N GLY A 369 -25.84 15.79 24.79
CA GLY A 369 -27.29 15.90 24.70
C GLY A 369 -27.78 16.16 23.29
N VAL A 370 -27.12 17.09 22.59
CA VAL A 370 -27.56 17.47 21.25
C VAL A 370 -27.47 16.28 20.30
N SER A 371 -26.36 15.56 20.34
CA SER A 371 -26.22 14.40 19.47
C SER A 371 -27.23 13.32 19.82
N ILE A 372 -27.50 13.12 21.11
CA ILE A 372 -28.46 12.08 21.49
C ILE A 372 -29.85 12.42 20.96
N LEU A 373 -30.25 13.70 21.04
CA LEU A 373 -31.51 14.08 20.41
C LEU A 373 -31.47 13.90 18.90
N CYS A 374 -30.35 14.26 18.26
CA CYS A 374 -30.31 14.24 16.80
C CYS A 374 -30.32 12.81 16.26
N ILE A 375 -29.89 11.84 17.07
CA ILE A 375 -29.78 10.46 16.59
C ILE A 375 -31.10 9.89 16.11
N PRO A 376 -32.20 9.94 16.88
CA PRO A 376 -33.41 9.20 16.47
C PRO A 376 -34.01 9.65 15.15
N PHE A 377 -33.91 10.94 14.81
CA PHE A 377 -34.63 11.46 13.65
C PHE A 377 -34.13 10.86 12.34
N ALA A 378 -32.86 10.45 12.30
CA ALA A 378 -32.29 9.91 11.08
C ALA A 378 -33.00 8.62 10.68
N LYS A 379 -33.37 8.52 9.41
CA LYS A 379 -34.00 7.33 8.85
C LYS A 379 -33.10 6.59 7.88
N ASN A 380 -31.85 7.01 7.75
CA ASN A 380 -30.89 6.35 6.88
C ASN A 380 -29.55 6.26 7.59
N ILE A 381 -28.69 5.38 7.08
CA ILE A 381 -27.36 5.20 7.68
C ILE A 381 -26.55 6.49 7.57
N TYR A 382 -26.74 7.23 6.47
CA TYR A 382 -26.01 8.48 6.27
C TYR A 382 -26.34 9.49 7.35
N GLY A 383 -27.61 9.58 7.74
CA GLY A 383 -27.96 10.37 8.91
C GLY A 383 -27.41 9.79 10.20
N LEU A 384 -27.19 8.47 10.22
CA LEU A 384 -26.70 7.82 11.42
C LEU A 384 -25.22 8.08 11.65
N ILE A 385 -24.48 8.37 10.58
CA ILE A 385 -23.02 8.48 10.69
C ILE A 385 -22.61 9.67 11.55
N ALA A 386 -23.15 10.85 11.25
CA ALA A 386 -22.68 12.07 11.91
C ALA A 386 -22.96 12.11 13.41
N PRO A 387 -24.16 11.77 13.89
CA PRO A 387 -24.40 11.78 15.34
C PRO A 387 -23.47 10.89 16.13
N ASN A 388 -23.02 9.78 15.54
CA ASN A 388 -22.03 8.94 16.22
C ASN A 388 -20.72 9.69 16.42
N PHE A 389 -20.28 10.44 15.39
CA PHE A 389 -19.07 11.24 15.51
C PHE A 389 -19.23 12.32 16.57
N GLY A 390 -20.38 12.99 16.58
CA GLY A 390 -20.62 14.00 17.61
C GLY A 390 -20.61 13.41 19.01
N VAL A 391 -21.22 12.23 19.17
CA VAL A 391 -21.22 11.56 20.46
C VAL A 391 -19.80 11.23 20.90
N GLY A 392 -19.00 10.72 19.97
CA GLY A 392 -17.64 10.37 20.31
C GLY A 392 -16.82 11.58 20.74
N PHE A 393 -16.94 12.68 19.99
CA PHE A 393 -16.19 13.88 20.35
C PHE A 393 -16.64 14.41 21.70
N ALA A 394 -17.95 14.44 21.96
CA ALA A 394 -18.44 14.96 23.23
C ALA A 394 -17.97 14.10 24.41
N ILE A 395 -18.05 12.78 24.26
CA ILE A 395 -17.65 11.89 25.35
C ILE A 395 -16.16 11.99 25.60
N GLY A 396 -15.35 12.05 24.54
CA GLY A 396 -13.93 12.24 24.72
C GLY A 396 -13.61 13.56 25.40
N MET A 397 -14.34 14.62 25.01
CA MET A 397 -14.18 15.91 25.65
C MET A 397 -14.43 15.82 27.15
N VAL A 398 -15.55 15.21 27.55
CA VAL A 398 -15.89 15.17 28.97
C VAL A 398 -14.87 14.32 29.73
N ASP A 399 -14.47 13.19 29.16
CA ASP A 399 -13.52 12.33 29.85
C ASP A 399 -12.17 13.04 30.05
N SER A 400 -11.64 13.65 28.98
CA SER A 400 -10.35 14.32 29.09
C SER A 400 -10.44 15.55 29.99
N SER A 401 -11.61 16.18 30.07
CA SER A 401 -11.75 17.34 30.92
C SER A 401 -11.83 16.94 32.39
N MET A 402 -12.52 15.85 32.69
CA MET A 402 -12.79 15.51 34.09
C MET A 402 -11.68 14.67 34.71
N MET A 403 -10.92 13.93 33.91
CA MET A 403 -9.87 13.10 34.51
C MET A 403 -8.78 13.92 35.19
N PRO A 404 -8.06 14.82 34.51
CA PRO A 404 -6.99 15.54 35.20
C PRO A 404 -7.47 16.44 36.32
N ILE A 405 -8.67 17.03 36.16
CA ILE A 405 -9.15 18.04 37.10
C ILE A 405 -9.36 17.46 38.49
N MET A 406 -9.65 16.16 38.59
CA MET A 406 -9.94 15.60 39.90
C MET A 406 -8.69 15.57 40.76
N GLY A 407 -7.55 15.23 40.16
CA GLY A 407 -6.30 15.26 40.90
C GLY A 407 -5.92 16.66 41.34
N TYR A 408 -6.15 17.64 40.46
CA TYR A 408 -5.92 19.03 40.83
C TYR A 408 -6.79 19.43 42.01
N LEU A 409 -8.07 19.07 41.97
CA LEU A 409 -8.98 19.41 43.06
C LEU A 409 -8.52 18.78 44.36
N VAL A 410 -8.16 17.50 44.32
CA VAL A 410 -7.77 16.81 45.55
C VAL A 410 -6.47 17.40 46.10
N ASP A 411 -5.55 17.80 45.21
CA ASP A 411 -4.32 18.40 45.67
C ASP A 411 -4.59 19.75 46.35
N LEU A 412 -5.44 20.58 45.76
CA LEU A 412 -5.74 21.87 46.37
C LEU A 412 -6.47 21.72 47.70
N ARG A 413 -7.45 20.82 47.78
CA ARG A 413 -8.28 20.74 48.98
C ARG A 413 -7.97 19.53 49.86
N HIS A 414 -6.95 18.74 49.52
CA HIS A 414 -6.59 17.58 50.33
C HIS A 414 -5.10 17.32 50.19
N VAL A 415 -4.62 16.32 50.94
CA VAL A 415 -3.24 15.90 50.81
C VAL A 415 -3.06 15.12 49.51
N SER A 416 -1.81 15.05 49.04
CA SER A 416 -1.49 14.46 47.73
C SER A 416 -1.30 12.94 47.88
N VAL A 417 -2.37 12.22 48.12
CA VAL A 417 -2.32 10.76 48.14
C VAL A 417 -3.46 10.54 47.18
N TYR A 418 -3.18 10.21 45.94
CA TYR A 418 -4.25 10.15 44.92
C TYR A 418 -4.86 8.82 44.47
N GLY A 419 -4.60 7.74 45.16
CA GLY A 419 -5.19 6.48 44.79
C GLY A 419 -6.69 6.25 44.82
N SER A 420 -7.39 6.72 45.86
CA SER A 420 -8.82 6.42 46.00
C SER A 420 -9.64 7.29 45.10
N VAL A 421 -9.24 8.53 44.96
CA VAL A 421 -9.93 9.40 44.01
C VAL A 421 -10.09 8.69 42.67
N TYR A 422 -9.04 7.99 42.22
CA TYR A 422 -9.16 7.26 40.96
C TYR A 422 -10.00 6.01 41.14
N ALA A 423 -10.07 5.49 42.36
CA ALA A 423 -11.03 4.41 42.62
C ALA A 423 -12.46 4.90 42.43
N ILE A 424 -12.76 6.10 42.93
CA ILE A 424 -14.09 6.68 42.75
C ILE A 424 -14.34 6.95 41.26
N ALA A 425 -13.31 7.43 40.56
CA ALA A 425 -13.46 7.63 39.12
C ALA A 425 -13.78 6.34 38.40
N ASP A 426 -13.06 5.27 38.72
CA ASP A 426 -13.31 3.98 38.08
C ASP A 426 -14.68 3.46 38.41
N VAL A 427 -15.15 3.69 39.64
CA VAL A 427 -16.53 3.33 39.99
C VAL A 427 -17.50 4.06 39.09
N ALA A 428 -17.26 5.35 38.87
CA ALA A 428 -18.12 6.13 37.99
C ALA A 428 -18.13 5.57 36.57
N PHE A 429 -16.96 5.23 36.04
CA PHE A 429 -16.91 4.69 34.67
C PHE A 429 -17.58 3.33 34.57
N CYS A 430 -17.37 2.45 35.54
CA CYS A 430 -17.83 1.08 35.38
C CYS A 430 -19.27 0.86 35.83
N MET A 431 -19.86 1.78 36.60
CA MET A 431 -21.23 1.59 37.03
C MET A 431 -22.20 1.65 35.85
N GLY A 432 -21.89 2.47 34.85
CA GLY A 432 -22.74 2.56 33.67
C GLY A 432 -22.81 1.30 32.86
N TYR A 433 -21.65 0.69 32.58
CA TYR A 433 -21.61 -0.59 31.88
C TYR A 433 -22.18 -1.71 32.74
N ALA A 434 -22.07 -1.57 34.07
CA ALA A 434 -22.67 -2.55 34.95
C ALA A 434 -24.18 -2.64 34.75
N ILE A 435 -24.87 -1.51 34.81
CA ILE A 435 -26.31 -1.45 34.71
C ILE A 435 -26.70 -0.27 33.84
N GLY A 436 -27.69 -0.45 32.98
CA GLY A 436 -28.08 0.59 32.06
C GLY A 436 -28.15 0.18 30.61
N PRO A 437 -27.18 -0.61 30.11
CA PRO A 437 -27.30 -1.11 28.73
C PRO A 437 -28.57 -1.91 28.50
N SER A 438 -28.76 -2.98 29.28
CA SER A 438 -30.00 -3.74 29.17
C SER A 438 -31.19 -2.93 29.65
N ALA A 439 -30.98 -2.06 30.64
CA ALA A 439 -32.08 -1.24 31.14
C ALA A 439 -32.59 -0.29 30.07
N GLY A 440 -31.69 0.26 29.24
CA GLY A 440 -32.13 1.12 28.16
C GLY A 440 -33.03 0.40 27.18
N GLY A 441 -32.67 -0.83 26.81
CA GLY A 441 -33.53 -1.61 25.95
C GLY A 441 -34.86 -1.95 26.60
N ALA A 442 -34.82 -2.28 27.90
CA ALA A 442 -36.05 -2.59 28.62
C ALA A 442 -36.99 -1.39 28.65
N ILE A 443 -36.43 -0.20 28.84
CA ILE A 443 -37.24 1.02 28.76
C ILE A 443 -37.84 1.18 27.36
N ALA A 444 -37.07 0.81 26.34
CA ALA A 444 -37.58 0.83 24.99
C ALA A 444 -38.70 -0.19 24.81
N LYS A 445 -39.41 -0.07 23.69
CA LYS A 445 -40.59 -0.86 23.33
C LYS A 445 -41.81 -0.39 24.11
N ALA A 446 -41.61 0.49 25.09
CA ALA A 446 -42.68 1.25 25.71
C ALA A 446 -42.44 2.74 25.59
N ILE A 447 -41.25 3.22 26.00
CA ILE A 447 -40.89 4.61 25.75
C ILE A 447 -40.60 4.83 24.27
N GLY A 448 -40.15 3.79 23.58
CA GLY A 448 -39.87 3.87 22.16
C GLY A 448 -38.44 4.28 21.86
N PHE A 449 -38.08 4.14 20.59
CA PHE A 449 -36.74 4.50 20.15
C PHE A 449 -36.37 5.97 20.37
N PRO A 450 -37.16 6.96 19.92
CA PRO A 450 -36.67 8.34 20.02
C PRO A 450 -36.77 8.92 21.41
N TRP A 451 -37.74 8.46 22.22
CA TRP A 451 -37.96 9.07 23.52
C TRP A 451 -36.80 8.81 24.48
N LEU A 452 -36.16 7.66 24.38
CA LEU A 452 -35.02 7.39 25.25
C LEU A 452 -33.87 8.36 24.98
N MET A 453 -33.52 8.55 23.71
CA MET A 453 -32.48 9.52 23.39
C MET A 453 -32.91 10.93 23.74
N THR A 454 -34.19 11.25 23.53
CA THR A 454 -34.67 12.59 23.87
C THR A 454 -34.50 12.85 25.36
N ILE A 455 -34.86 11.88 26.20
CA ILE A 455 -34.76 12.08 27.64
C ILE A 455 -33.30 12.14 28.06
N ILE A 456 -32.44 11.32 27.43
CA ILE A 456 -31.03 11.35 27.78
C ILE A 456 -30.43 12.71 27.45
N GLY A 457 -30.74 13.23 26.26
CA GLY A 457 -30.20 14.52 25.87
C GLY A 457 -30.72 15.66 26.72
N ILE A 458 -32.01 15.63 27.05
CA ILE A 458 -32.57 16.68 27.90
C ILE A 458 -31.96 16.61 29.30
N ILE A 459 -31.74 15.41 29.81
CA ILE A 459 -31.07 15.26 31.11
C ILE A 459 -29.67 15.83 31.03
N ASP A 460 -28.96 15.55 29.94
CA ASP A 460 -27.62 16.09 29.77
C ASP A 460 -27.63 17.60 29.76
N ILE A 461 -28.58 18.21 29.03
CA ILE A 461 -28.64 19.66 28.95
C ILE A 461 -28.95 20.26 30.31
N LEU A 462 -29.90 19.67 31.04
CA LEU A 462 -30.25 20.20 32.36
C LEU A 462 -29.08 20.06 33.33
N PHE A 463 -28.37 18.94 33.29
CA PHE A 463 -27.25 18.69 34.18
C PHE A 463 -26.00 19.47 33.79
N ALA A 464 -25.96 19.99 32.55
CA ALA A 464 -24.78 20.73 32.10
C ALA A 464 -24.45 21.95 32.93
N PRO A 465 -25.40 22.79 33.35
CA PRO A 465 -25.03 23.99 34.13
C PRO A 465 -24.32 23.69 35.44
N LEU A 466 -24.40 22.46 35.96
CA LEU A 466 -23.71 22.11 37.19
C LEU A 466 -22.20 22.13 37.04
N CYS A 467 -21.68 22.18 35.81
CA CYS A 467 -20.23 22.26 35.60
C CYS A 467 -19.67 23.62 35.97
N PHE A 468 -20.51 24.64 36.16
CA PHE A 468 -20.03 25.99 36.41
C PHE A 468 -19.30 26.08 37.75
N PHE A 469 -19.70 25.27 38.72
CA PHE A 469 -19.17 25.40 40.08
C PHE A 469 -17.68 25.12 40.13
N LEU A 470 -17.18 24.26 39.25
CA LEU A 470 -15.76 23.92 39.24
C LEU A 470 -14.91 24.97 38.53
N ARG A 471 -15.52 26.05 38.03
CA ARG A 471 -14.77 27.05 37.28
C ARG A 471 -13.66 27.67 38.11
N SER A 472 -14.02 28.18 39.29
CA SER A 472 -13.03 28.70 40.22
C SER A 472 -12.92 27.75 41.40
N PRO A 473 -11.80 27.08 41.60
CA PRO A 473 -11.67 26.15 42.71
C PRO A 473 -11.85 26.86 44.03
N PRO A 474 -12.77 26.40 44.87
CA PRO A 474 -13.01 27.05 46.16
C PRO A 474 -11.75 27.10 47.00
N ALA A 475 -11.58 28.20 47.74
CA ALA A 475 -10.39 28.39 48.54
C ALA A 475 -10.27 27.29 49.60
N LYS A 476 -9.06 26.73 49.73
CA LYS A 476 -8.79 25.71 50.71
C LYS A 476 -7.30 25.37 50.74
N MET B 1 -15.57 7.28 -37.97
CA MET B 1 -16.17 7.76 -36.74
C MET B 1 -16.19 6.65 -35.71
N ASN B 2 -16.16 5.41 -36.19
CA ASN B 2 -16.06 4.27 -35.28
C ASN B 2 -14.74 4.26 -34.55
N TYR B 3 -13.68 4.76 -35.18
CA TYR B 3 -12.38 4.80 -34.52
C TYR B 3 -12.42 5.66 -33.28
N ILE B 4 -12.93 6.89 -33.40
CA ILE B 4 -12.92 7.81 -32.28
C ILE B 4 -13.81 7.31 -31.15
N ASN B 5 -14.92 6.65 -31.47
CA ASN B 5 -15.87 6.21 -30.47
C ASN B 5 -15.45 4.93 -29.77
N ARG B 6 -14.24 4.43 -30.03
CA ARG B 6 -13.85 3.12 -29.55
C ARG B 6 -12.48 3.12 -28.90
N TRP B 7 -11.65 4.12 -29.19
CA TRP B 7 -10.29 4.34 -28.69
C TRP B 7 -10.03 5.76 -28.19
N LEU B 8 -10.95 6.69 -28.40
CA LEU B 8 -10.87 8.02 -27.80
C LEU B 8 -12.01 8.31 -26.83
N PHE B 9 -13.26 8.04 -27.21
CA PHE B 9 -14.40 8.16 -26.31
C PHE B 9 -14.74 6.75 -25.83
N SER B 10 -14.01 6.28 -24.83
CA SER B 10 -14.04 4.87 -24.47
C SER B 10 -14.82 4.65 -23.19
N THR B 11 -15.51 3.52 -23.16
CA THR B 11 -16.20 3.05 -21.97
C THR B 11 -15.80 1.64 -21.56
N ASN B 12 -15.24 0.85 -22.46
CA ASN B 12 -14.85 -0.51 -22.16
C ASN B 12 -13.57 -0.53 -21.33
N ALA B 13 -13.60 -1.30 -20.25
CA ALA B 13 -12.47 -1.31 -19.32
C ALA B 13 -11.26 -2.02 -19.86
N LYS B 14 -11.43 -2.95 -20.80
CA LYS B 14 -10.30 -3.67 -21.36
C LYS B 14 -9.66 -2.94 -22.54
N ASP B 15 -10.22 -1.82 -22.96
CA ASP B 15 -9.59 -1.00 -23.99
C ASP B 15 -8.82 0.19 -23.44
N ILE B 16 -8.86 0.41 -22.13
CA ILE B 16 -7.99 1.41 -21.52
C ILE B 16 -6.69 0.79 -21.03
N ALA B 17 -6.70 -0.51 -20.73
CA ALA B 17 -5.48 -1.17 -20.30
C ALA B 17 -4.42 -1.15 -21.39
N VAL B 18 -4.82 -1.33 -22.64
CA VAL B 18 -3.84 -1.37 -23.72
C VAL B 18 -3.23 0.02 -23.94
N LEU B 19 -4.05 1.07 -23.83
CA LEU B 19 -3.51 2.42 -23.89
C LEU B 19 -2.54 2.69 -22.74
N TYR B 20 -2.88 2.21 -21.54
CA TYR B 20 -1.97 2.33 -20.41
C TYR B 20 -0.64 1.65 -20.70
N PHE B 21 -0.68 0.45 -21.27
CA PHE B 21 0.55 -0.28 -21.58
C PHE B 21 1.40 0.48 -22.59
N ILE B 22 0.78 0.96 -23.68
CA ILE B 22 1.53 1.67 -24.70
C ILE B 22 2.12 2.96 -24.16
N PHE B 23 1.47 3.57 -23.17
CA PHE B 23 2.03 4.77 -22.55
C PHE B 23 3.17 4.45 -21.61
N ALA B 24 3.03 3.37 -20.82
CA ALA B 24 4.07 2.99 -19.88
C ALA B 24 5.36 2.59 -20.58
N LEU B 25 5.26 1.95 -21.75
CA LEU B 25 6.47 1.62 -22.50
C LEU B 25 7.26 2.88 -22.86
N PHE B 26 6.57 3.90 -23.37
CA PHE B 26 7.22 5.16 -23.71
C PHE B 26 7.88 5.78 -22.48
N CYS B 27 7.12 5.90 -21.39
CA CYS B 27 7.64 6.57 -20.22
C CYS B 27 8.70 5.77 -19.50
N GLY B 28 8.85 4.48 -19.80
CA GLY B 28 9.95 3.71 -19.25
C GLY B 28 11.19 3.82 -20.10
N LEU B 29 11.00 3.91 -21.43
CA LEU B 29 12.14 4.13 -22.31
C LEU B 29 12.82 5.45 -22.00
N LEU B 30 12.03 6.50 -21.80
CA LEU B 30 12.61 7.80 -21.43
C LEU B 30 13.45 7.69 -20.17
N GLY B 31 12.90 7.05 -19.13
CA GLY B 31 13.60 6.97 -17.86
C GLY B 31 14.88 6.14 -17.95
N SER B 32 14.84 5.02 -18.66
CA SER B 32 16.03 4.19 -18.79
C SER B 32 17.13 4.92 -19.55
N ILE B 33 16.77 5.69 -20.57
CA ILE B 33 17.82 6.45 -21.27
C ILE B 33 18.37 7.57 -20.39
N MET B 34 17.53 8.19 -19.56
CA MET B 34 18.07 9.18 -18.63
C MET B 34 19.02 8.54 -17.63
N SER B 35 18.70 7.31 -17.20
CA SER B 35 19.62 6.56 -16.34
C SER B 35 20.94 6.31 -17.05
N LEU B 36 20.88 5.97 -18.33
CA LEU B 36 22.11 5.76 -19.09
C LEU B 36 22.92 7.04 -19.19
N ILE B 37 22.26 8.20 -19.32
CA ILE B 37 22.97 9.47 -19.36
C ILE B 37 23.68 9.73 -18.05
N LEU B 38 23.01 9.47 -16.92
CA LEU B 38 23.68 9.65 -15.63
C LEU B 38 24.87 8.69 -15.49
N ARG B 39 24.68 7.43 -15.86
CA ARG B 39 25.67 6.40 -15.61
C ARG B 39 26.88 6.49 -16.53
N LEU B 40 26.86 7.34 -17.54
CA LEU B 40 28.04 7.56 -18.36
C LEU B 40 28.93 8.67 -17.82
N GLU B 41 28.38 9.62 -17.09
CA GLU B 41 29.14 10.69 -16.48
C GLU B 41 29.86 10.24 -15.22
N LEU B 42 29.31 9.26 -14.52
CA LEU B 42 29.96 8.64 -13.37
C LEU B 42 30.75 7.41 -13.81
N SER B 43 31.60 7.55 -14.81
CA SER B 43 32.36 6.45 -15.37
C SER B 43 33.84 6.51 -15.03
N ALA B 44 34.46 7.67 -15.19
CA ALA B 44 35.79 7.93 -14.69
C ALA B 44 35.84 9.35 -14.17
N PRO B 45 36.76 9.66 -13.26
CA PRO B 45 36.76 10.97 -12.60
C PRO B 45 36.99 12.11 -13.60
N GLY B 46 36.31 13.21 -13.35
CA GLY B 46 36.40 14.40 -14.17
C GLY B 46 35.04 14.82 -14.66
N ASN B 47 35.02 15.57 -15.75
CA ASN B 47 33.79 16.04 -16.39
C ASN B 47 33.79 15.51 -17.82
N GLN B 48 33.04 14.43 -18.07
CA GLN B 48 33.18 13.70 -19.32
C GLN B 48 32.17 14.06 -20.40
N ILE B 49 30.89 13.82 -20.17
CA ILE B 49 29.90 14.09 -21.22
C ILE B 49 29.29 15.45 -20.98
N LEU B 50 28.60 15.61 -19.86
CA LEU B 50 28.12 16.92 -19.44
C LEU B 50 29.35 17.75 -19.09
N MET B 51 29.62 18.77 -19.90
CA MET B 51 30.97 19.33 -19.97
C MET B 51 31.44 19.88 -18.62
N GLY B 52 30.66 20.75 -18.01
CA GLY B 52 30.99 21.18 -16.66
C GLY B 52 29.76 21.54 -15.87
N ASN B 53 28.60 21.26 -16.43
CA ASN B 53 27.34 21.82 -15.97
C ASN B 53 26.75 20.86 -14.93
N HIS B 54 26.82 21.24 -13.65
CA HIS B 54 26.32 20.38 -12.59
C HIS B 54 24.81 20.44 -12.45
N GLN B 55 24.21 21.61 -12.68
CA GLN B 55 22.85 21.60 -13.20
C GLN B 55 22.85 20.86 -14.52
N LEU B 56 21.73 20.26 -14.87
CA LEU B 56 21.58 19.32 -15.98
C LEU B 56 22.11 17.95 -15.60
N PHE B 57 22.71 17.77 -14.43
CA PHE B 57 22.88 16.44 -13.85
C PHE B 57 21.82 16.15 -12.82
N ASN B 58 21.54 17.10 -11.93
CA ASN B 58 20.44 16.95 -11.00
C ASN B 58 19.10 16.94 -11.74
N VAL B 59 19.00 17.66 -12.84
CA VAL B 59 17.79 17.63 -13.65
C VAL B 59 17.53 16.23 -14.16
N VAL B 60 18.57 15.57 -14.66
CA VAL B 60 18.40 14.23 -15.19
C VAL B 60 18.00 13.26 -14.09
N ALA B 61 18.59 13.39 -12.91
CA ALA B 61 18.22 12.52 -11.79
C ALA B 61 16.77 12.71 -11.38
N THR B 62 16.33 13.97 -11.24
CA THR B 62 14.95 14.21 -10.85
C THR B 62 13.98 13.70 -11.90
N ALA B 63 14.25 13.96 -13.17
CA ALA B 63 13.39 13.47 -14.23
C ALA B 63 13.36 11.96 -14.29
N HIS B 64 14.50 11.31 -14.06
CA HIS B 64 14.57 9.85 -14.06
C HIS B 64 13.74 9.27 -12.93
N ALA B 65 13.77 9.88 -11.75
CA ALA B 65 12.93 9.40 -10.66
C ALA B 65 11.45 9.60 -10.95
N VAL B 66 11.09 10.80 -11.41
CA VAL B 66 9.68 11.13 -11.59
C VAL B 66 9.07 10.33 -12.74
N LEU B 67 9.80 10.21 -13.86
CA LEU B 67 9.27 9.50 -15.01
C LEU B 67 9.10 8.01 -14.77
N MET B 68 9.71 7.48 -13.72
CA MET B 68 9.87 6.05 -13.63
C MET B 68 9.42 5.51 -12.28
N VAL B 69 8.91 6.38 -11.40
CA VAL B 69 8.03 5.97 -10.31
C VAL B 69 6.57 6.26 -10.63
N PHE B 70 6.29 7.45 -11.16
CA PHE B 70 4.91 7.91 -11.37
C PHE B 70 4.38 7.62 -12.76
N PHE B 71 5.23 7.30 -13.73
CA PHE B 71 4.79 7.13 -15.10
C PHE B 71 4.97 5.72 -15.65
N LEU B 72 5.75 4.87 -14.99
CA LEU B 72 5.95 3.51 -15.49
C LEU B 72 5.36 2.45 -14.56
N VAL B 73 5.75 2.42 -13.29
CA VAL B 73 5.33 1.33 -12.43
C VAL B 73 3.84 1.45 -12.08
N MET B 74 3.41 2.65 -11.70
CA MET B 74 2.00 2.82 -11.33
C MET B 74 1.07 2.61 -12.51
N PRO B 75 1.26 3.25 -13.67
CA PRO B 75 0.37 2.96 -14.81
C PRO B 75 0.39 1.51 -15.27
N ALA B 76 1.54 0.84 -15.17
CA ALA B 76 1.63 -0.53 -15.63
C ALA B 76 0.98 -1.50 -14.63
N ALA B 77 1.13 -1.24 -13.34
CA ALA B 77 0.65 -2.14 -12.31
C ALA B 77 -0.79 -1.88 -11.89
N ILE B 78 -1.33 -0.68 -12.11
CA ILE B 78 -2.71 -0.39 -11.75
C ILE B 78 -3.51 -0.07 -12.99
N GLY B 79 -2.87 0.46 -14.01
CA GLY B 79 -3.55 0.79 -15.24
C GLY B 79 -3.72 -0.39 -16.17
N PHE B 80 -2.65 -1.15 -16.37
CA PHE B 80 -2.73 -2.27 -17.30
C PHE B 80 -3.25 -3.53 -16.63
N PHE B 81 -2.64 -3.95 -15.51
CA PHE B 81 -2.98 -5.22 -14.91
C PHE B 81 -4.16 -5.15 -13.96
N GLY B 82 -4.60 -3.96 -13.57
CA GLY B 82 -5.78 -3.85 -12.75
C GLY B 82 -7.04 -3.80 -13.58
N ASN B 83 -7.11 -2.80 -14.46
CA ASN B 83 -8.30 -2.56 -15.26
C ASN B 83 -8.65 -3.75 -16.15
N TYR B 84 -7.64 -4.52 -16.56
CA TYR B 84 -7.91 -5.63 -17.48
C TYR B 84 -8.24 -6.91 -16.73
N LEU B 85 -7.62 -7.15 -15.58
CA LEU B 85 -7.72 -8.46 -14.98
C LEU B 85 -8.69 -8.53 -13.79
N LEU B 86 -8.95 -7.41 -13.12
CA LEU B 86 -9.87 -7.48 -11.98
C LEU B 86 -11.29 -7.82 -12.39
N PRO B 87 -11.91 -7.13 -13.35
CA PRO B 87 -13.27 -7.51 -13.76
C PRO B 87 -13.40 -8.93 -14.28
N LEU B 88 -12.41 -9.43 -15.02
CA LEU B 88 -12.49 -10.81 -15.49
C LEU B 88 -12.41 -11.78 -14.32
N MET B 89 -11.56 -11.51 -13.35
CA MET B 89 -11.40 -12.44 -12.22
C MET B 89 -12.62 -12.46 -11.32
N ILE B 90 -13.23 -11.29 -11.05
CA ILE B 90 -14.36 -11.31 -10.12
C ILE B 90 -15.69 -11.57 -10.80
N GLY B 91 -15.77 -11.46 -12.11
CA GLY B 91 -17.02 -11.74 -12.81
C GLY B 91 -17.89 -10.56 -13.11
N ALA B 92 -17.31 -9.39 -13.35
CA ALA B 92 -18.05 -8.16 -13.60
C ALA B 92 -18.01 -7.80 -15.07
N SER B 93 -19.06 -7.13 -15.55
CA SER B 93 -19.12 -6.76 -16.95
C SER B 93 -18.08 -5.69 -17.27
N ASP B 94 -18.17 -4.54 -16.58
CA ASP B 94 -17.17 -3.49 -16.70
C ASP B 94 -16.91 -2.91 -15.32
N MET B 95 -16.27 -1.74 -15.27
CA MET B 95 -16.15 -1.02 -14.01
C MET B 95 -17.45 -0.28 -13.72
N SER B 96 -17.67 0.04 -12.45
CA SER B 96 -18.86 0.77 -12.07
C SER B 96 -18.88 2.18 -12.66
N PHE B 97 -17.73 2.85 -12.69
CA PHE B 97 -17.61 4.22 -13.16
C PHE B 97 -16.66 4.19 -14.37
N ALA B 98 -17.24 4.06 -15.57
CA ALA B 98 -16.41 3.92 -16.76
C ALA B 98 -15.79 5.25 -17.18
N ARG B 99 -16.56 6.33 -17.13
CA ARG B 99 -16.05 7.61 -17.57
C ARG B 99 -14.92 8.09 -16.67
N LEU B 100 -14.96 7.73 -15.39
CA LEU B 100 -13.84 8.03 -14.52
C LEU B 100 -12.60 7.25 -14.94
N ASN B 101 -12.76 6.01 -15.43
CA ASN B 101 -11.60 5.30 -15.95
C ASN B 101 -11.01 6.03 -17.15
N ASN B 102 -11.88 6.53 -18.03
CA ASN B 102 -11.39 7.26 -19.20
C ASN B 102 -10.62 8.50 -18.79
N ILE B 103 -11.13 9.25 -17.81
CA ILE B 103 -10.41 10.45 -17.38
C ILE B 103 -9.13 10.08 -16.65
N SER B 104 -9.15 8.99 -15.87
CA SER B 104 -7.97 8.55 -15.16
C SER B 104 -6.86 8.21 -16.14
N PHE B 105 -7.22 7.68 -17.31
CA PHE B 105 -6.21 7.56 -18.35
C PHE B 105 -5.79 8.91 -18.88
N TRP B 106 -6.75 9.73 -19.33
CA TRP B 106 -6.41 10.87 -20.17
C TRP B 106 -5.77 12.01 -19.41
N LEU B 107 -5.71 11.96 -18.08
CA LEU B 107 -4.97 13.00 -17.37
C LEU B 107 -3.46 12.85 -17.44
N LEU B 108 -2.95 11.73 -17.95
CA LEU B 108 -1.52 11.42 -17.97
C LEU B 108 -0.75 12.12 -19.10
N PRO B 109 -1.24 12.06 -20.35
CA PRO B 109 -0.53 12.73 -21.45
C PRO B 109 -0.37 14.23 -21.21
N PRO B 110 -1.38 14.91 -20.65
CA PRO B 110 -1.13 16.28 -20.18
C PRO B 110 -0.07 16.37 -19.10
N ALA B 111 0.03 15.39 -18.21
CA ALA B 111 1.00 15.44 -17.12
C ALA B 111 2.42 15.17 -17.58
N LEU B 112 2.60 14.53 -18.74
CA LEU B 112 3.95 14.37 -19.26
C LEU B 112 4.45 15.63 -19.93
N VAL B 113 3.55 16.43 -20.50
CA VAL B 113 3.95 17.68 -21.15
C VAL B 113 4.51 18.65 -20.12
N SER B 114 3.92 18.70 -18.93
CA SER B 114 4.43 19.57 -17.88
C SER B 114 5.84 19.17 -17.48
N LEU B 115 6.08 17.87 -17.31
CA LEU B 115 7.41 17.44 -16.89
C LEU B 115 8.44 17.67 -17.98
N LEU B 116 8.07 17.43 -19.24
CA LEU B 116 9.00 17.71 -20.33
C LEU B 116 9.27 19.19 -20.49
N ALA B 117 8.27 20.03 -20.26
CA ALA B 117 8.45 21.48 -20.37
C ALA B 117 9.10 22.09 -19.15
N SER B 118 9.23 21.34 -18.06
CA SER B 118 9.97 21.81 -16.91
C SER B 118 11.46 21.57 -17.05
N ALA B 119 11.90 21.02 -18.17
CA ALA B 119 13.30 20.76 -18.43
C ALA B 119 13.82 21.50 -19.65
N LEU B 120 13.07 22.46 -20.19
CA LEU B 120 13.49 23.18 -21.38
C LEU B 120 13.27 24.69 -21.33
N ILE B 121 12.54 25.23 -20.35
CA ILE B 121 12.20 26.64 -20.38
C ILE B 121 13.20 27.51 -19.64
N GLU B 122 14.08 26.91 -18.85
CA GLU B 122 15.14 27.64 -18.16
C GLU B 122 16.09 26.56 -17.63
N ASN B 123 16.94 26.93 -16.67
CA ASN B 123 17.93 26.03 -16.13
C ASN B 123 17.37 24.68 -15.69
N GLY B 124 16.13 24.66 -15.19
CA GLY B 124 15.45 23.41 -14.97
C GLY B 124 14.99 23.27 -13.53
N ALA B 125 14.67 22.04 -13.16
CA ALA B 125 14.26 21.70 -11.79
C ALA B 125 15.19 20.62 -11.26
N GLY B 126 16.32 21.05 -10.71
CA GLY B 126 17.24 20.15 -10.04
C GLY B 126 17.06 20.11 -8.54
N THR B 127 15.86 19.78 -8.07
CA THR B 127 15.56 19.81 -6.66
C THR B 127 15.55 18.43 -6.01
N GLY B 128 15.80 17.37 -6.78
CA GLY B 128 15.64 16.03 -6.29
C GLY B 128 14.21 15.56 -6.41
N TRP B 129 14.04 14.24 -6.32
CA TRP B 129 12.70 13.67 -6.34
C TRP B 129 11.87 14.23 -5.17
N THR B 130 12.51 14.43 -4.03
CA THR B 130 11.89 15.10 -2.89
C THR B 130 12.24 16.57 -2.94
N VAL B 131 11.22 17.42 -3.11
CA VAL B 131 11.43 18.85 -3.39
C VAL B 131 11.46 19.58 -2.05
N TYR B 132 12.66 19.67 -1.43
CA TYR B 132 12.68 20.40 -0.16
C TYR B 132 12.61 21.90 -0.39
N PRO B 133 12.03 22.64 0.56
CA PRO B 133 11.57 24.00 0.28
C PRO B 133 12.71 24.98 -0.01
N PRO B 134 13.67 25.15 0.90
CA PRO B 134 14.56 26.32 0.77
C PRO B 134 15.51 26.23 -0.41
N LEU B 135 15.72 25.05 -0.98
CA LEU B 135 16.42 24.92 -2.24
C LEU B 135 15.48 25.05 -3.43
N ALA B 136 14.27 24.52 -3.32
CA ALA B 136 13.25 24.71 -4.35
C ALA B 136 12.39 25.93 -4.02
N GLY B 137 13.08 27.04 -3.77
CA GLY B 137 12.42 28.30 -3.51
C GLY B 137 12.43 29.18 -4.74
N VAL B 138 12.62 30.48 -4.54
CA VAL B 138 12.73 31.43 -5.62
C VAL B 138 14.11 32.07 -5.65
N GLN B 139 14.94 31.80 -4.65
CA GLN B 139 16.30 32.31 -4.61
C GLN B 139 17.28 31.45 -5.37
N SER B 140 17.04 30.13 -5.44
CA SER B 140 17.91 29.22 -6.16
C SER B 140 17.32 28.76 -7.49
N HIS B 141 16.04 28.42 -7.52
CA HIS B 141 15.35 28.03 -8.74
C HIS B 141 14.34 29.14 -9.05
N SER B 142 14.69 30.01 -9.97
CA SER B 142 13.87 31.17 -10.32
C SER B 142 13.38 31.00 -11.77
N GLY B 143 12.22 30.38 -11.91
CA GLY B 143 11.61 30.20 -13.21
C GLY B 143 10.40 29.30 -13.15
N PRO B 144 9.74 29.10 -14.29
CA PRO B 144 8.53 28.27 -14.35
C PRO B 144 8.80 26.77 -14.44
N SER B 145 9.74 26.29 -13.63
CA SER B 145 10.22 24.91 -13.76
C SER B 145 9.87 24.04 -12.57
N VAL B 146 10.17 24.48 -11.35
CA VAL B 146 9.65 23.77 -10.19
C VAL B 146 8.14 23.84 -10.16
N ASP B 147 7.58 24.95 -10.62
CA ASP B 147 6.15 25.13 -10.62
C ASP B 147 5.48 24.11 -11.53
N LEU B 148 6.06 23.87 -12.70
CA LEU B 148 5.51 22.94 -13.68
C LEU B 148 5.74 21.49 -13.31
N ALA B 149 6.76 21.19 -12.50
CA ALA B 149 6.94 19.85 -11.99
C ALA B 149 6.04 19.56 -10.80
N ILE B 150 5.67 20.59 -10.03
CA ILE B 150 4.60 20.44 -9.06
C ILE B 150 3.25 20.13 -9.69
N PHE B 151 2.98 20.66 -10.88
CA PHE B 151 1.68 20.43 -11.49
C PHE B 151 1.55 19.06 -12.13
N ALA B 152 2.68 18.37 -12.38
CA ALA B 152 2.63 17.01 -12.85
C ALA B 152 2.34 16.02 -11.74
N LEU B 153 2.57 16.40 -10.49
CA LEU B 153 2.25 15.57 -9.34
C LEU B 153 0.85 15.82 -8.83
N HIS B 154 0.14 16.79 -9.38
CA HIS B 154 -1.26 17.02 -9.06
C HIS B 154 -2.17 16.19 -9.96
N LEU B 155 -1.91 16.22 -11.27
CA LEU B 155 -2.74 15.47 -12.21
C LEU B 155 -2.63 13.96 -11.99
N THR B 156 -1.41 13.47 -11.76
CA THR B 156 -1.21 12.07 -11.44
C THR B 156 -1.96 11.68 -10.17
N SER B 157 -1.97 12.57 -9.17
CA SER B 157 -2.69 12.29 -7.93
C SER B 157 -4.19 12.18 -8.18
N ILE B 158 -4.74 13.05 -9.01
CA ILE B 158 -6.16 12.98 -9.34
C ILE B 158 -6.48 11.65 -10.03
N SER B 159 -5.63 11.25 -10.98
CA SER B 159 -5.85 9.98 -11.67
C SER B 159 -5.83 8.81 -10.71
N SER B 160 -4.84 8.78 -9.81
CA SER B 160 -4.73 7.67 -8.87
C SER B 160 -5.91 7.62 -7.92
N LEU B 161 -6.36 8.78 -7.44
CA LEU B 161 -7.51 8.81 -6.55
C LEU B 161 -8.76 8.26 -7.23
N LEU B 162 -9.01 8.69 -8.47
CA LEU B 162 -10.21 8.23 -9.16
C LEU B 162 -10.15 6.74 -9.43
N GLY B 163 -8.99 6.22 -9.84
CA GLY B 163 -8.86 4.79 -10.01
C GLY B 163 -9.07 4.01 -8.73
N ALA B 164 -8.57 4.54 -7.61
CA ALA B 164 -8.75 3.85 -6.33
C ALA B 164 -10.22 3.76 -5.96
N ILE B 165 -10.94 4.86 -6.12
CA ILE B 165 -12.38 4.85 -5.83
C ILE B 165 -13.08 3.83 -6.72
N ASN B 166 -12.73 3.80 -8.00
CA ASN B 166 -13.38 2.88 -8.92
C ASN B 166 -13.12 1.43 -8.52
N PHE B 167 -11.89 1.10 -8.15
CA PHE B 167 -11.58 -0.28 -7.78
C PHE B 167 -12.33 -0.70 -6.52
N ILE B 168 -12.27 0.13 -5.47
CA ILE B 168 -12.94 -0.22 -4.22
C ILE B 168 -14.44 -0.39 -4.44
N THR B 169 -15.06 0.50 -5.22
CA THR B 169 -16.50 0.39 -5.45
C THR B 169 -16.88 -0.74 -6.38
N THR B 170 -16.02 -1.11 -7.34
CA THR B 170 -16.35 -2.21 -8.25
C THR B 170 -16.17 -3.56 -7.58
N THR B 171 -15.28 -3.65 -6.60
CA THR B 171 -15.09 -4.93 -5.94
C THR B 171 -15.98 -5.12 -4.72
N LEU B 172 -16.84 -4.16 -4.39
CA LEU B 172 -17.69 -4.26 -3.22
C LEU B 172 -19.11 -4.71 -3.55
N ASN B 173 -19.66 -4.27 -4.68
CA ASN B 173 -21.05 -4.56 -4.99
C ASN B 173 -21.26 -5.16 -6.38
N MET B 174 -20.21 -5.65 -7.03
CA MET B 174 -20.35 -5.98 -8.43
C MET B 174 -19.74 -7.34 -8.74
N ARG B 175 -20.05 -8.34 -7.92
CA ARG B 175 -19.46 -9.67 -8.00
C ARG B 175 -20.50 -10.66 -8.54
N THR B 176 -20.05 -11.90 -8.76
CA THR B 176 -20.89 -12.92 -9.36
C THR B 176 -21.86 -13.48 -8.33
N ILE B 177 -22.49 -14.62 -8.67
CA ILE B 177 -23.61 -15.11 -7.89
C ILE B 177 -23.17 -15.62 -6.53
N GLY B 178 -22.10 -16.39 -6.47
CA GLY B 178 -21.73 -16.99 -5.21
C GLY B 178 -20.32 -16.68 -4.74
N MET B 179 -19.79 -15.53 -5.11
CA MET B 179 -18.47 -15.09 -4.68
C MET B 179 -18.64 -14.18 -3.49
N THR B 180 -18.48 -14.74 -2.29
CA THR B 180 -18.38 -13.93 -1.10
C THR B 180 -17.01 -13.26 -1.06
N MET B 181 -16.84 -12.33 -0.13
CA MET B 181 -15.57 -11.63 -0.07
C MET B 181 -14.59 -12.39 0.82
N SER B 182 -14.50 -13.69 0.60
CA SER B 182 -13.38 -14.49 1.08
C SER B 182 -12.95 -15.51 0.04
N LYS B 183 -13.65 -15.60 -1.09
CA LYS B 183 -13.28 -16.45 -2.19
C LYS B 183 -12.60 -15.68 -3.31
N LEU B 184 -12.39 -14.38 -3.13
CA LEU B 184 -11.68 -13.60 -4.12
C LEU B 184 -10.25 -14.10 -4.27
N PRO B 185 -9.71 -14.08 -5.48
CA PRO B 185 -8.30 -14.40 -5.67
C PRO B 185 -7.42 -13.34 -5.02
N LEU B 186 -6.12 -13.66 -4.94
CA LEU B 186 -5.20 -12.81 -4.20
C LEU B 186 -4.92 -11.49 -4.92
N PHE B 187 -4.99 -11.48 -6.24
CA PHE B 187 -4.71 -10.26 -6.99
C PHE B 187 -5.73 -9.17 -6.68
N VAL B 188 -7.00 -9.54 -6.55
CA VAL B 188 -8.03 -8.55 -6.23
C VAL B 188 -7.80 -7.98 -4.84
N TRP B 189 -7.38 -8.81 -3.90
CA TRP B 189 -7.05 -8.33 -2.56
C TRP B 189 -5.91 -7.33 -2.61
N ALA B 190 -4.88 -7.62 -3.41
CA ALA B 190 -3.76 -6.69 -3.53
C ALA B 190 -4.21 -5.34 -4.09
N VAL B 191 -5.02 -5.37 -5.14
CA VAL B 191 -5.51 -4.12 -5.72
C VAL B 191 -6.33 -3.32 -4.71
N VAL B 192 -7.16 -4.02 -3.94
CA VAL B 192 -8.00 -3.34 -2.93
C VAL B 192 -7.13 -2.66 -1.89
N PHE B 193 -6.11 -3.36 -1.39
CA PHE B 193 -5.28 -2.79 -0.34
C PHE B 193 -4.48 -1.60 -0.84
N THR B 194 -3.90 -1.71 -2.05
CA THR B 194 -3.18 -0.57 -2.58
C THR B 194 -4.10 0.63 -2.84
N SER B 195 -5.35 0.38 -3.22
CA SER B 195 -6.29 1.49 -3.37
C SER B 195 -6.59 2.16 -2.03
N ILE B 196 -6.74 1.39 -0.96
CA ILE B 196 -6.96 1.99 0.36
C ILE B 196 -5.78 2.86 0.76
N LEU B 197 -4.56 2.36 0.54
CA LEU B 197 -3.37 3.16 0.84
C LEU B 197 -3.38 4.45 0.03
N LEU B 198 -3.75 4.37 -1.25
CA LEU B 198 -3.79 5.56 -2.09
C LEU B 198 -4.79 6.58 -1.56
N LEU B 199 -5.97 6.14 -1.14
CA LEU B 199 -6.94 7.07 -0.58
C LEU B 199 -6.40 7.76 0.66
N LEU B 200 -5.78 7.02 1.56
CA LEU B 200 -5.38 7.63 2.82
C LEU B 200 -4.05 8.38 2.75
N SER B 201 -3.30 8.28 1.64
CA SER B 201 -1.98 8.89 1.61
C SER B 201 -1.83 10.09 0.67
N LEU B 202 -2.67 10.25 -0.34
CA LEU B 202 -2.45 11.28 -1.36
C LEU B 202 -2.80 12.70 -0.94
N PRO B 203 -3.88 12.91 -0.17
CA PRO B 203 -4.20 14.28 0.27
C PRO B 203 -3.07 14.98 1.02
N VAL B 204 -2.28 14.26 1.79
CA VAL B 204 -1.17 14.88 2.52
C VAL B 204 -0.12 15.42 1.56
N LEU B 205 0.23 14.63 0.53
CA LEU B 205 1.17 15.13 -0.47
C LEU B 205 0.59 16.32 -1.21
N SER B 206 -0.70 16.28 -1.54
CA SER B 206 -1.31 17.41 -2.23
C SER B 206 -1.21 18.68 -1.38
N ALA B 207 -1.49 18.56 -0.09
CA ALA B 207 -1.42 19.72 0.81
C ALA B 207 0.01 20.24 0.93
N GLY B 208 0.98 19.36 1.13
CA GLY B 208 2.35 19.81 1.28
C GLY B 208 2.87 20.51 0.03
N VAL B 209 2.61 19.91 -1.14
CA VAL B 209 3.13 20.46 -2.38
C VAL B 209 2.42 21.78 -2.72
N THR B 210 1.12 21.88 -2.46
CA THR B 210 0.44 23.13 -2.72
C THR B 210 0.91 24.22 -1.76
N LEU B 211 1.24 23.87 -0.52
CA LEU B 211 1.81 24.85 0.39
C LEU B 211 3.14 25.35 -0.12
N LEU B 212 3.96 24.45 -0.67
CA LEU B 212 5.22 24.87 -1.28
C LEU B 212 4.98 25.83 -2.44
N LEU B 213 3.99 25.53 -3.28
CA LEU B 213 3.66 26.40 -4.41
C LEU B 213 3.25 27.79 -3.94
N LEU B 214 2.40 27.85 -2.91
CA LEU B 214 1.98 29.13 -2.38
C LEU B 214 3.16 29.89 -1.79
N ASP B 215 4.05 29.19 -1.09
CA ASP B 215 5.22 29.86 -0.53
C ASP B 215 6.10 30.44 -1.63
N ARG B 216 6.27 29.69 -2.73
CA ARG B 216 7.10 30.19 -3.82
C ARG B 216 6.52 31.45 -4.44
N ASN B 217 5.24 31.42 -4.78
CA ASN B 217 4.72 32.46 -5.66
C ASN B 217 3.74 33.44 -5.01
N PHE B 218 3.56 33.38 -3.69
CA PHE B 218 2.66 34.31 -3.01
C PHE B 218 3.18 34.77 -1.66
N ASN B 219 4.45 34.48 -1.33
CA ASN B 219 5.16 34.86 -0.11
C ASN B 219 4.29 34.70 1.15
N THR B 220 3.91 33.46 1.41
CA THR B 220 3.05 33.14 2.55
C THR B 220 3.81 32.75 3.80
N SER B 221 5.08 32.34 3.68
CA SER B 221 5.93 32.07 4.84
C SER B 221 5.44 30.86 5.64
N PHE B 222 5.22 29.75 4.95
CA PHE B 222 4.95 28.48 5.65
C PHE B 222 6.24 27.83 6.11
N PHE B 223 7.27 27.84 5.27
CA PHE B 223 8.53 27.15 5.52
C PHE B 223 9.71 28.11 5.62
N GLU B 224 9.45 29.40 5.77
CA GLU B 224 10.48 30.40 5.91
C GLU B 224 10.76 30.64 7.39
N PRO B 225 12.00 30.52 7.85
CA PRO B 225 12.31 30.69 9.27
C PRO B 225 12.29 32.13 9.76
N ALA B 226 12.11 33.10 8.87
CA ALA B 226 12.09 34.51 9.25
C ALA B 226 10.68 35.00 9.56
N GLY B 227 9.70 34.13 9.51
CA GLY B 227 8.33 34.49 9.84
C GLY B 227 7.72 33.52 10.83
N GLY B 228 8.49 32.52 11.23
CA GLY B 228 8.04 31.60 12.25
C GLY B 228 7.83 30.17 11.76
N GLY B 229 8.42 29.83 10.62
CA GLY B 229 8.20 28.54 9.99
C GLY B 229 9.41 27.63 10.11
N ASP B 230 9.17 26.36 9.88
CA ASP B 230 10.20 25.33 9.94
C ASP B 230 10.17 24.52 8.66
N PRO B 231 11.29 24.39 7.95
CA PRO B 231 11.31 23.52 6.78
C PRO B 231 10.99 22.07 7.09
N ILE B 232 11.29 21.62 8.32
CA ILE B 232 11.13 20.22 8.68
C ILE B 232 9.68 19.78 8.54
N LEU B 233 8.74 20.71 8.72
CA LEU B 233 7.33 20.41 8.53
C LEU B 233 7.08 19.77 7.17
N TYR B 234 7.67 20.36 6.12
CA TYR B 234 7.54 19.80 4.78
C TYR B 234 7.90 18.34 4.76
N GLN B 235 9.02 17.99 5.41
CA GLN B 235 9.49 16.61 5.42
C GLN B 235 8.42 15.69 5.98
N HIS B 236 7.80 16.08 7.10
CA HIS B 236 6.70 15.29 7.65
C HIS B 236 5.62 15.10 6.60
N LEU B 237 5.14 16.20 6.03
CA LEU B 237 4.05 16.13 5.07
C LEU B 237 4.43 15.40 3.81
N PHE B 238 5.72 15.23 3.54
CA PHE B 238 6.04 14.43 2.37
C PHE B 238 6.05 12.95 2.71
N TRP B 239 6.67 12.58 3.83
CA TRP B 239 6.96 11.18 4.04
C TRP B 239 5.75 10.40 4.51
N PHE B 240 4.73 11.08 5.01
CA PHE B 240 3.46 10.41 5.23
C PHE B 240 2.90 9.85 3.93
N PHE B 241 3.16 10.52 2.82
CA PHE B 241 2.95 9.93 1.50
C PHE B 241 4.13 9.11 1.04
N GLY B 242 5.34 9.44 1.50
CA GLY B 242 6.53 8.85 0.93
C GLY B 242 6.62 7.36 1.15
N HIS B 243 6.36 6.92 2.37
CA HIS B 243 6.56 5.50 2.62
C HIS B 243 5.42 4.61 2.13
N PRO B 244 4.15 4.99 2.27
CA PRO B 244 3.09 4.18 1.68
C PRO B 244 3.29 3.93 0.20
N GLU B 245 3.87 4.90 -0.52
CA GLU B 245 4.06 4.77 -1.96
C GLU B 245 4.92 3.56 -2.29
N VAL B 246 5.99 3.35 -1.54
CA VAL B 246 6.89 2.24 -1.84
C VAL B 246 6.21 0.90 -1.63
N TYR B 247 5.11 0.88 -0.88
CA TYR B 247 4.33 -0.35 -0.78
C TYR B 247 3.28 -0.44 -1.87
N ILE B 248 2.76 0.72 -2.30
CA ILE B 248 1.81 0.75 -3.41
C ILE B 248 2.45 0.21 -4.68
N LEU B 249 3.77 0.32 -4.80
CA LEU B 249 4.48 -0.21 -5.95
C LEU B 249 4.76 -1.70 -5.85
N ILE B 250 4.62 -2.30 -4.66
CA ILE B 250 5.11 -3.65 -4.47
C ILE B 250 3.98 -4.63 -4.21
N ILE B 251 2.90 -4.18 -3.59
CA ILE B 251 1.78 -5.08 -3.30
C ILE B 251 1.15 -5.63 -4.57
N PRO B 252 0.91 -4.84 -5.63
CA PRO B 252 0.40 -5.44 -6.87
C PRO B 252 1.33 -6.50 -7.45
N GLY B 253 2.64 -6.37 -7.25
CA GLY B 253 3.54 -7.39 -7.75
C GLY B 253 3.34 -8.74 -7.08
N PHE B 254 3.23 -8.73 -5.75
CA PHE B 254 3.15 -9.96 -4.96
C PHE B 254 2.06 -10.87 -5.48
N GLY B 255 0.85 -10.34 -5.64
CA GLY B 255 -0.27 -11.14 -6.10
C GLY B 255 0.01 -11.80 -7.43
N ILE B 256 0.62 -11.06 -8.36
CA ILE B 256 0.96 -11.63 -9.66
C ILE B 256 1.81 -12.87 -9.47
N ILE B 257 2.83 -12.78 -8.62
CA ILE B 257 3.75 -13.90 -8.44
C ILE B 257 3.00 -15.12 -7.93
N SER B 258 2.02 -14.90 -7.05
CA SER B 258 1.28 -16.02 -6.49
C SER B 258 0.65 -16.85 -7.60
N HIS B 259 0.02 -16.18 -8.56
CA HIS B 259 -0.61 -16.90 -9.65
C HIS B 259 0.41 -17.73 -10.40
N ILE B 260 1.57 -17.14 -10.70
CA ILE B 260 2.59 -17.87 -11.43
C ILE B 260 3.05 -19.08 -10.62
N VAL B 261 3.28 -18.89 -9.32
CA VAL B 261 3.81 -20.00 -8.55
C VAL B 261 2.75 -21.06 -8.36
N SER B 262 1.48 -20.71 -8.52
CA SER B 262 0.44 -21.71 -8.39
C SER B 262 0.14 -22.42 -9.70
N THR B 263 0.69 -21.95 -10.81
CA THR B 263 0.38 -22.54 -12.12
C THR B 263 1.47 -23.51 -12.57
N TYR B 264 2.73 -23.09 -12.50
CA TYR B 264 3.81 -23.93 -12.97
C TYR B 264 4.34 -24.89 -11.91
N SER B 265 3.91 -24.74 -10.67
CA SER B 265 4.01 -25.76 -9.63
C SER B 265 2.58 -26.13 -9.28
N LYS B 266 2.11 -27.25 -9.81
CA LYS B 266 0.67 -27.54 -9.85
C LYS B 266 0.18 -27.85 -8.44
N LYS B 267 0.05 -26.79 -7.64
CA LYS B 267 -0.33 -26.88 -6.23
C LYS B 267 -0.96 -25.57 -5.80
N PRO B 268 -2.07 -25.61 -5.06
CA PRO B 268 -2.65 -24.36 -4.54
C PRO B 268 -1.74 -23.74 -3.49
N VAL B 269 -1.90 -22.42 -3.34
CA VAL B 269 -1.00 -21.64 -2.50
C VAL B 269 -1.14 -22.05 -1.05
N PHE B 270 -0.02 -22.13 -0.34
CA PHE B 270 0.00 -22.53 1.05
C PHE B 270 -0.55 -21.41 1.92
N GLY B 271 -1.70 -21.64 2.54
CA GLY B 271 -2.29 -20.65 3.41
C GLY B 271 -2.67 -19.37 2.70
N ALA B 272 -3.70 -19.43 1.85
CA ALA B 272 -4.15 -18.23 1.16
C ALA B 272 -4.67 -17.18 2.13
N ILE B 273 -5.43 -17.63 3.14
CA ILE B 273 -5.96 -16.70 4.14
C ILE B 273 -4.83 -16.05 4.91
N GLY B 274 -3.78 -16.80 5.20
CA GLY B 274 -2.60 -16.19 5.79
C GLY B 274 -2.01 -15.12 4.89
N MET B 275 -2.02 -15.35 3.59
CA MET B 275 -1.53 -14.34 2.65
C MET B 275 -2.35 -13.06 2.72
N VAL B 276 -3.68 -13.18 2.77
CA VAL B 276 -4.49 -11.97 2.79
C VAL B 276 -4.29 -11.21 4.09
N TYR B 277 -4.20 -11.94 5.21
CA TYR B 277 -3.94 -11.28 6.49
C TYR B 277 -2.57 -10.59 6.49
N ALA B 278 -1.57 -11.24 5.91
CA ALA B 278 -0.23 -10.66 5.89
C ALA B 278 -0.18 -9.39 5.06
N MET B 279 -0.88 -9.37 3.92
CA MET B 279 -0.94 -8.14 3.13
C MET B 279 -1.65 -7.04 3.91
N GLY B 280 -2.70 -7.39 4.65
CA GLY B 280 -3.35 -6.40 5.49
C GLY B 280 -2.42 -5.80 6.52
N SER B 281 -1.64 -6.64 7.19
CA SER B 281 -0.71 -6.15 8.21
C SER B 281 0.39 -5.29 7.59
N ILE B 282 0.92 -5.69 6.43
CA ILE B 282 1.97 -4.90 5.80
C ILE B 282 1.43 -3.55 5.39
N GLY B 283 0.19 -3.50 4.89
CA GLY B 283 -0.41 -2.22 4.56
C GLY B 283 -0.62 -1.35 5.78
N PHE B 284 -1.07 -1.94 6.89
CA PHE B 284 -1.38 -1.12 8.07
C PHE B 284 -0.13 -0.58 8.74
N LEU B 285 0.91 -1.41 8.88
CA LEU B 285 2.13 -0.93 9.53
C LEU B 285 2.92 0.02 8.64
N GLY B 286 2.52 0.19 7.39
CA GLY B 286 3.17 1.13 6.49
C GLY B 286 2.73 2.56 6.63
N LEU B 287 1.77 2.83 7.50
CA LEU B 287 1.35 4.20 7.77
C LEU B 287 1.91 4.75 9.07
N LEU B 288 2.36 3.88 9.96
CA LEU B 288 2.81 4.27 11.30
C LEU B 288 4.31 4.47 11.40
N VAL B 289 5.05 4.31 10.31
CA VAL B 289 6.50 4.48 10.30
C VAL B 289 6.88 5.36 9.12
N TRP B 290 7.14 6.64 9.38
CA TRP B 290 7.49 7.56 8.32
C TRP B 290 8.74 8.36 8.61
N SER B 291 9.27 8.30 9.83
CA SER B 291 10.37 9.17 10.23
C SER B 291 11.72 8.47 10.20
N HIS B 292 11.80 7.24 9.71
CA HIS B 292 13.12 6.66 9.53
C HIS B 292 13.83 7.28 8.33
N HIS B 293 13.12 8.05 7.52
CA HIS B 293 13.74 8.83 6.48
C HIS B 293 14.47 10.04 7.03
N MET B 294 14.21 10.42 8.29
CA MET B 294 14.85 11.59 8.91
C MET B 294 15.24 11.26 10.34
N TYR B 295 16.45 10.71 10.50
CA TYR B 295 17.10 10.54 11.79
C TYR B 295 18.16 11.59 12.06
N THR B 296 18.71 12.21 11.04
CA THR B 296 19.78 13.17 11.16
C THR B 296 19.29 14.60 11.24
N VAL B 297 17.97 14.81 11.25
CA VAL B 297 17.42 16.16 11.39
C VAL B 297 17.39 16.64 12.82
N GLY B 298 17.67 15.77 13.79
CA GLY B 298 17.73 16.18 15.17
C GLY B 298 16.52 15.76 16.00
N LEU B 299 16.04 14.54 15.79
CA LEU B 299 14.91 14.05 16.53
C LEU B 299 15.28 13.79 17.98
N ASP B 300 14.27 13.54 18.81
CA ASP B 300 14.47 13.22 20.20
C ASP B 300 15.01 11.81 20.36
N VAL B 301 15.49 11.50 21.57
CA VAL B 301 16.09 10.20 21.83
C VAL B 301 15.05 9.15 22.17
N ASP B 302 13.82 9.56 22.47
CA ASP B 302 12.75 8.64 22.79
C ASP B 302 11.89 8.28 21.59
N SER B 303 11.82 9.16 20.59
CA SER B 303 11.13 8.85 19.35
C SER B 303 11.96 7.98 18.42
N ARG B 304 13.29 7.99 18.57
CA ARG B 304 14.12 7.09 17.78
C ARG B 304 13.83 5.64 18.13
N ALA B 305 13.64 5.35 19.43
CA ALA B 305 13.38 3.98 19.84
C ALA B 305 12.08 3.47 19.25
N TYR B 306 11.04 4.31 19.24
CA TYR B 306 9.79 3.90 18.62
C TYR B 306 9.94 3.60 17.14
N PHE B 307 10.70 4.42 16.43
CA PHE B 307 10.80 4.22 15.00
C PHE B 307 11.73 3.07 14.63
N THR B 308 12.70 2.73 15.48
CA THR B 308 13.44 1.49 15.24
C THR B 308 12.63 0.27 15.62
N SER B 309 11.73 0.38 16.59
CA SER B 309 10.90 -0.75 16.94
C SER B 309 9.79 -1.00 15.93
N ALA B 310 9.19 0.06 15.39
CA ALA B 310 8.04 -0.09 14.52
C ALA B 310 8.42 -0.35 13.07
N THR B 311 9.69 -0.24 12.71
CA THR B 311 10.12 -0.54 11.36
C THR B 311 10.53 -1.99 11.20
N MET B 312 11.17 -2.57 12.21
CA MET B 312 11.58 -3.97 12.12
C MET B 312 10.39 -4.92 12.09
N VAL B 313 9.25 -4.51 12.65
CA VAL B 313 8.12 -5.42 12.81
C VAL B 313 7.55 -5.86 11.47
N ILE B 314 7.80 -5.12 10.38
CA ILE B 314 7.26 -5.48 9.08
C ILE B 314 7.92 -6.75 8.54
N ALA B 315 9.02 -7.18 9.13
CA ALA B 315 9.69 -8.39 8.67
C ALA B 315 8.81 -9.62 8.80
N VAL B 316 7.97 -9.67 9.83
CA VAL B 316 7.19 -10.87 10.11
C VAL B 316 6.21 -11.20 9.00
N PRO B 317 5.37 -10.26 8.54
CA PRO B 317 4.45 -10.59 7.43
C PRO B 317 5.14 -10.94 6.12
N THR B 318 6.15 -10.16 5.73
CA THR B 318 6.88 -10.48 4.51
C THR B 318 7.59 -11.82 4.62
N GLY B 319 8.12 -12.13 5.79
CA GLY B 319 8.72 -13.44 6.00
C GLY B 319 7.69 -14.56 5.87
N ILE B 320 6.50 -14.34 6.41
CA ILE B 320 5.41 -15.30 6.24
C ILE B 320 5.14 -15.53 4.77
N LYS B 321 5.12 -14.45 3.99
CA LYS B 321 4.82 -14.60 2.56
C LYS B 321 5.91 -15.37 1.83
N ILE B 322 7.18 -15.05 2.10
CA ILE B 322 8.28 -15.73 1.43
C ILE B 322 8.27 -17.22 1.77
N PHE B 323 8.08 -17.53 3.06
CA PHE B 323 8.06 -18.93 3.47
C PHE B 323 6.87 -19.67 2.88
N SER B 324 5.72 -19.02 2.77
CA SER B 324 4.57 -19.66 2.15
C SER B 324 4.80 -19.90 0.67
N TRP B 325 5.51 -18.99 -0.01
CA TRP B 325 5.86 -19.24 -1.41
C TRP B 325 6.76 -20.45 -1.54
N LEU B 326 7.76 -20.57 -0.68
CA LEU B 326 8.61 -21.77 -0.74
C LEU B 326 7.80 -23.02 -0.44
N ALA B 327 6.88 -22.96 0.51
CA ALA B 327 6.07 -24.12 0.86
C ALA B 327 5.17 -24.53 -0.31
N THR B 328 4.58 -23.56 -1.01
CA THR B 328 3.74 -23.92 -2.15
C THR B 328 4.58 -24.43 -3.31
N LEU B 329 5.84 -24.00 -3.41
CA LEU B 329 6.71 -24.50 -4.45
C LEU B 329 7.32 -25.86 -4.12
N TYR B 330 7.28 -26.29 -2.86
CA TYR B 330 8.06 -27.45 -2.43
C TYR B 330 7.68 -28.75 -3.11
N GLY B 331 6.49 -29.28 -2.84
CA GLY B 331 6.18 -30.64 -3.22
C GLY B 331 5.81 -30.83 -4.67
N GLY B 332 5.51 -29.75 -5.38
CA GLY B 332 4.92 -29.84 -6.69
C GLY B 332 5.92 -30.10 -7.80
N SER B 333 5.40 -30.15 -9.02
CA SER B 333 6.19 -30.31 -10.22
C SER B 333 6.47 -28.95 -10.86
N ILE B 334 7.71 -28.73 -11.27
CA ILE B 334 8.16 -27.42 -11.69
C ILE B 334 8.61 -27.49 -13.15
N ARG B 335 8.08 -26.59 -13.96
CA ARG B 335 8.40 -26.51 -15.38
C ARG B 335 8.88 -25.10 -15.69
N TYR B 336 10.07 -24.99 -16.27
CA TYR B 336 10.79 -23.72 -16.33
C TYR B 336 10.42 -22.94 -17.59
N THR B 337 9.21 -22.39 -17.58
CA THR B 337 8.79 -21.45 -18.60
C THR B 337 9.26 -20.05 -18.23
N THR B 338 9.07 -19.10 -19.14
CA THR B 338 9.67 -17.79 -18.94
C THR B 338 9.06 -16.98 -17.79
N PRO B 339 7.76 -17.12 -17.46
CA PRO B 339 7.30 -16.47 -16.21
C PRO B 339 7.94 -17.05 -14.97
N MET B 340 8.18 -18.36 -14.95
CA MET B 340 8.69 -19.00 -13.75
C MET B 340 10.13 -18.62 -13.47
N LEU B 341 10.91 -18.33 -14.51
CA LEU B 341 12.27 -17.87 -14.29
C LEU B 341 12.28 -16.54 -13.54
N TYR B 342 11.44 -15.60 -13.97
CA TYR B 342 11.32 -14.33 -13.26
C TYR B 342 10.77 -14.55 -11.86
N ALA B 343 9.87 -15.51 -11.69
CA ALA B 343 9.35 -15.82 -10.36
C ALA B 343 10.45 -16.29 -9.42
N PHE B 344 11.34 -17.17 -9.91
CA PHE B 344 12.47 -17.60 -9.11
C PHE B 344 13.43 -16.45 -8.83
N ALA B 345 13.70 -15.62 -9.82
CA ALA B 345 14.62 -14.50 -9.63
C ALA B 345 14.09 -13.48 -8.63
N PHE B 346 12.77 -13.29 -8.56
CA PHE B 346 12.16 -12.37 -7.62
C PHE B 346 12.37 -12.83 -6.18
N LEU B 347 12.22 -14.12 -5.91
CA LEU B 347 12.29 -14.66 -4.55
C LEU B 347 13.63 -14.43 -3.88
N PHE B 348 14.72 -14.40 -4.63
CA PHE B 348 16.04 -14.21 -4.08
C PHE B 348 16.47 -12.75 -4.07
N LEU B 349 16.19 -12.04 -5.16
CA LEU B 349 16.56 -10.63 -5.25
C LEU B 349 15.80 -9.77 -4.24
N PHE B 350 14.50 -10.01 -4.05
CA PHE B 350 13.76 -9.22 -3.08
C PHE B 350 14.25 -9.50 -1.66
N THR B 351 14.57 -10.75 -1.35
CA THR B 351 15.09 -11.07 -0.03
C THR B 351 16.40 -10.35 0.23
N VAL B 352 17.30 -10.35 -0.76
CA VAL B 352 18.57 -9.65 -0.57
C VAL B 352 18.34 -8.15 -0.44
N GLY B 353 17.39 -7.61 -1.20
CA GLY B 353 17.13 -6.18 -1.11
C GLY B 353 16.49 -5.76 0.19
N GLY B 354 15.69 -6.62 0.79
CA GLY B 354 15.00 -6.27 2.02
C GLY B 354 15.79 -6.58 3.27
N LEU B 355 16.74 -7.50 3.18
CA LEU B 355 17.63 -7.72 4.32
C LEU B 355 18.47 -6.49 4.62
N SER B 356 18.74 -5.64 3.63
CA SER B 356 19.46 -4.40 3.87
C SER B 356 18.61 -3.36 4.58
N GLY B 357 17.29 -3.47 4.49
CA GLY B 357 16.43 -2.52 5.17
C GLY B 357 16.53 -2.63 6.67
N VAL B 358 16.66 -3.85 7.19
CA VAL B 358 16.84 -4.06 8.62
C VAL B 358 18.14 -3.46 9.13
N VAL B 359 19.16 -3.33 8.28
CA VAL B 359 20.39 -2.68 8.69
C VAL B 359 20.24 -1.16 8.71
N LEU B 360 19.23 -0.63 8.03
CA LEU B 360 19.02 0.80 7.97
C LEU B 360 17.86 1.25 8.85
N SER B 361 17.10 0.31 9.42
CA SER B 361 16.03 0.68 10.34
C SER B 361 16.56 1.14 11.68
N ASN B 362 17.80 0.79 12.03
CA ASN B 362 18.35 1.19 13.31
C ASN B 362 18.81 2.63 13.27
N ALA B 363 18.54 3.36 14.35
CA ALA B 363 18.95 4.74 14.42
C ALA B 363 20.46 4.87 14.61
N SER B 364 21.06 3.94 15.35
CA SER B 364 22.48 4.05 15.66
C SER B 364 23.33 3.87 14.40
N LEU B 365 23.00 2.90 13.56
CA LEU B 365 23.76 2.64 12.35
C LEU B 365 23.45 3.62 11.23
N ASP B 366 22.31 4.28 11.26
CA ASP B 366 21.94 5.18 10.18
C ASP B 366 22.76 6.47 10.20
N ILE B 367 23.57 6.67 11.24
CA ILE B 367 24.56 7.75 11.24
C ILE B 367 25.73 7.44 10.32
N ALA B 368 25.82 6.21 9.81
CA ALA B 368 26.87 5.85 8.87
C ALA B 368 26.37 5.58 7.46
N PHE B 369 25.07 5.36 7.26
CA PHE B 369 24.53 4.97 5.97
C PHE B 369 23.60 6.00 5.35
N HIS B 370 23.29 7.09 6.06
CA HIS B 370 22.39 8.10 5.52
C HIS B 370 23.09 8.91 4.42
N ASP B 371 22.34 9.18 3.35
CA ASP B 371 22.84 9.95 2.22
C ASP B 371 24.08 9.32 1.61
N THR B 372 23.94 8.06 1.20
CA THR B 372 25.07 7.27 0.73
C THR B 372 24.55 6.27 -0.29
N TYR B 373 25.45 5.75 -1.14
CA TYR B 373 24.94 4.74 -2.07
C TYR B 373 24.57 3.41 -1.43
N TYR B 374 24.73 3.23 -0.13
CA TYR B 374 24.14 2.06 0.50
C TYR B 374 22.63 2.07 0.34
N VAL B 375 22.00 3.23 0.54
CA VAL B 375 20.55 3.33 0.39
C VAL B 375 20.14 3.07 -1.05
N ILE B 376 20.92 3.59 -2.00
CA ILE B 376 20.62 3.37 -3.41
C ILE B 376 20.71 1.91 -3.79
N GLY B 377 21.76 1.23 -3.35
CA GLY B 377 21.85 -0.19 -3.57
C GLY B 377 20.74 -0.95 -2.88
N HIS B 378 20.30 -0.47 -1.72
CA HIS B 378 19.17 -1.09 -1.04
C HIS B 378 17.91 -1.03 -1.89
N PHE B 379 17.56 0.15 -2.36
CA PHE B 379 16.24 0.27 -2.94
C PHE B 379 16.19 -0.10 -4.41
N HIS B 380 17.31 -0.25 -5.09
CA HIS B 380 17.21 -0.71 -6.48
C HIS B 380 17.01 -2.21 -6.58
N TYR B 381 17.48 -2.97 -5.59
CA TYR B 381 17.18 -4.38 -5.55
C TYR B 381 15.69 -4.62 -5.34
N VAL B 382 15.04 -3.76 -4.54
CA VAL B 382 13.63 -3.97 -4.26
C VAL B 382 12.72 -3.27 -5.27
N LEU B 383 13.22 -2.27 -6.00
CA LEU B 383 12.43 -1.62 -7.04
C LEU B 383 12.74 -2.18 -8.42
N SER B 384 14.01 -2.16 -8.83
CA SER B 384 14.35 -2.61 -10.17
C SER B 384 14.31 -4.12 -10.28
N LEU B 385 14.78 -4.84 -9.27
CA LEU B 385 14.82 -6.29 -9.29
C LEU B 385 13.62 -6.95 -8.62
N GLY B 386 12.70 -6.17 -8.05
CA GLY B 386 11.52 -6.76 -7.46
C GLY B 386 10.23 -6.43 -8.18
N ALA B 387 10.09 -5.20 -8.64
CA ALA B 387 8.85 -4.76 -9.28
C ALA B 387 8.92 -4.90 -10.80
N VAL B 388 10.04 -4.49 -11.39
CA VAL B 388 10.21 -4.60 -12.83
C VAL B 388 10.17 -6.06 -13.27
N PHE B 389 10.76 -6.94 -12.46
CA PHE B 389 10.72 -8.37 -12.77
C PHE B 389 9.29 -8.88 -12.73
N SER B 390 8.51 -8.42 -11.75
CA SER B 390 7.11 -8.82 -11.67
C SER B 390 6.34 -8.35 -12.90
N LEU B 391 6.61 -7.12 -13.36
CA LEU B 391 5.93 -6.62 -14.55
C LEU B 391 6.28 -7.44 -15.78
N PHE B 392 7.56 -7.79 -15.94
CA PHE B 392 7.96 -8.62 -17.07
C PHE B 392 7.30 -9.99 -17.01
N ALA B 393 7.23 -10.58 -15.82
CA ALA B 393 6.58 -11.87 -15.66
C ALA B 393 5.10 -11.79 -15.98
N GLY B 394 4.43 -10.73 -15.53
CA GLY B 394 3.02 -10.58 -15.84
C GLY B 394 2.76 -10.39 -17.31
N TYR B 395 3.63 -9.64 -17.99
CA TYR B 395 3.52 -9.53 -19.44
C TYR B 395 3.66 -10.89 -20.09
N TYR B 396 4.73 -11.62 -19.76
CA TYR B 396 4.94 -12.91 -20.40
C TYR B 396 3.89 -13.94 -20.00
N TYR B 397 3.14 -13.68 -18.94
CA TYR B 397 2.11 -14.61 -18.50
C TYR B 397 0.78 -14.33 -19.20
N TRP B 398 0.35 -13.07 -19.29
CA TRP B 398 -0.97 -12.83 -19.87
C TRP B 398 -0.96 -12.26 -21.28
N SER B 399 0.20 -12.05 -21.90
CA SER B 399 0.21 -11.51 -23.25
C SER B 399 -0.49 -12.41 -24.27
N PRO B 400 -0.23 -13.73 -24.30
CA PRO B 400 -0.98 -14.58 -25.23
C PRO B 400 -2.48 -14.56 -25.00
N LEU B 401 -2.93 -14.50 -23.74
CA LEU B 401 -4.37 -14.53 -23.47
C LEU B 401 -5.06 -13.25 -23.92
N ILE B 402 -4.33 -12.13 -23.99
CA ILE B 402 -4.96 -10.88 -24.38
C ILE B 402 -4.86 -10.68 -25.87
N THR B 403 -3.65 -10.82 -26.41
CA THR B 403 -3.44 -10.57 -27.83
C THR B 403 -3.80 -11.76 -28.70
N GLY B 404 -3.74 -12.97 -28.17
CA GLY B 404 -3.93 -14.16 -28.97
C GLY B 404 -2.74 -14.56 -29.80
N LEU B 405 -1.59 -13.92 -29.61
CA LEU B 405 -0.39 -14.14 -30.40
C LEU B 405 0.74 -14.55 -29.48
N TYR B 406 1.49 -15.57 -29.87
CA TYR B 406 2.54 -16.14 -29.03
C TYR B 406 3.90 -15.57 -29.38
N TYR B 407 4.86 -15.76 -28.47
CA TYR B 407 6.19 -15.18 -28.61
C TYR B 407 7.26 -16.27 -28.63
N ASN B 408 8.47 -15.86 -28.99
CA ASN B 408 9.58 -16.80 -29.11
C ASN B 408 10.20 -17.06 -27.75
N ASN B 409 10.40 -18.33 -27.42
CA ASN B 409 10.92 -18.70 -26.10
C ASN B 409 12.39 -18.33 -25.98
N ASN B 410 13.18 -18.61 -27.01
CA ASN B 410 14.63 -18.46 -26.92
C ASN B 410 15.03 -17.02 -26.71
N LEU B 411 14.42 -16.10 -27.46
CA LEU B 411 14.78 -14.68 -27.31
C LEU B 411 14.39 -14.16 -25.93
N ALA B 412 13.24 -14.61 -25.41
CA ALA B 412 12.83 -14.21 -24.07
C ALA B 412 13.83 -14.71 -23.02
N ASN B 413 14.31 -15.95 -23.16
CA ASN B 413 15.30 -16.45 -22.23
C ASN B 413 16.60 -15.65 -22.32
N ILE B 414 17.01 -15.30 -23.53
CA ILE B 414 18.22 -14.49 -23.70
C ILE B 414 18.06 -13.16 -22.98
N GLN B 415 16.90 -12.52 -23.14
CA GLN B 415 16.66 -11.25 -22.48
C GLN B 415 16.70 -11.41 -20.96
N PHE B 416 16.12 -12.49 -20.45
CA PHE B 416 16.12 -12.71 -19.00
C PHE B 416 17.54 -12.80 -18.47
N TRP B 417 18.38 -13.62 -19.11
CA TRP B 417 19.73 -13.76 -18.61
C TRP B 417 20.52 -12.46 -18.71
N LEU B 418 20.31 -11.72 -19.81
CA LEU B 418 21.01 -10.45 -19.96
C LEU B 418 20.62 -9.46 -18.88
N LEU B 419 19.32 -9.34 -18.59
CA LEU B 419 18.90 -8.38 -17.58
C LEU B 419 19.33 -8.79 -16.19
N PHE B 420 19.29 -10.10 -15.89
CA PHE B 420 19.80 -10.58 -14.61
C PHE B 420 21.26 -10.20 -14.41
N ILE B 421 22.10 -10.50 -15.40
CA ILE B 421 23.52 -10.22 -15.29
C ILE B 421 23.76 -8.73 -15.16
N GLY B 422 23.08 -7.93 -15.99
CA GLY B 422 23.30 -6.49 -15.96
C GLY B 422 22.89 -5.85 -14.65
N THR B 423 21.70 -6.21 -14.16
CA THR B 423 21.22 -5.61 -12.92
C THR B 423 22.04 -6.06 -11.73
N ASN B 424 22.60 -7.27 -11.77
CA ASN B 424 23.45 -7.69 -10.66
C ASN B 424 24.83 -7.06 -10.71
N VAL B 425 25.34 -6.76 -11.91
CA VAL B 425 26.64 -6.10 -12.00
C VAL B 425 26.53 -4.60 -11.78
N THR B 426 25.33 -4.02 -11.91
CA THR B 426 25.17 -2.58 -11.81
C THR B 426 24.85 -2.10 -10.40
N PHE B 427 24.13 -2.88 -9.60
CA PHE B 427 23.64 -2.44 -8.30
C PHE B 427 24.38 -3.04 -7.11
N PHE B 428 25.24 -4.00 -7.32
CA PHE B 428 25.94 -4.61 -6.19
C PHE B 428 27.12 -3.77 -5.70
N PRO B 429 28.01 -3.29 -6.57
CA PRO B 429 29.16 -2.50 -6.09
C PRO B 429 28.78 -1.23 -5.35
N MET B 430 27.55 -0.74 -5.52
CA MET B 430 27.11 0.42 -4.75
C MET B 430 27.15 0.16 -3.26
N HIS B 431 27.00 -1.10 -2.83
CA HIS B 431 27.11 -1.41 -1.41
C HIS B 431 28.50 -1.08 -0.89
N PHE B 432 29.54 -1.50 -1.63
CA PHE B 432 30.90 -1.19 -1.23
C PHE B 432 31.18 0.29 -1.27
N LEU B 433 30.74 0.97 -2.33
CA LEU B 433 30.94 2.42 -2.41
C LEU B 433 30.27 3.12 -1.25
N GLY B 434 29.09 2.65 -0.84
CA GLY B 434 28.40 3.26 0.26
C GLY B 434 29.10 3.04 1.59
N LEU B 435 29.56 1.81 1.84
CA LEU B 435 30.27 1.56 3.08
C LEU B 435 31.55 2.37 3.16
N ASN B 436 32.21 2.60 2.03
CA ASN B 436 33.43 3.39 2.09
C ASN B 436 33.18 4.90 2.12
N GLY B 437 31.94 5.35 1.90
CA GLY B 437 31.62 6.73 2.20
C GLY B 437 31.39 7.67 1.03
N MET B 438 30.74 7.21 -0.04
CA MET B 438 30.42 8.07 -1.17
C MET B 438 29.03 8.66 -1.01
N PRO B 439 28.88 9.98 -0.99
CA PRO B 439 27.55 10.58 -0.81
C PRO B 439 26.72 10.52 -2.08
N ARG B 440 25.44 10.91 -1.94
CA ARG B 440 24.48 10.85 -3.03
C ARG B 440 24.42 12.19 -3.77
N ARG B 441 23.95 12.11 -5.01
CA ARG B 441 23.62 13.27 -5.82
C ARG B 441 24.85 14.16 -6.08
N ILE B 442 25.94 13.53 -6.49
CA ILE B 442 27.14 14.29 -6.81
C ILE B 442 27.67 13.88 -8.18
N PRO B 443 27.96 14.83 -9.06
CA PRO B 443 28.44 14.47 -10.40
C PRO B 443 29.90 14.01 -10.42
N ASP B 444 30.72 14.54 -9.52
CA ASP B 444 32.13 14.23 -9.46
C ASP B 444 32.49 13.72 -8.08
N TYR B 445 33.43 12.77 -8.05
CA TYR B 445 33.85 12.10 -6.83
C TYR B 445 35.36 12.14 -6.70
N PRO B 446 35.89 11.94 -5.50
CA PRO B 446 37.33 11.78 -5.33
C PRO B 446 37.86 10.60 -6.11
N ASP B 447 39.18 10.54 -6.24
CA ASP B 447 39.80 9.52 -7.08
C ASP B 447 39.73 8.12 -6.48
N ALA B 448 39.38 8.01 -5.20
CA ALA B 448 39.34 6.69 -4.58
C ALA B 448 38.19 5.85 -5.14
N PHE B 449 37.05 6.48 -5.43
CA PHE B 449 35.85 5.76 -5.82
C PHE B 449 35.83 5.42 -7.31
N ALA B 450 36.98 5.46 -8.00
CA ALA B 450 36.95 5.27 -9.44
C ALA B 450 36.60 3.84 -9.83
N GLY B 451 37.28 2.87 -9.21
CA GLY B 451 37.30 1.52 -9.75
C GLY B 451 35.92 0.89 -9.86
N TRP B 452 35.18 0.89 -8.76
CA TRP B 452 33.85 0.29 -8.77
C TRP B 452 32.93 1.01 -9.74
N ASN B 453 33.11 2.31 -9.91
CA ASN B 453 32.24 3.03 -10.82
C ASN B 453 32.55 2.70 -12.27
N ALA B 454 33.70 2.09 -12.53
CA ALA B 454 33.95 1.53 -13.85
C ALA B 454 33.17 0.25 -14.08
N ILE B 455 32.87 -0.50 -13.02
CA ILE B 455 32.13 -1.74 -13.16
C ILE B 455 30.63 -1.50 -13.31
N SER B 456 30.09 -0.46 -12.67
CA SER B 456 28.67 -0.22 -12.70
C SER B 456 28.19 0.49 -13.95
N SER B 457 29.09 1.12 -14.69
CA SER B 457 28.75 1.64 -16.01
C SER B 457 28.86 0.58 -17.08
N PHE B 458 29.25 -0.63 -16.71
CA PHE B 458 29.31 -1.78 -17.61
C PHE B 458 28.03 -2.59 -17.61
N GLY B 459 27.26 -2.57 -16.52
CA GLY B 459 26.02 -3.32 -16.48
C GLY B 459 24.87 -2.61 -17.17
N SER B 460 24.92 -1.27 -17.20
CA SER B 460 23.88 -0.50 -17.86
C SER B 460 23.81 -0.85 -19.35
N LEU B 461 24.96 -1.05 -19.98
CA LEU B 461 25.00 -1.37 -21.39
C LEU B 461 24.52 -2.79 -21.69
N ILE B 462 24.50 -3.68 -20.69
CA ILE B 462 23.87 -4.98 -20.86
C ILE B 462 22.36 -4.88 -20.68
N SER B 463 21.91 -4.12 -19.68
CA SER B 463 20.47 -3.97 -19.46
C SER B 463 19.79 -3.28 -20.64
N ILE B 464 20.43 -2.25 -21.21
CA ILE B 464 19.81 -1.56 -22.34
C ILE B 464 19.75 -2.44 -23.57
N ILE B 465 20.75 -3.28 -23.79
CA ILE B 465 20.71 -4.21 -24.91
C ILE B 465 19.60 -5.24 -24.68
N SER B 466 19.38 -5.62 -23.43
CA SER B 466 18.22 -6.45 -23.11
C SER B 466 16.93 -5.75 -23.48
N VAL B 467 16.86 -4.43 -23.25
CA VAL B 467 15.65 -3.68 -23.59
C VAL B 467 15.42 -3.68 -25.10
N ILE B 468 16.47 -3.48 -25.88
CA ILE B 468 16.35 -3.53 -27.34
C ILE B 468 15.88 -4.91 -27.79
N LEU B 469 16.42 -5.97 -27.19
CA LEU B 469 15.96 -7.31 -27.52
C LEU B 469 14.50 -7.50 -27.14
N PHE B 470 14.05 -6.87 -26.06
CA PHE B 470 12.63 -6.93 -25.71
C PHE B 470 11.78 -6.26 -26.79
N ALA B 471 12.29 -5.16 -27.34
CA ALA B 471 11.59 -4.53 -28.46
C ALA B 471 11.45 -5.49 -29.63
N TYR B 472 12.53 -6.19 -29.95
CA TYR B 472 12.44 -7.17 -31.04
C TYR B 472 11.49 -8.31 -30.70
N VAL B 473 11.45 -8.72 -29.42
CA VAL B 473 10.55 -9.80 -29.03
C VAL B 473 9.11 -9.38 -29.23
N ILE B 474 8.77 -8.14 -28.90
CA ILE B 474 7.41 -7.66 -29.18
C ILE B 474 7.15 -7.64 -30.67
N TYR B 475 8.13 -7.21 -31.46
CA TYR B 475 7.93 -7.17 -32.91
C TYR B 475 7.66 -8.55 -33.47
N ASP B 476 8.39 -9.56 -33.01
CA ASP B 476 8.17 -10.92 -33.48
C ASP B 476 6.95 -11.57 -32.85
N GLN B 477 6.44 -11.03 -31.76
CA GLN B 477 5.15 -11.48 -31.27
C GLN B 477 4.02 -10.97 -32.16
N LEU B 478 4.10 -9.71 -32.56
CA LEU B 478 3.02 -9.13 -33.36
C LEU B 478 2.97 -9.75 -34.75
N VAL B 479 4.08 -9.81 -35.44
CA VAL B 479 4.18 -10.45 -36.73
C VAL B 479 4.57 -11.91 -36.50
N ASN B 480 3.99 -12.81 -37.31
CA ASN B 480 4.21 -14.26 -37.23
C ASN B 480 4.07 -14.80 -35.81
N GLY B 481 3.08 -14.28 -35.08
CA GLY B 481 2.77 -14.81 -33.78
C GLY B 481 1.84 -16.00 -33.79
N LEU B 482 1.14 -16.22 -34.89
CA LEU B 482 0.22 -17.36 -34.98
C LEU B 482 0.96 -18.67 -35.19
N THR B 483 2.12 -18.63 -35.83
CA THR B 483 2.90 -19.83 -36.09
C THR B 483 3.92 -20.12 -35.01
N ASN B 484 3.93 -19.34 -33.93
CA ASN B 484 4.94 -19.48 -32.88
C ASN B 484 4.47 -20.38 -31.75
N LYS B 485 3.26 -20.92 -31.84
CA LYS B 485 2.72 -21.76 -30.78
C LYS B 485 3.15 -23.21 -30.93
N GLN B 486 3.88 -23.54 -31.99
CA GLN B 486 4.32 -24.90 -32.22
C GLN B 486 5.84 -25.06 -32.10
N LEU B 487 6.57 -23.99 -31.81
CA LEU B 487 8.02 -24.11 -31.67
C LEU B 487 8.38 -24.78 -30.36
N SER B 488 7.71 -24.42 -29.27
CA SER B 488 7.99 -24.98 -27.97
C SER B 488 6.69 -25.21 -27.21
N THR B 489 6.70 -26.22 -26.35
CA THR B 489 5.54 -26.53 -25.52
C THR B 489 5.40 -25.58 -24.34
N ASN B 490 6.17 -24.49 -24.34
CA ASN B 490 5.92 -23.37 -23.44
C ASN B 490 4.53 -22.79 -23.65
N SER B 491 3.99 -22.89 -24.86
CA SER B 491 2.68 -22.32 -25.16
C SER B 491 1.60 -22.92 -24.27
N LEU B 492 1.79 -24.17 -23.84
CA LEU B 492 0.80 -24.83 -23.01
C LEU B 492 0.72 -24.18 -21.64
N PHE B 493 -0.50 -23.87 -21.21
CA PHE B 493 -0.73 -23.29 -19.90
C PHE B 493 -0.45 -24.29 -18.78
N LYS B 494 -0.76 -25.56 -19.01
CA LYS B 494 -0.48 -26.62 -18.05
C LYS B 494 -0.24 -27.91 -18.82
N ASN B 495 0.85 -28.61 -18.50
CA ASN B 495 1.15 -29.84 -19.21
C ASN B 495 0.32 -31.00 -18.67
N PRO B 496 0.24 -32.10 -19.43
CA PRO B 496 -0.52 -33.26 -18.95
C PRO B 496 0.09 -33.84 -17.68
N ASP B 497 -0.77 -34.34 -16.81
CA ASP B 497 -0.32 -35.03 -15.61
C ASP B 497 0.24 -36.39 -16.00
N PHE B 498 0.66 -37.17 -15.00
CA PHE B 498 1.34 -38.43 -15.28
C PHE B 498 0.41 -39.44 -15.93
N ILE B 499 -0.77 -39.66 -15.35
CA ILE B 499 -1.63 -40.73 -15.81
C ILE B 499 -2.70 -40.24 -16.77
N GLU B 500 -2.65 -38.98 -17.17
CA GLU B 500 -3.58 -38.43 -18.15
C GLU B 500 -3.03 -38.62 -19.55
N SER B 501 -3.77 -39.32 -20.41
CA SER B 501 -3.29 -39.53 -21.77
C SER B 501 -3.40 -38.26 -22.59
N ASN B 502 -2.63 -38.21 -23.67
CA ASN B 502 -2.62 -37.04 -24.52
C ASN B 502 -3.97 -36.84 -25.20
N ILE B 503 -4.62 -37.94 -25.60
CA ILE B 503 -5.93 -37.83 -26.24
C ILE B 503 -6.95 -37.22 -25.29
N ILE B 504 -6.95 -37.64 -24.03
CA ILE B 504 -7.85 -37.04 -23.07
C ILE B 504 -7.45 -35.60 -22.78
N PHE B 505 -6.15 -35.31 -22.83
CA PHE B 505 -5.70 -33.95 -22.54
C PHE B 505 -6.16 -32.97 -23.62
N ASN B 506 -6.16 -33.41 -24.88
CA ASN B 506 -6.52 -32.50 -25.96
C ASN B 506 -7.97 -32.08 -25.90
N ASP B 507 -8.87 -32.94 -25.42
CA ASP B 507 -10.26 -32.55 -25.27
C ASP B 507 -10.48 -31.63 -24.06
N ASN B 508 -9.84 -31.92 -22.94
CA ASN B 508 -9.93 -31.10 -21.73
C ASN B 508 -8.51 -30.61 -21.52
N SER B 509 -8.22 -29.40 -22.00
CA SER B 509 -6.87 -28.87 -22.04
C SER B 509 -6.60 -27.85 -20.93
N ILE B 510 -7.57 -27.01 -20.60
CA ILE B 510 -7.39 -25.94 -19.64
C ILE B 510 -8.03 -26.32 -18.32
N LYS B 511 -7.24 -26.35 -17.26
CA LYS B 511 -7.71 -26.54 -15.89
C LYS B 511 -7.16 -25.39 -15.06
N SER B 512 -8.03 -24.51 -14.59
CA SER B 512 -7.60 -23.30 -13.90
C SER B 512 -8.39 -23.13 -12.62
N SER B 513 -7.90 -22.22 -11.78
CA SER B 513 -8.57 -21.82 -10.55
C SER B 513 -9.06 -20.38 -10.59
N SER B 514 -9.14 -19.79 -11.78
CA SER B 514 -9.72 -18.47 -11.96
C SER B 514 -10.29 -18.40 -13.38
N ILE B 515 -11.18 -17.43 -13.60
CA ILE B 515 -11.86 -17.33 -14.87
C ILE B 515 -10.94 -16.97 -16.02
N ASP B 516 -9.75 -16.43 -15.71
CA ASP B 516 -8.93 -15.73 -16.70
C ASP B 516 -8.62 -16.61 -17.91
N PHE B 517 -8.30 -17.88 -17.68
CA PHE B 517 -7.86 -18.75 -18.74
C PHE B 517 -8.97 -19.60 -19.32
N LEU B 518 -10.23 -19.32 -18.97
CA LEU B 518 -11.34 -19.94 -19.68
C LEU B 518 -11.89 -19.05 -20.78
N LEU B 519 -11.58 -17.76 -20.77
CA LEU B 519 -12.11 -16.85 -21.76
C LEU B 519 -11.50 -17.15 -23.13
N THR B 520 -12.10 -16.55 -24.15
CA THR B 520 -11.68 -16.80 -25.52
C THR B 520 -10.35 -16.09 -25.80
N SER B 521 -9.78 -16.38 -26.98
CA SER B 521 -8.38 -16.03 -27.24
C SER B 521 -8.10 -14.53 -27.18
N PRO B 522 -8.78 -13.64 -27.89
CA PRO B 522 -9.06 -12.33 -27.30
C PRO B 522 -10.39 -12.35 -26.60
N PRO B 523 -10.45 -12.01 -25.31
CA PRO B 523 -11.75 -11.98 -24.62
C PRO B 523 -12.71 -11.05 -25.33
N LEU B 524 -13.95 -11.50 -25.43
CA LEU B 524 -14.94 -10.81 -26.24
C LEU B 524 -15.22 -9.43 -25.67
N PRO B 525 -15.61 -8.46 -26.51
CA PRO B 525 -15.93 -7.12 -26.02
C PRO B 525 -16.98 -7.11 -24.91
N HIS B 526 -18.07 -7.85 -25.08
CA HIS B 526 -19.04 -8.08 -24.01
C HIS B 526 -18.92 -9.55 -23.63
N THR B 527 -18.23 -9.81 -22.52
CA THR B 527 -17.78 -11.15 -22.22
C THR B 527 -18.75 -11.96 -21.37
N PHE B 528 -19.53 -11.31 -20.52
CA PHE B 528 -20.46 -11.99 -19.64
C PHE B 528 -21.88 -11.48 -19.91
N ASN B 529 -22.66 -12.27 -20.63
CA ASN B 529 -24.05 -11.92 -20.90
C ASN B 529 -24.97 -12.59 -19.89
N THR B 530 -24.87 -13.90 -19.75
CA THR B 530 -25.48 -14.58 -18.63
C THR B 530 -24.48 -14.68 -17.49
N PRO B 531 -24.90 -14.40 -16.26
CA PRO B 531 -23.95 -14.39 -15.15
C PRO B 531 -23.31 -15.74 -14.89
N ALA B 532 -22.07 -15.71 -14.41
CA ALA B 532 -21.40 -16.91 -13.95
C ALA B 532 -21.93 -17.35 -12.59
N ILE B 533 -21.75 -18.63 -12.27
CA ILE B 533 -22.20 -19.19 -11.00
C ILE B 533 -21.06 -19.91 -10.31
N GLN B 534 -20.96 -19.72 -8.99
CA GLN B 534 -20.16 -20.58 -8.12
C GLN B 534 -21.06 -21.34 -7.17
N SER B 535 -20.43 -22.17 -6.35
CA SER B 535 -21.14 -23.03 -5.42
C SER B 535 -20.80 -22.67 -3.97
N ASP C 1 38.99 8.61 7.80
CA ASP C 1 40.27 8.76 7.16
C ASP C 1 40.08 8.92 5.67
N VAL C 2 41.13 8.77 4.89
CA VAL C 2 41.03 8.91 3.44
C VAL C 2 40.33 7.68 2.86
N PRO C 3 39.49 7.84 1.83
CA PRO C 3 39.00 6.67 1.11
C PRO C 3 40.13 5.97 0.36
N THR C 4 40.00 4.66 0.23
CA THR C 4 40.98 3.83 -0.45
C THR C 4 40.41 3.30 -1.76
N PRO C 5 41.27 3.00 -2.76
CA PRO C 5 40.77 2.78 -4.13
C PRO C 5 39.70 1.73 -4.32
N TRP C 6 39.96 0.45 -4.05
CA TRP C 6 38.93 -0.57 -4.16
C TRP C 6 38.45 -0.92 -2.76
N GLY C 7 37.57 -0.08 -2.24
CA GLY C 7 37.08 -0.27 -0.89
C GLY C 7 35.95 -1.28 -0.82
N ILE C 8 35.92 -2.03 0.28
CA ILE C 8 34.86 -2.99 0.52
C ILE C 8 34.20 -2.83 1.88
N PHE C 9 34.84 -2.20 2.85
CA PHE C 9 34.35 -2.18 4.21
C PHE C 9 34.59 -0.80 4.81
N PHE C 10 34.21 -0.64 6.08
CA PHE C 10 34.25 0.62 6.77
C PHE C 10 35.67 1.20 6.80
N GLN C 11 35.74 2.51 6.99
CA GLN C 11 37.00 3.20 7.20
C GLN C 11 37.46 3.04 8.64
N ASP C 12 38.76 3.22 8.86
CA ASP C 12 39.33 3.00 10.18
C ASP C 12 38.81 4.02 11.18
N SER C 13 38.36 3.52 12.32
CA SER C 13 37.67 4.31 13.32
C SER C 13 38.64 5.00 14.27
N ALA C 14 38.25 6.18 14.73
CA ALA C 14 39.03 6.90 15.73
C ALA C 14 38.16 7.45 16.86
N THR C 15 36.94 6.96 17.04
CA THR C 15 36.07 7.36 18.12
C THR C 15 35.36 6.13 18.66
N PRO C 16 35.07 6.10 19.96
CA PRO C 16 34.28 5.00 20.52
C PRO C 16 32.92 4.81 19.86
N ASN C 17 32.29 5.89 19.40
CA ASN C 17 31.00 5.76 18.74
C ASN C 17 31.10 4.91 17.47
N MET C 18 32.16 5.14 16.67
CA MET C 18 32.29 4.37 15.44
C MET C 18 32.61 2.91 15.74
N GLU C 19 33.35 2.66 16.82
CA GLU C 19 33.58 1.28 17.25
C GLU C 19 32.27 0.60 17.61
N GLY C 20 31.39 1.30 18.33
CA GLY C 20 30.09 0.74 18.63
C GLY C 20 29.27 0.45 17.39
N ILE C 21 29.32 1.36 16.42
CA ILE C 21 28.57 1.14 15.17
C ILE C 21 29.10 -0.09 14.45
N ILE C 22 30.41 -0.25 14.38
CA ILE C 22 30.98 -1.41 13.70
C ILE C 22 30.57 -2.70 14.39
N GLU C 23 30.61 -2.71 15.73
CA GLU C 23 30.22 -3.92 16.46
C GLU C 23 28.76 -4.28 16.23
N LEU C 24 27.88 -3.28 16.26
CA LEU C 24 26.46 -3.55 16.04
C LEU C 24 26.19 -4.06 14.63
N HIS C 25 26.86 -3.46 13.63
CA HIS C 25 26.67 -3.90 12.26
C HIS C 25 27.10 -5.36 12.10
N ASN C 26 28.25 -5.70 12.67
CA ASN C 26 28.72 -7.08 12.56
C ASN C 26 27.87 -8.03 13.39
N ASN C 27 27.15 -7.53 14.38
CA ASN C 27 26.24 -8.38 15.15
C ASN C 27 24.96 -8.68 14.37
N ILE C 28 24.47 -7.71 13.60
CA ILE C 28 23.28 -7.94 12.79
C ILE C 28 23.57 -8.83 11.58
N MET C 29 24.73 -8.65 10.95
CA MET C 29 25.05 -9.39 9.74
C MET C 29 25.04 -10.90 9.98
N PHE C 30 25.33 -11.32 11.21
CA PHE C 30 25.23 -12.73 11.60
C PHE C 30 23.87 -13.31 11.23
N TYR C 31 22.81 -12.77 11.82
CA TYR C 31 21.48 -13.33 11.60
C TYR C 31 21.04 -13.14 10.16
N LEU C 32 21.41 -12.02 9.53
CA LEU C 32 21.03 -11.84 8.13
C LEU C 32 21.66 -12.92 7.24
N VAL C 33 22.93 -13.23 7.48
CA VAL C 33 23.60 -14.28 6.71
C VAL C 33 22.94 -15.62 6.95
N LEU C 34 22.54 -15.90 8.19
CA LEU C 34 21.89 -17.17 8.48
C LEU C 34 20.59 -17.31 7.70
N ILE C 35 19.77 -16.25 7.69
CA ILE C 35 18.50 -16.30 6.97
C ILE C 35 18.73 -16.49 5.47
N LEU C 36 19.71 -15.75 4.92
CA LEU C 36 19.97 -15.86 3.48
C LEU C 36 20.42 -17.26 3.10
N THR C 37 21.31 -17.86 3.90
CA THR C 37 21.76 -19.22 3.60
C THR C 37 20.60 -20.20 3.67
N PHE C 38 19.70 -20.02 4.64
CA PHE C 38 18.53 -20.90 4.73
C PHE C 38 17.68 -20.83 3.45
N VAL C 39 17.32 -19.63 3.04
CA VAL C 39 16.45 -19.48 1.86
C VAL C 39 17.14 -20.01 0.62
N SER C 40 18.43 -19.72 0.45
CA SER C 40 19.16 -20.22 -0.70
C SER C 40 19.21 -21.74 -0.71
N TYR C 41 19.44 -22.36 0.44
CA TYR C 41 19.50 -23.82 0.47
C TYR C 41 18.15 -24.43 0.09
N ILE C 42 17.05 -23.85 0.58
CA ILE C 42 15.75 -24.40 0.22
C ILE C 42 15.51 -24.29 -1.29
N LEU C 43 15.88 -23.15 -1.88
CA LEU C 43 15.69 -23.01 -3.33
C LEU C 43 16.54 -24.00 -4.10
N TYR C 44 17.78 -24.23 -3.65
CA TYR C 44 18.63 -25.23 -4.30
C TYR C 44 18.01 -26.61 -4.20
N THR C 45 17.45 -26.97 -3.04
CA THR C 45 16.79 -28.27 -2.90
C THR C 45 15.62 -28.39 -3.86
N ILE C 46 14.82 -27.35 -3.98
CA ILE C 46 13.65 -27.40 -4.87
C ILE C 46 14.09 -27.59 -6.31
N ILE C 47 15.16 -26.90 -6.72
CA ILE C 47 15.64 -27.09 -8.09
C ILE C 47 16.19 -28.49 -8.29
N TYR C 48 16.88 -29.04 -7.28
CA TYR C 48 17.56 -30.32 -7.46
C TYR C 48 16.61 -31.51 -7.45
N ASN C 49 15.59 -31.50 -6.61
CA ASN C 49 14.70 -32.65 -6.49
C ASN C 49 13.43 -32.56 -7.33
N TYR C 50 12.75 -31.43 -7.33
CA TYR C 50 11.37 -31.33 -7.79
C TYR C 50 11.26 -30.62 -9.12
N SER C 51 12.20 -30.86 -10.02
CA SER C 51 12.17 -30.30 -11.36
C SER C 51 11.64 -31.36 -12.31
N ASN C 52 10.45 -31.11 -12.87
CA ASN C 52 9.77 -32.09 -13.71
C ASN C 52 9.53 -33.39 -12.95
N ALA C 53 8.77 -33.28 -11.87
CA ALA C 53 8.50 -34.40 -10.99
C ALA C 53 7.20 -35.07 -11.38
N THR C 54 7.18 -36.39 -11.25
CA THR C 54 6.01 -37.17 -11.64
C THR C 54 4.88 -37.06 -10.63
N ILE C 55 5.21 -36.97 -9.34
CA ILE C 55 4.21 -36.96 -8.27
C ILE C 55 4.04 -35.54 -7.77
N VAL C 56 2.79 -35.10 -7.67
CA VAL C 56 2.46 -33.76 -7.20
C VAL C 56 1.61 -33.88 -5.95
N HIS C 57 2.07 -33.25 -4.87
CA HIS C 57 1.38 -33.31 -3.58
C HIS C 57 0.47 -32.10 -3.49
N LYS C 58 -0.77 -32.26 -3.97
CA LYS C 58 -1.73 -31.18 -4.02
C LYS C 58 -2.65 -31.17 -2.82
N TYR C 59 -2.27 -31.84 -1.74
CA TYR C 59 -3.07 -31.87 -0.53
C TYR C 59 -2.30 -31.42 0.71
N MET C 60 -1.05 -30.99 0.56
CA MET C 60 -0.30 -30.38 1.66
C MET C 60 -0.49 -28.88 1.55
N ASN C 61 -1.60 -28.38 2.10
CA ASN C 61 -1.94 -26.97 1.89
C ASN C 61 -2.21 -26.18 3.17
N HIS C 62 -2.29 -26.81 4.35
CA HIS C 62 -2.65 -26.06 5.55
C HIS C 62 -1.47 -25.89 6.48
N GLY C 63 -0.94 -26.98 7.04
CA GLY C 63 0.07 -26.83 8.08
C GLY C 63 -0.53 -26.28 9.36
N GLN C 64 -0.05 -26.68 10.51
CA GLN C 64 -0.47 -25.86 11.64
C GLN C 64 0.67 -25.53 12.58
N LEU C 65 1.67 -26.40 12.69
CA LEU C 65 2.80 -26.13 13.55
C LEU C 65 3.87 -25.31 12.85
N ILE C 66 4.06 -25.53 11.55
CA ILE C 66 5.13 -24.83 10.85
C ILE C 66 4.83 -23.34 10.74
N GLU C 67 3.55 -22.97 10.73
CA GLU C 67 3.18 -21.57 10.73
C GLU C 67 3.33 -20.89 12.09
N ILE C 68 3.25 -21.65 13.18
CA ILE C 68 3.67 -21.09 14.47
C ILE C 68 5.15 -20.74 14.42
N VAL C 69 5.95 -21.59 13.79
CA VAL C 69 7.40 -21.46 13.88
C VAL C 69 7.98 -20.44 12.92
N TRP C 70 7.40 -20.26 11.73
CA TRP C 70 7.87 -19.13 10.95
C TRP C 70 7.14 -17.83 11.28
N THR C 71 6.42 -17.80 12.39
CA THR C 71 5.95 -16.54 12.97
C THR C 71 6.66 -16.19 14.27
N THR C 72 7.13 -17.18 15.02
CA THR C 72 7.80 -16.90 16.30
C THR C 72 9.30 -16.68 16.18
N LEU C 73 9.99 -17.39 15.31
CA LEU C 73 11.45 -17.27 15.24
C LEU C 73 11.94 -15.88 14.83
N PRO C 74 11.43 -15.26 13.77
CA PRO C 74 11.85 -13.88 13.46
C PRO C 74 11.61 -12.91 14.59
N ALA C 75 10.58 -13.13 15.42
CA ALA C 75 10.37 -12.26 16.56
C ALA C 75 11.53 -12.33 17.55
N VAL C 76 12.00 -13.53 17.86
CA VAL C 76 13.11 -13.65 18.81
C VAL C 76 14.38 -13.07 18.20
N ILE C 77 14.55 -13.24 16.89
CA ILE C 77 15.70 -12.60 16.23
C ILE C 77 15.62 -11.08 16.39
N LEU C 78 14.44 -10.51 16.18
CA LEU C 78 14.29 -9.06 16.27
C LEU C 78 14.57 -8.57 17.68
N LEU C 79 14.08 -9.29 18.69
CA LEU C 79 14.32 -8.86 20.07
C LEU C 79 15.80 -8.94 20.44
N ILE C 80 16.47 -10.03 20.01
CA ILE C 80 17.90 -10.16 20.26
C ILE C 80 18.68 -9.02 19.62
N ILE C 81 18.32 -8.65 18.38
CA ILE C 81 19.01 -7.53 17.74
C ILE C 81 18.68 -6.22 18.43
N ALA C 82 17.44 -6.07 18.91
CA ALA C 82 16.99 -4.78 19.41
C ALA C 82 17.59 -4.43 20.76
N PHE C 83 17.96 -5.43 21.56
CA PHE C 83 18.60 -5.15 22.84
C PHE C 83 19.87 -4.31 22.69
N PRO C 84 20.90 -4.75 21.98
CA PRO C 84 22.13 -3.96 21.87
C PRO C 84 21.95 -2.60 21.23
N SER C 85 21.03 -2.50 20.27
CA SER C 85 20.79 -1.21 19.62
C SER C 85 20.27 -0.19 20.63
N PHE C 86 19.36 -0.61 21.50
CA PHE C 86 18.87 0.30 22.53
C PHE C 86 19.96 0.68 23.51
N ILE C 87 20.82 -0.26 23.91
CA ILE C 87 21.92 0.12 24.81
C ILE C 87 22.83 1.14 24.15
N LEU C 88 23.22 0.89 22.90
CA LEU C 88 24.12 1.83 22.22
C LEU C 88 23.46 3.18 22.06
N LEU C 89 22.15 3.19 21.84
CA LEU C 89 21.44 4.45 21.66
C LEU C 89 21.44 5.27 22.94
N TYR C 90 21.06 4.66 24.06
CA TYR C 90 20.89 5.43 25.29
C TYR C 90 22.20 5.72 26.00
N LEU C 91 23.21 4.87 25.85
CA LEU C 91 24.42 5.03 26.64
C LEU C 91 25.34 6.10 26.06
N CYS C 92 25.78 5.91 24.82
CA CYS C 92 26.81 6.75 24.23
C CYS C 92 26.26 8.15 23.97
N ASP C 93 26.76 9.13 24.72
CA ASP C 93 26.50 10.54 24.46
C ASP C 93 27.41 11.34 25.39
N GLU C 94 27.28 12.67 25.33
CA GLU C 94 28.07 13.56 26.17
C GLU C 94 27.48 13.59 27.58
N VAL C 95 27.81 12.54 28.34
CA VAL C 95 27.22 12.37 29.67
C VAL C 95 27.77 13.42 30.64
N ILE C 96 29.08 13.66 30.62
CA ILE C 96 29.72 14.48 31.64
C ILE C 96 30.71 15.44 30.99
N SER C 97 30.62 16.72 31.36
CA SER C 97 31.65 17.74 31.16
C SER C 97 32.14 17.86 29.72
N PRO C 98 31.35 18.42 28.82
CA PRO C 98 31.91 18.82 27.51
C PRO C 98 33.03 19.84 27.71
N ALA C 99 34.12 19.65 26.97
CA ALA C 99 35.35 20.38 27.24
C ALA C 99 35.74 21.39 26.16
N MET C 100 35.07 21.38 25.01
CA MET C 100 35.39 22.34 23.97
C MET C 100 34.20 22.47 23.04
N THR C 101 33.96 23.68 22.56
CA THR C 101 32.79 23.96 21.73
C THR C 101 33.23 24.64 20.45
N ILE C 102 32.81 24.09 19.32
CA ILE C 102 33.12 24.63 18.00
C ILE C 102 31.81 24.84 17.26
N LYS C 103 31.61 26.05 16.75
CA LYS C 103 30.43 26.37 15.95
C LYS C 103 30.80 26.31 14.48
N ALA C 104 30.10 25.48 13.72
CA ALA C 104 30.39 25.26 12.32
C ALA C 104 29.19 25.70 11.49
N ILE C 105 29.20 26.94 11.03
CA ILE C 105 28.14 27.46 10.17
C ILE C 105 28.41 26.99 8.75
N GLY C 106 27.38 26.49 8.10
CA GLY C 106 27.51 26.10 6.72
C GLY C 106 26.87 27.12 5.80
N LEU C 107 27.68 27.95 5.17
CA LEU C 107 27.19 28.88 4.16
C LEU C 107 26.98 28.12 2.86
N GLN C 108 26.78 28.83 1.76
CA GLN C 108 26.34 28.22 0.52
C GLN C 108 27.28 27.12 0.05
N TRP C 109 28.52 27.47 -0.29
CA TRP C 109 29.48 26.49 -0.79
C TRP C 109 30.83 26.66 -0.13
N TYR C 110 30.84 26.85 1.19
CA TYR C 110 32.05 26.79 1.99
C TYR C 110 31.63 26.80 3.45
N TRP C 111 32.59 26.56 4.35
CA TRP C 111 32.28 26.43 5.76
C TRP C 111 32.88 27.58 6.55
N LYS C 112 32.27 27.91 7.67
CA LYS C 112 32.75 28.96 8.56
C LYS C 112 32.87 28.40 9.96
N TYR C 113 34.02 28.62 10.59
CA TYR C 113 34.35 27.99 11.87
C TYR C 113 34.60 29.06 12.92
N GLU C 114 33.90 28.94 14.05
CA GLU C 114 34.08 29.80 15.21
C GLU C 114 34.42 28.94 16.42
N TYR C 115 35.35 29.41 17.23
CA TYR C 115 35.74 28.72 18.45
C TYR C 115 35.15 29.51 19.60
N SER C 116 34.10 28.96 20.21
CA SER C 116 33.26 29.72 21.12
C SER C 116 34.01 30.21 22.34
N ASP C 117 35.03 29.49 22.78
CA ASP C 117 35.86 29.95 23.88
C ASP C 117 36.93 30.88 23.33
N PHE C 118 37.94 31.20 24.15
CA PHE C 118 39.10 31.95 23.69
C PHE C 118 38.74 33.38 23.27
N ILE C 119 37.83 34.00 24.01
CA ILE C 119 37.35 35.35 23.72
C ILE C 119 38.06 36.32 24.66
N ASN C 120 38.53 37.44 24.09
CA ASN C 120 39.07 38.53 24.89
C ASN C 120 37.94 39.47 25.29
N ASP C 121 38.30 40.57 25.95
CA ASP C 121 37.29 41.52 26.43
C ASP C 121 36.65 42.31 25.31
N ASP C 122 37.29 42.39 24.13
CA ASP C 122 36.78 43.19 23.04
C ASP C 122 36.09 42.38 21.95
N GLY C 123 36.07 41.05 22.06
CA GLY C 123 35.41 40.23 21.07
C GLY C 123 36.32 39.84 19.91
N GLU C 124 37.45 39.21 20.24
CA GLU C 124 38.42 38.76 19.26
C GLU C 124 38.35 37.25 19.02
N ILE C 125 37.14 36.69 18.96
CA ILE C 125 36.98 35.24 18.87
C ILE C 125 37.66 34.71 17.63
N VAL C 126 38.44 33.64 17.80
CA VAL C 126 39.17 33.05 16.68
C VAL C 126 38.18 32.41 15.71
N GLU C 127 38.28 32.78 14.45
CA GLU C 127 37.31 32.35 13.46
C GLU C 127 37.97 32.36 12.09
N PHE C 128 37.52 31.46 11.23
CA PHE C 128 38.02 31.46 9.86
C PHE C 128 37.03 30.78 8.93
N GLU C 129 37.43 30.63 7.68
CA GLU C 129 36.59 30.12 6.63
C GLU C 129 37.34 29.06 5.84
N SER C 130 36.71 27.92 5.60
CA SER C 130 37.31 26.82 4.89
C SER C 130 36.67 26.69 3.51
N TYR C 131 37.51 26.76 2.47
CA TYR C 131 37.13 26.60 1.07
C TYR C 131 37.67 25.29 0.54
N VAL C 132 37.53 25.10 -0.77
CA VAL C 132 38.04 23.94 -1.47
C VAL C 132 39.10 24.39 -2.46
N ILE C 133 40.25 23.71 -2.46
CA ILE C 133 41.33 24.04 -3.38
C ILE C 133 40.98 23.54 -4.77
N PRO C 134 40.91 24.41 -5.77
CA PRO C 134 40.59 23.96 -7.13
C PRO C 134 41.70 23.08 -7.69
N GLU C 135 41.34 22.33 -8.73
CA GLU C 135 42.27 21.40 -9.35
C GLU C 135 43.46 22.11 -9.97
N GLU C 136 43.24 23.27 -10.59
CA GLU C 136 44.31 23.95 -11.30
C GLU C 136 45.39 24.45 -10.34
N LEU C 137 45.07 24.62 -9.06
CA LEU C 137 46.00 25.16 -8.08
C LEU C 137 46.51 24.11 -7.10
N LEU C 138 46.23 22.83 -7.32
CA LEU C 138 46.68 21.81 -6.39
C LEU C 138 48.20 21.70 -6.41
N GLU C 139 48.77 21.43 -5.24
CA GLU C 139 50.20 21.20 -5.13
C GLU C 139 50.50 19.73 -5.39
N ASP C 140 51.77 19.35 -5.28
CA ASP C 140 52.18 18.00 -5.61
C ASP C 140 51.74 17.05 -4.51
N GLY C 141 50.76 16.20 -4.82
CA GLY C 141 50.33 15.16 -3.91
C GLY C 141 49.09 15.47 -3.10
N GLN C 142 48.42 16.58 -3.36
CA GLN C 142 47.22 16.91 -2.60
C GLN C 142 46.00 16.25 -3.24
N LEU C 143 45.14 15.71 -2.39
CA LEU C 143 43.97 14.97 -2.85
C LEU C 143 42.99 15.91 -3.54
N ARG C 144 42.36 15.44 -4.61
CA ARG C 144 41.43 16.26 -5.36
C ARG C 144 40.02 16.18 -4.79
N LEU C 145 39.39 17.34 -4.66
CA LEU C 145 38.03 17.50 -4.15
C LEU C 145 37.90 17.16 -2.67
N LEU C 146 39.01 17.02 -1.96
CA LEU C 146 38.97 16.76 -0.52
C LEU C 146 39.89 17.65 0.30
N ASP C 147 40.70 18.50 -0.32
CA ASP C 147 41.72 19.24 0.41
C ASP C 147 41.30 20.70 0.51
N VAL C 148 41.29 21.22 1.73
CA VAL C 148 40.85 22.58 2.02
C VAL C 148 42.06 23.44 2.37
N ASP C 149 41.91 24.75 2.16
CA ASP C 149 43.01 25.66 2.42
C ASP C 149 43.27 25.87 3.91
N ALA C 150 42.21 25.93 4.72
CA ALA C 150 42.33 26.04 6.17
C ALA C 150 41.60 24.87 6.81
N SER C 151 42.27 24.19 7.73
CA SER C 151 41.77 22.95 8.29
C SER C 151 41.45 23.11 9.75
N VAL C 152 40.40 22.41 10.20
CA VAL C 152 40.06 22.42 11.62
C VAL C 152 41.17 21.71 12.38
N VAL C 153 41.56 22.27 13.52
CA VAL C 153 42.61 21.69 14.35
C VAL C 153 42.06 21.46 15.75
N VAL C 154 42.32 20.28 16.31
CA VAL C 154 41.84 19.96 17.65
C VAL C 154 42.87 19.14 18.39
N PRO C 155 42.85 19.21 19.71
CA PRO C 155 43.69 18.34 20.53
C PRO C 155 43.11 16.94 20.59
N VAL C 156 43.98 15.99 20.90
CA VAL C 156 43.58 14.60 21.06
C VAL C 156 43.25 14.34 22.52
N ASP C 157 42.25 13.48 22.75
CA ASP C 157 41.82 13.09 24.08
C ASP C 157 41.09 14.22 24.81
N THR C 158 40.32 15.00 24.05
CA THR C 158 39.44 16.01 24.62
C THR C 158 38.10 15.96 23.92
N HIS C 159 37.01 16.03 24.68
CA HIS C 159 35.68 16.07 24.10
C HIS C 159 35.53 17.31 23.23
N ILE C 160 35.02 17.11 22.02
CA ILE C 160 34.73 18.19 21.09
C ILE C 160 33.24 18.18 20.81
N ARG C 161 32.59 19.30 21.03
CA ARG C 161 31.17 19.45 20.76
C ARG C 161 31.00 20.37 19.56
N PHE C 162 30.48 19.82 18.46
CA PHE C 162 30.23 20.59 17.26
C PHE C 162 28.78 21.05 17.28
N ILE C 163 28.58 22.35 17.18
CA ILE C 163 27.25 22.94 17.07
C ILE C 163 27.08 23.40 15.63
N VAL C 164 26.08 22.84 14.95
CA VAL C 164 25.92 22.98 13.51
C VAL C 164 24.65 23.78 13.24
N SER C 165 24.76 24.76 12.34
CA SER C 165 23.63 25.53 11.85
C SER C 165 23.91 25.90 10.39
N SER C 166 22.98 26.62 9.78
CA SER C 166 23.10 26.98 8.38
C SER C 166 22.59 28.39 8.17
N ALA C 167 22.99 28.98 7.04
CA ALA C 167 22.61 30.34 6.71
C ALA C 167 21.81 30.47 5.43
N ASP C 168 21.93 29.51 4.50
CA ASP C 168 21.22 29.58 3.23
C ASP C 168 20.24 28.43 3.04
N VAL C 169 20.71 27.18 3.08
CA VAL C 169 19.93 26.00 2.73
C VAL C 169 20.26 24.90 3.73
N ILE C 170 19.71 23.72 3.50
CA ILE C 170 19.87 22.60 4.41
C ILE C 170 21.14 21.83 4.03
N HIS C 171 22.16 21.89 4.88
CA HIS C 171 23.43 21.22 4.63
C HIS C 171 23.58 20.01 5.53
N ASP C 172 24.73 19.35 5.47
CA ASP C 172 24.99 18.19 6.30
C ASP C 172 26.47 18.11 6.66
N PHE C 173 26.75 18.10 7.96
CA PHE C 173 28.10 18.00 8.51
C PHE C 173 28.43 16.52 8.73
N CYS C 174 29.42 16.00 8.00
CA CYS C 174 29.75 14.58 8.04
C CYS C 174 31.26 14.38 8.07
N VAL C 175 31.70 13.47 8.92
CA VAL C 175 33.08 12.97 8.91
C VAL C 175 33.05 11.47 9.23
N PRO C 176 33.18 10.61 8.22
CA PRO C 176 32.89 9.18 8.44
C PRO C 176 33.71 8.48 9.52
N ALA C 177 35.00 8.79 9.66
CA ALA C 177 35.81 8.06 10.62
C ALA C 177 35.43 8.42 12.05
N LEU C 178 35.14 9.69 12.31
CA LEU C 178 34.77 10.13 13.65
C LEU C 178 33.33 9.80 14.00
N GLY C 179 32.57 9.25 13.07
CA GLY C 179 31.19 8.88 13.37
C GLY C 179 30.27 10.06 13.63
N VAL C 180 30.36 11.10 12.82
CA VAL C 180 29.58 12.33 13.00
C VAL C 180 28.82 12.61 11.71
N LYS C 181 27.50 12.73 11.82
CA LYS C 181 26.66 13.08 10.67
C LYS C 181 25.41 13.78 11.19
N VAL C 182 25.40 15.10 11.13
CA VAL C 182 24.29 15.91 11.63
C VAL C 182 23.88 16.91 10.56
N ASP C 183 22.66 17.40 10.63
CA ASP C 183 22.16 18.31 9.62
C ASP C 183 22.40 19.76 10.03
N ALA C 184 22.29 20.64 9.05
CA ALA C 184 22.42 22.08 9.22
C ALA C 184 21.17 22.70 8.63
N SER C 185 20.14 22.85 9.46
CA SER C 185 18.89 23.44 9.02
C SER C 185 18.97 24.96 9.08
N PRO C 186 18.09 25.63 8.33
CA PRO C 186 18.20 27.10 8.23
C PRO C 186 17.79 27.84 9.48
N GLY C 187 17.10 27.21 10.42
CA GLY C 187 16.61 27.95 11.57
C GLY C 187 16.72 27.25 12.91
N ARG C 188 17.65 26.32 13.05
CA ARG C 188 17.80 25.59 14.30
C ARG C 188 19.26 25.23 14.51
N LEU C 189 19.60 24.95 15.76
CA LEU C 189 20.95 24.59 16.16
C LEU C 189 20.98 23.12 16.53
N ASN C 190 21.80 22.34 15.83
CA ASN C 190 22.00 20.94 16.16
C ASN C 190 23.35 20.78 16.83
N GLN C 191 23.56 19.64 17.49
CA GLN C 191 24.81 19.41 18.19
C GLN C 191 25.20 17.95 18.18
N THR C 192 26.48 17.68 17.96
CA THR C 192 27.05 16.34 18.02
C THR C 192 28.36 16.40 18.79
N SER C 193 28.86 15.25 19.18
CA SER C 193 30.03 15.17 20.03
C SER C 193 30.98 14.11 19.53
N ALA C 194 32.27 14.28 19.84
CA ALA C 194 33.27 13.34 19.39
C ALA C 194 34.48 13.38 20.31
N LEU C 195 35.12 12.22 20.46
CA LEU C 195 36.39 12.09 21.17
C LEU C 195 37.37 11.36 20.26
N ILE C 196 38.52 11.97 20.02
CA ILE C 196 39.53 11.45 19.10
C ILE C 196 40.65 10.83 19.91
N GLN C 197 41.06 9.62 19.52
CA GLN C 197 41.99 8.83 20.31
C GLN C 197 43.39 8.79 19.73
N ARG C 198 43.59 9.20 18.49
CA ARG C 198 44.91 9.23 17.88
C ARG C 198 45.04 10.42 16.96
N GLU C 199 46.28 10.82 16.72
CA GLU C 199 46.56 11.95 15.85
C GLU C 199 46.60 11.53 14.39
N GLY C 200 46.09 12.40 13.53
CA GLY C 200 46.02 12.11 12.10
C GLY C 200 45.19 13.15 11.38
N VAL C 201 44.83 12.83 10.14
CA VAL C 201 44.00 13.69 9.30
C VAL C 201 42.75 12.93 8.92
N TYR C 202 41.59 13.58 9.06
CA TYR C 202 40.31 12.95 8.79
C TYR C 202 39.52 13.83 7.84
N TYR C 203 39.03 13.23 6.75
CA TYR C 203 38.38 13.93 5.67
C TYR C 203 36.91 13.54 5.61
N GLY C 204 36.10 14.47 5.13
CA GLY C 204 34.68 14.23 5.01
C GLY C 204 34.07 15.13 3.97
N GLN C 205 32.78 14.93 3.75
CA GLN C 205 32.06 15.62 2.69
C GLN C 205 30.64 15.91 3.15
N CYS C 206 30.00 16.86 2.48
CA CYS C 206 28.62 17.19 2.81
C CYS C 206 27.68 16.10 2.31
N SER C 207 26.46 16.08 2.85
CA SER C 207 25.50 15.06 2.50
C SER C 207 24.26 15.61 1.80
N GLU C 208 23.54 16.55 2.41
CA GLU C 208 22.26 16.97 1.83
C GLU C 208 22.48 17.84 0.59
N LEU C 209 21.65 17.61 -0.41
CA LEU C 209 21.76 18.33 -1.68
C LEU C 209 21.50 19.83 -1.48
N CYS C 210 22.32 20.65 -2.12
CA CYS C 210 22.17 22.09 -2.01
C CYS C 210 22.33 22.86 -3.30
N GLY C 211 22.58 22.20 -4.43
CA GLY C 211 22.61 22.95 -5.67
C GLY C 211 23.78 22.63 -6.56
N VAL C 212 24.38 23.67 -7.15
CA VAL C 212 25.41 23.49 -8.15
C VAL C 212 26.66 22.87 -7.54
N MET C 213 27.25 23.55 -6.57
CA MET C 213 28.53 23.11 -6.01
C MET C 213 28.30 22.27 -4.76
N HIS C 214 27.54 21.21 -4.93
CA HIS C 214 27.35 20.21 -3.88
C HIS C 214 28.51 19.26 -3.77
N SER C 215 29.22 19.01 -4.86
CA SER C 215 30.29 18.02 -4.86
C SER C 215 31.62 18.59 -4.38
N ALA C 216 31.68 19.87 -4.01
CA ALA C 216 32.90 20.48 -3.50
C ALA C 216 32.59 21.36 -2.29
N MET C 217 32.59 20.75 -1.10
CA MET C 217 32.68 21.47 0.16
C MET C 217 33.33 20.58 1.21
N PRO C 218 34.58 20.18 1.04
CA PRO C 218 35.14 19.16 1.92
C PRO C 218 35.34 19.66 3.34
N ILE C 219 35.41 18.70 4.27
CA ILE C 219 35.68 18.97 5.68
C ILE C 219 36.97 18.26 6.05
N LYS C 220 37.83 18.93 6.80
CA LYS C 220 39.13 18.37 7.15
C LYS C 220 39.48 18.68 8.59
N ILE C 221 39.81 17.63 9.34
CA ILE C 221 40.12 17.75 10.76
C ILE C 221 41.50 17.17 11.02
N GLU C 222 42.33 17.89 11.76
CA GLU C 222 43.59 17.39 12.26
C GLU C 222 43.53 17.28 13.78
N ALA C 223 44.16 16.24 14.30
CA ALA C 223 44.22 16.00 15.74
C ALA C 223 45.69 16.11 16.14
N VAL C 224 46.11 17.31 16.52
CA VAL C 224 47.47 17.53 16.95
C VAL C 224 47.56 17.38 18.46
N SER C 225 48.77 17.20 18.96
CA SER C 225 48.97 17.13 20.40
C SER C 225 48.64 18.46 21.05
N LEU C 226 48.64 18.47 22.38
CA LEU C 226 48.23 19.68 23.10
C LEU C 226 49.24 20.81 22.89
N TYR C 227 50.53 20.48 22.85
CA TYR C 227 51.54 21.51 22.63
C TYR C 227 51.42 22.15 21.25
N GLU C 228 51.26 21.32 20.21
CA GLU C 228 51.08 21.87 18.88
C GLU C 228 49.79 22.67 18.77
N PHE C 229 48.75 22.27 19.51
CA PHE C 229 47.53 23.05 19.57
C PHE C 229 47.78 24.43 20.17
N ILE C 230 48.56 24.49 21.25
CA ILE C 230 48.85 25.78 21.87
C ILE C 230 49.67 26.66 20.93
N ASN C 231 50.67 26.07 20.26
CA ASN C 231 51.45 26.84 19.29
C ASN C 231 50.58 27.36 18.15
N TRP C 232 49.69 26.51 17.63
CA TRP C 232 48.81 26.93 16.55
C TRP C 232 47.87 28.03 16.99
N LEU C 233 47.33 27.92 18.20
CA LEU C 233 46.38 28.90 18.71
C LEU C 233 47.05 30.21 19.08
N ASP C 234 48.35 30.19 19.41
CA ASP C 234 49.09 31.40 19.72
C ASP C 234 49.61 32.09 18.47
N GLU C 235 49.18 31.65 17.29
CA GLU C 235 49.50 32.30 16.03
C GLU C 235 48.27 32.84 15.33
N GLN C 236 47.12 32.19 15.47
CA GLN C 236 45.88 32.64 14.83
C GLN C 236 45.29 33.83 15.56
N MET D 1 -35.31 -16.90 -13.26
CA MET D 1 -34.86 -16.66 -14.63
C MET D 1 -35.71 -17.44 -15.62
N ARG D 2 -36.89 -17.88 -15.19
CA ARG D 2 -37.83 -18.58 -16.06
C ARG D 2 -39.08 -17.74 -16.35
N ILE D 3 -39.01 -16.43 -16.14
CA ILE D 3 -40.03 -15.53 -16.66
C ILE D 3 -40.07 -15.69 -18.17
N GLN D 4 -41.23 -15.44 -18.77
CA GLN D 4 -41.52 -15.91 -20.12
C GLN D 4 -40.56 -15.38 -21.18
N ASN D 5 -40.60 -14.09 -21.46
CA ASN D 5 -39.71 -13.49 -22.45
C ASN D 5 -38.65 -12.67 -21.72
N ARG D 6 -37.61 -13.35 -21.25
CA ARG D 6 -36.61 -12.71 -20.43
C ARG D 6 -35.39 -12.24 -21.22
N GLU D 7 -35.16 -12.79 -22.41
CA GLU D 7 -34.01 -12.40 -23.20
C GLU D 7 -34.17 -11.02 -23.82
N ASN D 8 -35.36 -10.43 -23.77
CA ASN D 8 -35.58 -9.11 -24.33
C ASN D 8 -35.10 -7.99 -23.40
N LEU D 9 -34.65 -8.33 -22.20
CA LEU D 9 -34.12 -7.35 -21.27
C LEU D 9 -32.77 -7.85 -20.76
N GLN D 10 -32.02 -6.93 -20.19
CA GLN D 10 -30.70 -7.23 -19.67
C GLN D 10 -30.81 -8.22 -18.51
N LEU D 11 -29.81 -9.10 -18.41
CA LEU D 11 -29.80 -10.13 -17.38
C LEU D 11 -29.05 -9.71 -16.12
N PHE D 12 -28.44 -8.54 -16.08
CA PHE D 12 -27.70 -8.11 -14.91
C PHE D 12 -28.03 -6.66 -14.60
N PRO D 13 -28.03 -6.26 -13.34
CA PRO D 13 -28.55 -4.94 -12.95
C PRO D 13 -27.50 -3.84 -12.92
N PHE D 14 -26.74 -3.72 -14.01
CA PHE D 14 -25.62 -2.80 -14.04
C PHE D 14 -25.70 -1.95 -15.29
N HIS D 15 -25.05 -0.79 -15.24
CA HIS D 15 -25.19 0.24 -16.25
C HIS D 15 -23.99 0.20 -17.18
N LEU D 16 -24.24 -0.09 -18.45
CA LEU D 16 -23.22 -0.04 -19.50
C LEU D 16 -23.33 1.31 -20.16
N VAL D 17 -22.43 2.23 -19.80
CA VAL D 17 -22.53 3.61 -20.23
C VAL D 17 -22.23 3.70 -21.72
N THR D 18 -22.87 4.65 -22.39
CA THR D 18 -22.58 4.89 -23.79
C THR D 18 -21.30 5.71 -23.92
N ASN D 19 -20.76 5.73 -25.14
CA ASN D 19 -19.54 6.46 -25.41
C ASN D 19 -19.74 7.94 -25.20
N SER D 20 -18.81 8.58 -24.50
CA SER D 20 -18.96 9.98 -24.13
C SER D 20 -17.67 10.74 -24.35
N PRO D 21 -17.77 12.01 -24.76
CA PRO D 21 -16.56 12.81 -25.05
C PRO D 21 -16.05 13.69 -23.92
N TRP D 22 -16.61 13.62 -22.72
CA TRP D 22 -16.27 14.57 -21.67
C TRP D 22 -14.92 14.32 -20.99
N PRO D 23 -14.49 13.08 -20.78
CA PRO D 23 -13.15 12.87 -20.20
C PRO D 23 -12.01 13.56 -20.94
N LEU D 24 -11.93 13.38 -22.26
CA LEU D 24 -10.85 13.98 -23.03
C LEU D 24 -10.90 15.50 -22.96
N THR D 25 -12.10 16.08 -23.06
CA THR D 25 -12.22 17.53 -23.04
C THR D 25 -11.83 18.11 -21.69
N THR D 26 -12.25 17.45 -20.59
CA THR D 26 -11.83 17.92 -19.28
C THR D 26 -10.32 17.81 -19.12
N SER D 27 -9.72 16.74 -19.65
CA SER D 27 -8.27 16.60 -19.58
C SER D 27 -7.57 17.74 -20.31
N LEU D 28 -8.05 18.08 -21.51
CA LEU D 28 -7.45 19.19 -22.25
C LEU D 28 -7.62 20.51 -21.50
N ALA D 29 -8.79 20.74 -20.89
CA ALA D 29 -9.01 21.98 -20.16
C ALA D 29 -8.07 22.09 -18.97
N LEU D 30 -7.89 21.00 -18.21
CA LEU D 30 -6.95 21.05 -17.09
C LEU D 30 -5.52 21.24 -17.56
N MET D 31 -5.16 20.63 -18.70
CA MET D 31 -3.81 20.82 -19.24
C MET D 31 -3.56 22.28 -19.57
N SER D 32 -4.53 22.92 -20.25
CA SER D 32 -4.38 24.32 -20.59
C SER D 32 -4.31 25.19 -19.34
N LEU D 33 -5.16 24.91 -18.36
CA LEU D 33 -5.15 25.68 -17.13
C LEU D 33 -3.80 25.57 -16.41
N ALA D 34 -3.25 24.36 -16.33
CA ALA D 34 -1.98 24.16 -15.63
C ALA D 34 -0.85 24.91 -16.33
N LEU D 35 -0.74 24.74 -17.66
CA LEU D 35 0.33 25.43 -18.37
C LEU D 35 0.18 26.96 -18.28
N THR D 36 -1.04 27.47 -18.47
CA THR D 36 -1.23 28.92 -18.45
C THR D 36 -0.96 29.49 -17.07
N LEU D 37 -1.39 28.81 -16.00
CA LEU D 37 -1.13 29.33 -14.67
C LEU D 37 0.35 29.26 -14.33
N GLY D 38 1.03 28.19 -14.74
CA GLY D 38 2.45 28.11 -14.49
C GLY D 38 3.25 29.15 -15.24
N LEU D 39 2.76 29.58 -16.40
CA LEU D 39 3.47 30.61 -17.14
C LEU D 39 3.15 32.03 -16.68
N THR D 40 1.87 32.36 -16.48
CA THR D 40 1.46 33.73 -16.20
C THR D 40 2.10 34.30 -14.95
N MET D 41 2.33 33.49 -13.93
CA MET D 41 2.90 33.98 -12.68
C MET D 41 4.37 34.35 -12.78
N HIS D 42 5.03 34.02 -13.89
CA HIS D 42 6.44 34.31 -14.09
C HIS D 42 6.68 35.09 -15.38
N GLY D 43 5.71 35.88 -15.80
CA GLY D 43 5.82 36.54 -17.09
C GLY D 43 5.21 35.71 -18.21
N TYR D 44 5.69 35.98 -19.42
CA TYR D 44 5.44 35.13 -20.59
C TYR D 44 4.03 35.20 -21.15
N ILE D 45 3.08 35.82 -20.44
CA ILE D 45 1.72 35.89 -20.95
C ILE D 45 1.26 37.34 -20.99
N GLY D 46 1.35 38.02 -19.87
CA GLY D 46 0.94 39.41 -19.81
C GLY D 46 -0.53 39.58 -19.51
N ASN D 47 -1.38 39.17 -20.43
CA ASN D 47 -2.82 39.31 -20.25
C ASN D 47 -3.34 38.20 -19.34
N HIS D 48 -4.41 38.51 -18.60
CA HIS D 48 -4.98 37.58 -17.63
C HIS D 48 -6.26 36.92 -18.11
N LEU D 49 -6.66 37.14 -19.36
CA LEU D 49 -7.94 36.64 -19.85
C LEU D 49 -7.88 35.20 -20.31
N TRP D 50 -6.71 34.57 -20.26
CA TRP D 50 -6.59 33.16 -20.64
C TRP D 50 -6.82 32.22 -19.47
N LEU D 51 -6.34 32.61 -18.29
CA LEU D 51 -6.59 31.83 -17.07
C LEU D 51 -8.08 31.71 -16.79
N PHE D 52 -8.81 32.81 -16.91
CA PHE D 52 -10.24 32.78 -16.63
C PHE D 52 -10.98 31.91 -17.65
N LEU D 53 -10.57 31.97 -18.91
CA LEU D 53 -11.16 31.10 -19.92
C LEU D 53 -10.91 29.64 -19.59
N ALA D 54 -9.71 29.31 -19.13
CA ALA D 54 -9.43 27.93 -18.75
C ALA D 54 -10.32 27.47 -17.60
N ILE D 55 -10.47 28.31 -16.57
CA ILE D 55 -11.32 27.96 -15.44
C ILE D 55 -12.76 27.74 -15.90
N SER D 56 -13.25 28.62 -16.76
CA SER D 56 -14.62 28.51 -17.24
C SER D 56 -14.81 27.23 -18.05
N LEU D 57 -13.81 26.86 -18.85
CA LEU D 57 -13.92 25.63 -19.63
C LEU D 57 -13.97 24.41 -18.72
N VAL D 58 -13.17 24.40 -17.65
CA VAL D 58 -13.22 23.28 -16.70
C VAL D 58 -14.61 23.16 -16.08
N LEU D 59 -15.16 24.29 -15.63
CA LEU D 59 -16.48 24.24 -15.00
C LEU D 59 -17.56 23.80 -15.97
N SER D 60 -17.50 24.30 -17.21
CA SER D 60 -18.48 23.90 -18.21
C SER D 60 -18.40 22.40 -18.49
N SER D 61 -17.19 21.86 -18.50
CA SER D 61 -17.04 20.42 -18.70
C SER D 61 -17.72 19.64 -17.60
N ILE D 62 -17.55 20.06 -16.34
CA ILE D 62 -18.19 19.35 -15.24
C ILE D 62 -19.71 19.41 -15.37
N PHE D 63 -20.24 20.59 -15.71
CA PHE D 63 -21.69 20.73 -15.85
C PHE D 63 -22.23 19.84 -16.98
N LEU D 64 -21.48 19.73 -18.08
CA LEU D 64 -21.95 18.89 -19.16
C LEU D 64 -21.83 17.41 -18.83
N TRP D 65 -20.89 17.02 -17.97
CA TRP D 65 -20.95 15.67 -17.38
C TRP D 65 -22.27 15.45 -16.68
N VAL D 66 -22.63 16.39 -15.80
CA VAL D 66 -23.78 16.19 -14.94
C VAL D 66 -25.09 16.15 -15.73
N ARG D 67 -25.13 16.84 -16.88
CA ARG D 67 -26.33 16.73 -17.72
C ARG D 67 -26.61 15.29 -18.11
N ASP D 68 -25.59 14.60 -18.62
CA ASP D 68 -25.76 13.20 -18.96
C ASP D 68 -26.03 12.35 -17.74
N VAL D 69 -25.38 12.64 -16.61
CA VAL D 69 -25.64 11.83 -15.43
C VAL D 69 -27.07 11.98 -14.92
N VAL D 70 -27.72 13.10 -15.22
CA VAL D 70 -29.14 13.27 -14.88
C VAL D 70 -30.06 12.65 -15.92
N ILE D 71 -29.73 12.80 -17.20
CA ILE D 71 -30.55 12.17 -18.24
C ILE D 71 -30.53 10.66 -18.16
N GLU D 72 -29.41 10.06 -17.78
CA GLU D 72 -29.31 8.61 -17.71
C GLU D 72 -30.04 8.03 -16.51
N GLY D 73 -30.59 8.87 -15.65
CA GLY D 73 -31.29 8.38 -14.48
C GLY D 73 -32.74 8.80 -14.39
N THR D 74 -33.09 9.96 -14.94
CA THR D 74 -34.48 10.42 -14.85
C THR D 74 -35.28 10.23 -16.12
N TYR D 75 -34.63 10.02 -17.27
CA TYR D 75 -35.33 9.86 -18.53
C TYR D 75 -35.15 8.46 -19.11
N LEU D 76 -33.92 7.98 -19.19
CA LEU D 76 -33.68 6.64 -19.70
C LEU D 76 -34.03 5.59 -18.66
N GLY D 77 -33.78 5.89 -17.39
CA GLY D 77 -34.15 4.98 -16.33
C GLY D 77 -33.20 3.83 -16.12
N ASP D 78 -31.90 4.11 -16.05
CA ASP D 78 -30.90 3.11 -15.75
C ASP D 78 -30.28 3.46 -14.40
N HIS D 79 -30.98 3.12 -13.33
CA HIS D 79 -30.49 3.27 -11.96
C HIS D 79 -31.30 2.28 -11.12
N THR D 80 -30.71 1.11 -10.89
CA THR D 80 -31.38 0.08 -10.11
C THR D 80 -30.93 0.18 -8.66
N ILE D 81 -31.28 -0.85 -7.86
CA ILE D 81 -30.87 -0.86 -6.47
C ILE D 81 -29.37 -1.07 -6.34
N ALA D 82 -28.72 -1.64 -7.35
CA ALA D 82 -27.29 -1.84 -7.32
C ALA D 82 -26.52 -0.57 -7.68
N VAL D 83 -26.93 0.10 -8.76
CA VAL D 83 -26.22 1.28 -9.22
C VAL D 83 -26.32 2.40 -8.20
N ARG D 84 -27.49 2.53 -7.56
CA ARG D 84 -27.65 3.54 -6.52
C ARG D 84 -26.70 3.30 -5.35
N LYS D 85 -26.57 2.05 -4.93
CA LYS D 85 -25.66 1.73 -3.84
C LYS D 85 -24.22 2.05 -4.21
N GLY D 86 -23.84 1.73 -5.45
CA GLY D 86 -22.50 2.06 -5.90
C GLY D 86 -22.23 3.55 -5.89
N LEU D 87 -23.21 4.34 -6.35
CA LEU D 87 -23.04 5.79 -6.36
C LEU D 87 -22.87 6.33 -4.94
N ASN D 88 -23.63 5.80 -3.99
CA ASN D 88 -23.50 6.26 -2.62
C ASN D 88 -22.12 5.93 -2.04
N ILE D 89 -21.65 4.70 -2.28
CA ILE D 89 -20.34 4.31 -1.78
C ILE D 89 -19.26 5.22 -2.36
N GLY D 90 -19.34 5.51 -3.66
CA GLY D 90 -18.34 6.37 -4.28
C GLY D 90 -18.34 7.76 -3.67
N PHE D 91 -19.53 8.32 -3.42
CA PHE D 91 -19.57 9.66 -2.84
C PHE D 91 -18.97 9.67 -1.44
N MET D 92 -19.25 8.64 -0.63
CA MET D 92 -18.61 8.57 0.67
C MET D 92 -17.09 8.53 0.55
N LEU D 93 -16.58 7.73 -0.39
CA LEU D 93 -15.14 7.63 -0.53
C LEU D 93 -14.49 8.91 -1.02
N PHE D 94 -15.22 9.72 -1.79
CA PHE D 94 -14.74 11.05 -2.18
C PHE D 94 -14.74 12.03 -1.02
N VAL D 95 -15.80 11.98 -0.20
CA VAL D 95 -15.88 12.90 0.93
C VAL D 95 -14.79 12.60 1.94
N LEU D 96 -14.44 11.33 2.11
CA LEU D 96 -13.33 11.00 3.01
C LEU D 96 -12.04 11.63 2.52
N SER D 97 -11.82 11.60 1.21
CA SER D 97 -10.62 12.21 0.64
C SER D 97 -10.59 13.71 0.87
N GLU D 98 -11.74 14.39 0.76
CA GLU D 98 -11.75 15.80 1.18
C GLU D 98 -11.49 15.99 2.67
N ILE D 99 -12.01 15.11 3.52
CA ILE D 99 -11.79 15.28 4.96
C ILE D 99 -10.32 15.16 5.34
N LEU D 100 -9.59 14.21 4.75
CA LEU D 100 -8.19 14.03 5.13
C LEU D 100 -7.26 15.13 4.62
N ILE D 101 -7.77 16.13 3.90
CA ILE D 101 -6.93 17.29 3.60
C ILE D 101 -6.98 18.32 4.73
N PHE D 102 -8.10 18.44 5.42
CA PHE D 102 -8.17 19.33 6.57
C PHE D 102 -7.31 18.84 7.72
N ALA D 103 -7.11 17.52 7.80
CA ALA D 103 -6.22 16.97 8.82
C ALA D 103 -4.79 17.48 8.64
N ALA D 104 -4.34 17.59 7.39
CA ALA D 104 -3.01 18.13 7.14
C ALA D 104 -2.87 19.56 7.62
N LEU D 105 -3.88 20.40 7.37
CA LEU D 105 -3.81 21.78 7.83
C LEU D 105 -3.89 21.87 9.35
N PHE D 106 -4.69 21.02 9.99
CA PHE D 106 -4.73 21.03 11.45
C PHE D 106 -3.39 20.60 12.04
N TRP D 107 -2.76 19.59 11.44
CA TRP D 107 -1.43 19.18 11.87
C TRP D 107 -0.40 20.28 11.65
N SER D 108 -0.52 21.01 10.55
CA SER D 108 0.34 22.17 10.32
C SER D 108 0.14 23.26 11.35
N TYR D 109 -1.09 23.49 11.81
CA TYR D 109 -1.34 24.44 12.87
C TYR D 109 -0.78 23.99 14.21
N PHE D 110 -0.92 22.71 14.54
CA PHE D 110 -0.43 22.22 15.83
C PHE D 110 1.08 22.05 15.86
N HIS D 111 1.73 21.90 14.71
CA HIS D 111 3.18 21.80 14.68
C HIS D 111 3.86 23.13 14.96
N SER D 112 3.25 24.23 14.56
CA SER D 112 3.74 25.57 14.83
C SER D 112 3.21 26.14 16.12
N ALA D 113 2.04 25.67 16.56
CA ALA D 113 1.48 26.13 17.82
C ALA D 113 2.35 25.71 18.99
N MET D 114 2.76 24.45 19.02
CA MET D 114 3.54 23.89 20.13
C MET D 114 4.98 23.81 19.66
N GLY D 115 5.78 24.79 20.06
CA GLY D 115 7.15 24.87 19.60
C GLY D 115 7.49 26.10 18.79
N PRO D 116 6.94 27.28 19.14
CA PRO D 116 7.12 28.45 18.27
C PRO D 116 8.58 28.85 18.14
N THR D 117 8.93 29.35 16.97
CA THR D 117 10.33 29.61 16.63
C THR D 117 10.86 30.78 17.45
N ILE D 118 12.20 30.87 17.50
CA ILE D 118 12.86 31.93 18.24
C ILE D 118 12.67 33.28 17.56
N GLU D 119 12.54 33.28 16.24
CA GLU D 119 12.41 34.53 15.48
C GLU D 119 11.18 35.31 15.93
N ILE D 120 10.04 34.64 16.02
CA ILE D 120 8.87 35.24 16.65
C ILE D 120 9.02 35.14 18.17
N GLY D 121 8.55 36.16 18.88
CA GLY D 121 8.49 36.10 20.33
C GLY D 121 7.67 34.92 20.79
N CYS D 122 8.09 34.26 21.87
CA CYS D 122 7.46 33.01 22.29
C CYS D 122 6.09 33.33 22.88
N GLN D 123 5.09 33.45 22.01
CA GLN D 123 3.73 33.82 22.35
C GLN D 123 2.85 33.58 21.14
N TRP D 124 1.66 33.03 21.36
CA TRP D 124 0.72 32.98 20.24
C TRP D 124 -0.03 34.29 20.14
N PRO D 125 -0.97 34.43 19.21
CA PRO D 125 -0.80 35.40 18.11
C PRO D 125 0.09 36.55 18.53
N PRO D 126 1.21 36.72 17.84
CA PRO D 126 2.29 37.57 18.36
C PRO D 126 1.91 39.04 18.38
N VAL D 127 2.85 39.85 18.87
CA VAL D 127 2.64 41.28 18.97
C VAL D 127 2.45 41.87 17.58
N GLY D 128 1.59 42.89 17.49
CA GLY D 128 1.28 43.50 16.22
C GLY D 128 0.26 42.75 15.39
N ILE D 129 -0.27 41.65 15.88
CA ILE D 129 -1.25 40.85 15.17
C ILE D 129 -2.47 40.72 16.07
N THR D 130 -3.52 41.48 15.78
CA THR D 130 -4.76 41.41 16.53
C THR D 130 -5.64 40.33 15.92
N SER D 131 -5.98 39.31 16.72
CA SER D 131 -6.80 38.21 16.23
C SER D 131 -8.24 38.70 16.07
N ILE D 132 -9.12 37.80 15.65
CA ILE D 132 -10.53 38.11 15.47
C ILE D 132 -11.29 37.65 16.70
N LYS D 133 -12.06 38.55 17.28
CA LYS D 133 -12.79 38.23 18.50
C LYS D 133 -13.83 37.15 18.23
N PRO D 134 -13.87 36.08 19.01
CA PRO D 134 -14.89 35.04 18.83
C PRO D 134 -16.24 35.32 19.47
N THR D 135 -16.49 36.54 19.96
CA THR D 135 -17.79 36.94 20.46
C THR D 135 -18.47 37.89 19.49
N GLU D 136 -18.13 37.75 18.21
CA GLU D 136 -18.58 38.64 17.15
C GLU D 136 -19.16 37.76 16.06
N LEU D 137 -19.25 38.30 14.84
CA LEU D 137 -19.69 37.63 13.61
C LEU D 137 -19.28 36.17 13.51
N PRO D 138 -18.09 35.77 14.00
CA PRO D 138 -17.80 34.33 14.10
C PRO D 138 -18.82 33.51 14.87
N LEU D 139 -19.64 34.15 15.69
CA LEU D 139 -20.68 33.45 16.43
C LEU D 139 -22.01 33.42 15.69
N LEU D 140 -22.29 34.39 14.82
CA LEU D 140 -23.46 34.29 13.96
C LEU D 140 -23.36 33.11 13.02
N ASN D 141 -22.16 32.85 12.49
CA ASN D 141 -21.98 31.82 11.48
C ASN D 141 -22.29 30.43 12.04
N THR D 142 -21.89 30.19 13.29
CA THR D 142 -22.22 28.91 13.92
C THR D 142 -23.73 28.72 14.02
N ILE D 143 -24.45 29.76 14.46
CA ILE D 143 -25.90 29.66 14.59
C ILE D 143 -26.56 29.45 13.24
N ILE D 144 -26.10 30.17 12.22
CA ILE D 144 -26.72 30.05 10.91
C ILE D 144 -26.45 28.68 10.31
N LEU D 145 -25.24 28.15 10.50
CA LEU D 145 -24.95 26.82 9.98
C LEU D 145 -25.77 25.75 10.69
N LEU D 146 -25.93 25.86 12.01
CA LEU D 146 -26.77 24.87 12.70
C LEU D 146 -28.23 24.98 12.27
N ALA D 147 -28.74 26.20 12.11
CA ALA D 147 -30.11 26.35 11.63
C ALA D 147 -30.27 25.79 10.23
N SER D 148 -29.27 25.99 9.37
CA SER D 148 -29.32 25.41 8.04
C SER D 148 -29.33 23.90 8.09
N GLY D 149 -28.51 23.31 8.94
CA GLY D 149 -28.50 21.86 9.08
C GLY D 149 -29.81 21.32 9.61
N ALA D 150 -30.51 22.12 10.41
CA ALA D 150 -31.80 21.70 10.93
C ALA D 150 -32.93 21.94 9.93
N THR D 151 -32.77 22.87 9.01
CA THR D 151 -33.83 23.19 8.06
C THR D 151 -33.85 22.25 6.87
N VAL D 152 -32.74 21.57 6.55
CA VAL D 152 -32.74 20.62 5.43
C VAL D 152 -33.35 19.27 5.79
N THR D 153 -33.48 18.96 7.08
CA THR D 153 -34.15 17.73 7.47
C THR D 153 -35.65 17.82 7.31
N TRP D 154 -36.21 19.02 7.46
CA TRP D 154 -37.62 19.24 7.16
C TRP D 154 -37.91 19.11 5.67
N ALA D 155 -36.93 19.36 4.82
CA ALA D 155 -37.12 19.17 3.39
C ALA D 155 -37.10 17.70 2.99
N HIS D 156 -36.29 16.88 3.63
CA HIS D 156 -36.26 15.46 3.32
C HIS D 156 -37.44 14.71 3.92
N HIS D 157 -38.05 15.25 4.97
CA HIS D 157 -39.26 14.65 5.51
C HIS D 157 -40.52 15.16 4.84
N SER D 158 -40.43 16.26 4.09
CA SER D 158 -41.56 16.76 3.35
C SER D 158 -41.68 16.12 1.98
N ILE D 159 -40.68 15.34 1.58
CA ILE D 159 -40.76 14.56 0.36
C ILE D 159 -41.18 13.12 0.63
N LEU D 160 -40.93 12.62 1.84
CA LEU D 160 -41.35 11.27 2.20
C LEU D 160 -42.84 11.19 2.44
N TYR D 161 -43.46 12.26 2.91
CA TYR D 161 -44.87 12.29 3.23
C TYR D 161 -45.71 12.86 2.09
N LYS D 162 -45.08 13.13 0.95
CA LYS D 162 -45.77 13.63 -0.24
C LYS D 162 -46.34 15.03 -0.05
N ASP D 163 -45.45 15.97 0.27
CA ASP D 163 -45.75 17.40 0.25
C ASP D 163 -44.85 18.08 -0.78
N ARG D 164 -45.45 18.86 -1.67
CA ARG D 164 -44.64 19.62 -2.62
C ARG D 164 -44.23 20.96 -2.03
N GLN D 165 -45.21 21.81 -1.75
CA GLN D 165 -44.94 23.08 -1.08
C GLN D 165 -44.66 22.76 0.38
N GLY D 166 -43.39 22.74 0.75
CA GLY D 166 -42.98 22.20 2.02
C GLY D 166 -41.65 21.52 1.86
N THR D 167 -41.28 21.25 0.61
CA THR D 167 -39.92 20.89 0.25
C THR D 167 -39.22 21.98 -0.53
N LEU D 168 -39.94 22.72 -1.37
CA LEU D 168 -39.37 23.88 -2.02
C LEU D 168 -39.04 24.98 -1.02
N VAL D 169 -39.92 25.24 -0.06
CA VAL D 169 -39.67 26.31 0.90
C VAL D 169 -38.45 26.00 1.75
N GLY D 170 -38.31 24.76 2.21
CA GLY D 170 -37.16 24.41 3.02
C GLY D 170 -35.85 24.56 2.27
N LEU D 171 -35.82 24.08 1.03
CA LEU D 171 -34.59 24.17 0.24
C LEU D 171 -34.24 25.62 -0.07
N PHE D 172 -35.26 26.43 -0.38
CA PHE D 172 -35.01 27.85 -0.62
C PHE D 172 -34.47 28.54 0.63
N ILE D 173 -35.04 28.24 1.80
CA ILE D 173 -34.55 28.84 3.03
C ILE D 173 -33.13 28.40 3.32
N THR D 174 -32.81 27.14 3.05
CA THR D 174 -31.44 26.68 3.29
C THR D 174 -30.45 27.39 2.38
N THR D 175 -30.79 27.56 1.10
CA THR D 175 -29.91 28.29 0.20
C THR D 175 -29.71 29.73 0.66
N LEU D 176 -30.81 30.40 1.00
CA LEU D 176 -30.76 31.79 1.43
C LEU D 176 -30.11 31.96 2.79
N LEU D 177 -29.96 30.88 3.55
CA LEU D 177 -29.32 30.92 4.86
C LEU D 177 -27.86 30.51 4.82
N ILE D 178 -27.43 29.84 3.75
CA ILE D 178 -26.01 29.60 3.52
C ILE D 178 -25.35 30.76 2.76
N ILE D 179 -26.10 31.45 1.89
CA ILE D 179 -25.56 32.66 1.28
C ILE D 179 -25.25 33.71 2.34
N LEU D 180 -26.03 33.76 3.41
CA LEU D 180 -25.74 34.71 4.47
C LEU D 180 -24.43 34.39 5.18
N PHE D 181 -24.14 33.11 5.39
CA PHE D 181 -22.83 32.70 5.92
C PHE D 181 -21.71 33.19 5.02
N VAL D 182 -21.84 32.93 3.71
CA VAL D 182 -20.78 33.34 2.78
C VAL D 182 -20.60 34.85 2.80
N GLY D 183 -21.70 35.60 2.83
CA GLY D 183 -21.59 37.04 2.85
C GLY D 183 -20.94 37.57 4.11
N CYS D 184 -21.31 37.02 5.27
CA CYS D 184 -20.70 37.44 6.51
C CYS D 184 -19.21 37.17 6.50
N GLN D 185 -18.81 36.03 5.95
CA GLN D 185 -17.39 35.70 5.97
C GLN D 185 -16.62 36.34 4.82
N VAL D 186 -17.32 36.98 3.88
CA VAL D 186 -16.65 37.79 2.86
C VAL D 186 -16.62 39.26 3.21
N LEU D 187 -17.40 39.70 4.21
CA LEU D 187 -17.19 41.02 4.77
C LEU D 187 -16.37 40.98 6.06
N GLU D 188 -15.79 39.84 6.40
CA GLU D 188 -14.89 39.72 7.53
C GLU D 188 -13.42 39.70 7.11
N TYR D 189 -13.13 39.48 5.83
CA TYR D 189 -11.77 39.59 5.33
C TYR D 189 -11.36 41.03 5.10
N THR D 190 -12.31 41.97 5.15
CA THR D 190 -12.03 43.38 4.94
C THR D 190 -11.99 44.16 6.25
N TRP D 191 -12.21 43.50 7.38
CA TRP D 191 -12.17 44.15 8.69
C TRP D 191 -11.08 43.56 9.57
N ALA D 192 -10.07 42.94 8.95
CA ALA D 192 -8.95 42.37 9.67
C ALA D 192 -7.70 43.16 9.33
N THR D 193 -6.75 43.18 10.28
CA THR D 193 -5.54 43.99 10.17
C THR D 193 -4.29 43.13 10.11
N PHE D 194 -4.43 41.90 9.61
CA PHE D 194 -3.28 41.02 9.44
C PHE D 194 -3.49 40.21 8.18
N THR D 195 -2.46 40.15 7.35
CA THR D 195 -2.55 39.62 5.99
C THR D 195 -1.88 38.26 5.89
N ILE D 196 -1.82 37.74 4.66
CA ILE D 196 -1.27 36.42 4.40
C ILE D 196 0.22 36.34 4.73
N ALA D 197 0.96 37.43 4.56
CA ALA D 197 2.43 37.37 4.58
C ALA D 197 3.03 38.01 5.82
N ASP D 198 2.26 38.21 6.87
CA ASP D 198 2.76 38.88 8.08
C ASP D 198 3.33 37.91 9.10
N SER D 199 2.99 36.61 9.01
CA SER D 199 3.47 35.63 9.98
C SER D 199 3.00 34.24 9.57
N VAL D 200 3.37 33.22 10.34
CA VAL D 200 2.87 31.89 10.07
C VAL D 200 1.43 31.71 10.57
N PHE D 201 1.00 32.50 11.54
CA PHE D 201 -0.39 32.46 11.96
C PHE D 201 -1.31 32.90 10.83
N GLY D 202 -0.96 33.97 10.14
CA GLY D 202 -1.80 34.48 9.08
C GLY D 202 -1.72 33.72 7.78
N SER D 203 -0.75 32.84 7.64
CA SER D 203 -0.68 31.99 6.47
C SER D 203 -1.49 30.71 6.63
N ILE D 204 -1.66 30.23 7.86
CA ILE D 204 -2.45 29.03 8.10
C ILE D 204 -3.88 29.36 8.49
N PHE D 205 -4.16 30.49 9.09
CA PHE D 205 -5.52 30.84 9.41
C PHE D 205 -6.29 30.90 8.13
N TYR D 206 -5.79 31.64 7.18
CA TYR D 206 -6.44 31.73 5.91
C TYR D 206 -6.48 30.47 5.06
N ALA D 207 -5.50 29.58 5.15
CA ALA D 207 -5.54 28.35 4.40
C ALA D 207 -6.67 27.46 4.79
N GLY D 208 -6.89 27.28 6.07
CA GLY D 208 -8.02 26.53 6.53
C GLY D 208 -9.35 27.20 6.33
N THR D 209 -9.45 28.48 6.62
CA THR D 209 -10.68 29.20 6.34
C THR D 209 -10.98 29.35 4.88
N GLY D 210 -9.97 29.53 4.06
CA GLY D 210 -10.15 29.64 2.66
C GLY D 210 -10.70 28.45 1.97
N LEU D 211 -10.25 27.27 2.32
CA LEU D 211 -10.80 26.07 1.74
C LEU D 211 -12.26 25.90 2.10
N HIS D 212 -12.67 26.24 3.31
CA HIS D 212 -14.06 26.18 3.68
C HIS D 212 -14.94 27.04 2.78
N PHE D 213 -14.51 28.21 2.35
CA PHE D 213 -15.26 29.12 1.49
C PHE D 213 -15.66 28.45 0.18
N ILE D 214 -14.70 27.81 -0.48
CA ILE D 214 -14.97 27.16 -1.75
C ILE D 214 -15.91 25.98 -1.56
N HIS D 215 -15.71 25.21 -0.50
CA HIS D 215 -16.59 24.07 -0.26
C HIS D 215 -18.00 24.52 0.08
N MET D 216 -18.19 25.76 0.54
CA MET D 216 -19.54 26.27 0.74
C MET D 216 -20.14 26.86 -0.54
N VAL D 217 -19.32 27.42 -1.42
CA VAL D 217 -19.84 27.82 -2.73
C VAL D 217 -20.35 26.60 -3.49
N MET D 218 -19.65 25.47 -3.35
CA MET D 218 -20.15 24.24 -3.96
C MET D 218 -21.51 23.85 -3.41
N LEU D 219 -21.72 24.02 -2.09
CA LEU D 219 -23.02 23.72 -1.51
C LEU D 219 -24.11 24.63 -2.07
N ILE D 220 -23.80 25.92 -2.24
CA ILE D 220 -24.79 26.82 -2.79
C ILE D 220 -25.20 26.36 -4.18
N VAL D 221 -24.22 25.99 -5.00
CA VAL D 221 -24.52 25.52 -6.35
C VAL D 221 -25.37 24.26 -6.30
N MET D 222 -25.02 23.33 -5.41
CA MET D 222 -25.78 22.07 -5.31
C MET D 222 -27.21 22.30 -4.84
N LEU D 223 -27.44 23.16 -3.85
CA LEU D 223 -28.79 23.40 -3.38
C LEU D 223 -29.63 24.11 -4.44
N ALA D 224 -29.02 25.03 -5.18
CA ALA D 224 -29.75 25.65 -6.29
C ALA D 224 -30.16 24.61 -7.32
N ILE D 225 -29.25 23.70 -7.67
CA ILE D 225 -29.60 22.64 -8.61
C ILE D 225 -30.71 21.73 -8.07
N CYS D 226 -30.67 21.38 -6.78
CA CYS D 226 -31.74 20.58 -6.20
C CYS D 226 -33.10 21.26 -6.26
N TYR D 227 -33.15 22.56 -5.94
CA TYR D 227 -34.41 23.29 -6.09
C TYR D 227 -34.87 23.28 -7.53
N ALA D 228 -33.96 23.56 -8.47
CA ALA D 228 -34.35 23.66 -9.87
C ALA D 228 -34.83 22.32 -10.41
N ARG D 229 -34.25 21.22 -9.93
CA ARG D 229 -34.66 19.91 -10.41
C ARG D 229 -35.89 19.38 -9.69
N MET D 230 -36.24 19.92 -8.53
CA MET D 230 -37.52 19.59 -7.91
C MET D 230 -38.68 20.39 -8.48
N TYR D 231 -38.44 21.64 -8.88
CA TYR D 231 -39.52 22.45 -9.43
C TYR D 231 -40.06 21.86 -10.73
N PHE D 232 -39.25 21.07 -11.44
CA PHE D 232 -39.60 20.55 -12.75
C PHE D 232 -40.04 19.09 -12.70
N TYR D 233 -40.36 18.58 -11.51
CA TYR D 233 -40.88 17.22 -11.33
C TYR D 233 -39.88 16.17 -11.80
N HIS D 234 -38.75 16.10 -11.09
CA HIS D 234 -37.77 15.05 -11.32
C HIS D 234 -37.63 14.07 -10.17
N PHE D 235 -38.12 14.42 -8.98
CA PHE D 235 -37.86 13.66 -7.77
C PHE D 235 -39.11 12.90 -7.36
N THR D 236 -38.97 11.59 -7.18
CA THR D 236 -40.03 10.76 -6.65
C THR D 236 -39.85 10.58 -5.15
N SER D 237 -40.89 10.09 -4.49
CA SER D 237 -40.88 10.05 -3.04
C SER D 237 -39.97 8.96 -2.48
N ASN D 238 -39.45 8.07 -3.31
CA ASN D 238 -38.54 7.04 -2.84
C ASN D 238 -37.30 6.87 -3.70
N HIS D 239 -37.10 7.72 -4.71
CA HIS D 239 -35.94 7.67 -5.59
C HIS D 239 -35.45 9.10 -5.76
N HIS D 240 -34.58 9.54 -4.84
CA HIS D 240 -34.03 10.90 -4.87
C HIS D 240 -32.61 10.82 -4.32
N LEU D 241 -31.63 10.82 -5.21
CA LEU D 241 -30.25 10.65 -4.80
C LEU D 241 -29.45 11.93 -4.90
N GLY D 242 -30.08 13.05 -5.18
CA GLY D 242 -29.41 14.32 -5.13
C GLY D 242 -29.54 14.92 -3.75
N LEU D 243 -30.72 14.77 -3.16
CA LEU D 243 -30.97 15.33 -1.83
C LEU D 243 -30.09 14.67 -0.79
N GLU D 244 -29.95 13.34 -0.83
CA GLU D 244 -29.12 12.67 0.16
C GLU D 244 -27.66 13.02 -0.02
N THR D 245 -27.19 13.06 -1.26
CA THR D 245 -25.80 13.42 -1.54
C THR D 245 -25.49 14.85 -1.13
N THR D 246 -26.47 15.75 -1.21
CA THR D 246 -26.27 17.11 -0.76
C THR D 246 -26.47 17.30 0.74
N ILE D 247 -27.22 16.40 1.39
CA ILE D 247 -27.39 16.49 2.84
C ILE D 247 -26.19 15.92 3.59
N LEU D 248 -25.57 14.86 3.08
CA LEU D 248 -24.39 14.35 3.76
C LEU D 248 -23.21 15.31 3.70
N TYR D 249 -23.17 16.18 2.69
CA TYR D 249 -22.12 17.16 2.53
C TYR D 249 -22.24 18.33 3.50
N LEU D 250 -23.47 18.81 3.70
CA LEU D 250 -23.71 19.94 4.59
C LEU D 250 -23.36 19.61 6.02
N HIS D 251 -23.71 18.41 6.48
CA HIS D 251 -23.40 18.02 7.85
C HIS D 251 -21.91 17.93 8.08
N VAL D 252 -21.17 17.39 7.12
CA VAL D 252 -19.72 17.32 7.26
C VAL D 252 -19.11 18.71 7.30
N LEU D 253 -19.64 19.63 6.48
CA LEU D 253 -19.13 21.00 6.51
C LEU D 253 -19.41 21.66 7.85
N ASP D 254 -20.59 21.41 8.43
CA ASP D 254 -20.88 21.97 9.76
C ASP D 254 -19.94 21.39 10.82
N ILE D 255 -19.69 20.08 10.79
CA ILE D 255 -18.80 19.48 11.76
C ILE D 255 -17.40 20.06 11.64
N ILE D 256 -16.96 20.31 10.40
CA ILE D 256 -15.63 20.89 10.20
C ILE D 256 -15.58 22.32 10.74
N TRP D 257 -16.66 23.09 10.53
CA TRP D 257 -16.67 24.45 11.05
C TRP D 257 -16.60 24.46 12.56
N LEU D 258 -17.27 23.53 13.23
CA LEU D 258 -17.13 23.50 14.69
C LEU D 258 -15.74 23.09 15.16
N PHE D 259 -14.86 22.61 14.28
CA PHE D 259 -13.46 22.48 14.67
C PHE D 259 -12.65 23.70 14.30
N LEU D 260 -13.03 24.40 13.24
CA LEU D 260 -12.33 25.63 12.86
C LEU D 260 -12.67 26.79 13.79
N TYR D 261 -13.67 26.61 14.65
CA TYR D 261 -14.06 27.63 15.61
C TYR D 261 -13.50 27.37 17.00
N ILE D 262 -13.08 26.13 17.28
CA ILE D 262 -12.51 25.79 18.57
C ILE D 262 -10.98 25.83 18.56
N VAL D 263 -10.34 25.65 17.41
CA VAL D 263 -8.88 25.58 17.33
C VAL D 263 -8.27 26.83 16.72
N PHE D 264 -9.04 27.63 15.99
CA PHE D 264 -8.51 28.82 15.33
C PHE D 264 -8.88 30.11 16.02
N TYR D 265 -10.03 30.19 16.68
CA TYR D 265 -10.50 31.45 17.24
C TYR D 265 -10.30 31.58 18.74
N TRP D 266 -10.78 30.62 19.54
CA TRP D 266 -10.61 30.72 20.98
C TRP D 266 -9.15 30.50 21.37
N TRP D 267 -8.58 29.38 20.96
CA TRP D 267 -7.23 29.03 21.38
C TRP D 267 -6.22 29.96 20.71
N GLY D 268 -5.24 30.41 21.47
CA GLY D 268 -4.22 31.31 20.95
C GLY D 268 -3.10 31.56 21.93
N GLN E 1 -43.46 4.04 -25.00
CA GLN E 1 -43.67 4.43 -26.39
C GLN E 1 -44.88 3.69 -26.93
N PHE E 2 -45.44 2.81 -26.11
CA PHE E 2 -46.55 1.96 -26.52
C PHE E 2 -47.37 1.66 -25.27
N LYS E 3 -48.18 0.60 -25.32
CA LYS E 3 -49.03 0.24 -24.19
C LYS E 3 -48.20 -0.05 -22.95
N THR E 4 -48.73 0.36 -21.80
CA THR E 4 -48.03 0.22 -20.52
C THR E 4 -48.40 -1.09 -19.84
N ALA E 5 -47.39 -1.81 -19.40
CA ALA E 5 -47.60 -3.13 -18.83
C ALA E 5 -48.11 -3.02 -17.39
N THR E 6 -48.89 -4.03 -16.98
CA THR E 6 -49.48 -4.05 -15.65
C THR E 6 -48.86 -5.10 -14.74
N SER E 7 -48.20 -6.12 -15.29
CA SER E 7 -47.46 -7.09 -14.49
C SER E 7 -46.34 -7.64 -15.35
N ILE E 8 -45.50 -8.50 -14.78
CA ILE E 8 -44.48 -9.09 -15.61
C ILE E 8 -45.07 -10.33 -16.26
N ALA E 9 -45.95 -10.09 -17.22
CA ALA E 9 -46.42 -11.06 -18.19
C ALA E 9 -46.71 -10.44 -19.54
N GLU E 10 -46.81 -9.12 -19.61
CA GLU E 10 -47.12 -8.39 -20.84
C GLU E 10 -45.98 -7.47 -21.24
N VAL E 11 -44.80 -7.65 -20.65
CA VAL E 11 -43.61 -6.88 -20.98
C VAL E 11 -42.84 -7.67 -22.01
N GLU E 12 -42.91 -7.22 -23.27
CA GLU E 12 -42.21 -7.85 -24.37
C GLU E 12 -40.94 -7.09 -24.75
N GLY E 13 -40.54 -6.11 -23.97
CA GLY E 13 -39.35 -5.34 -24.29
C GLY E 13 -39.33 -4.05 -23.50
N LEU E 14 -38.60 -3.08 -24.03
CA LEU E 14 -38.47 -1.78 -23.42
C LEU E 14 -39.58 -0.84 -23.80
N GLU E 15 -40.54 -1.31 -24.60
CA GLU E 15 -41.63 -0.49 -25.10
C GLU E 15 -42.87 -0.55 -24.23
N ASN E 16 -42.88 -1.39 -23.20
CA ASN E 16 -44.04 -1.55 -22.33
C ASN E 16 -43.74 -1.12 -20.90
N LEU E 17 -42.86 -0.15 -20.71
CA LEU E 17 -42.41 0.27 -19.39
C LEU E 17 -42.32 1.78 -19.30
N VAL E 18 -43.31 2.50 -19.80
CA VAL E 18 -43.28 3.97 -19.68
C VAL E 18 -44.20 4.43 -18.57
N GLY E 19 -45.49 4.14 -18.66
CA GLY E 19 -46.38 4.40 -17.57
C GLY E 19 -47.06 5.75 -17.65
N PRO E 20 -48.12 5.94 -16.84
CA PRO E 20 -48.85 7.21 -16.87
C PRO E 20 -48.06 8.31 -16.19
N GLY E 21 -48.65 9.48 -16.03
CA GLY E 21 -47.98 10.62 -15.44
C GLY E 21 -48.63 11.05 -14.14
N ALA E 22 -47.85 11.64 -13.25
CA ALA E 22 -48.37 12.20 -12.04
C ALA E 22 -49.16 13.47 -12.35
N LYS E 23 -49.95 13.92 -11.37
CA LYS E 23 -50.83 15.05 -11.53
C LYS E 23 -50.21 16.30 -10.93
N THR E 24 -50.55 17.45 -11.50
CA THR E 24 -49.94 18.70 -11.10
C THR E 24 -50.30 19.04 -9.66
N GLY E 25 -49.30 19.21 -8.81
CA GLY E 25 -49.50 19.55 -7.43
C GLY E 25 -49.18 18.47 -6.41
N THR E 26 -48.54 17.39 -6.82
CA THR E 26 -48.25 16.29 -5.91
C THR E 26 -46.88 15.71 -6.22
N VAL E 27 -46.26 15.13 -5.20
CA VAL E 27 -44.96 14.51 -5.37
C VAL E 27 -45.16 13.18 -6.07
N PRO E 28 -44.58 12.97 -7.25
CA PRO E 28 -44.88 11.76 -8.02
C PRO E 28 -44.33 10.51 -7.34
N THR E 29 -44.98 9.39 -7.61
CA THR E 29 -44.56 8.13 -7.02
C THR E 29 -43.66 7.36 -7.96
N ASP E 30 -43.15 6.23 -7.45
CA ASP E 30 -42.34 5.35 -8.28
C ASP E 30 -43.17 4.59 -9.29
N LEU E 31 -44.47 4.51 -9.11
CA LEU E 31 -45.36 3.78 -10.00
C LEU E 31 -45.95 4.67 -11.08
N GLU E 32 -45.64 5.95 -11.07
CA GLU E 32 -46.09 6.88 -12.10
C GLU E 32 -44.94 7.50 -12.88
N GLN E 33 -43.70 7.21 -12.53
CA GLN E 33 -42.53 7.69 -13.28
C GLN E 33 -41.42 6.66 -13.07
N ALA E 34 -41.28 5.75 -14.02
CA ALA E 34 -40.19 4.78 -13.97
C ALA E 34 -40.13 4.08 -15.32
N THR E 35 -38.96 4.05 -15.94
CA THR E 35 -38.91 3.81 -17.37
C THR E 35 -38.24 2.51 -17.77
N GLY E 36 -37.00 2.31 -17.41
CA GLY E 36 -36.24 1.28 -18.08
C GLY E 36 -36.19 -0.02 -17.33
N LEU E 37 -34.98 -0.40 -16.98
CA LEU E 37 -34.72 -1.60 -16.20
C LEU E 37 -34.95 -1.38 -14.71
N GLU E 38 -35.42 -0.20 -14.32
CA GLU E 38 -35.83 0.12 -12.96
C GLU E 38 -37.29 -0.22 -12.70
N ARG E 39 -38.20 0.21 -13.58
CA ARG E 39 -39.59 -0.17 -13.45
C ARG E 39 -39.78 -1.67 -13.60
N TYR E 40 -38.90 -2.34 -14.35
CA TYR E 40 -38.98 -3.79 -14.45
C TYR E 40 -38.78 -4.43 -13.08
N GLU E 41 -37.76 -3.98 -12.36
CA GLU E 41 -37.53 -4.48 -11.01
C GLU E 41 -38.67 -4.10 -10.08
N LEU E 42 -39.19 -2.88 -10.22
CA LEU E 42 -40.29 -2.45 -9.37
C LEU E 42 -41.52 -3.32 -9.56
N LEU E 43 -41.86 -3.63 -10.81
CA LEU E 43 -42.96 -4.54 -11.08
C LEU E 43 -42.69 -5.94 -10.58
N GLY E 44 -41.45 -6.42 -10.70
CA GLY E 44 -41.14 -7.75 -10.19
C GLY E 44 -41.23 -7.87 -8.70
N LYS E 45 -40.89 -6.83 -7.96
CA LYS E 45 -40.86 -6.89 -6.51
C LYS E 45 -42.22 -6.70 -5.88
N LEU E 46 -43.25 -6.39 -6.66
CA LEU E 46 -44.60 -6.20 -6.14
C LEU E 46 -45.47 -7.44 -6.26
N GLU E 47 -44.97 -8.53 -6.82
CA GLU E 47 -45.78 -9.74 -6.91
C GLU E 47 -45.02 -10.96 -6.44
N GLY E 48 -43.72 -10.82 -6.20
CA GLY E 48 -42.93 -11.88 -5.60
C GLY E 48 -41.88 -12.47 -6.52
N ILE E 49 -41.77 -12.01 -7.76
CA ILE E 49 -40.83 -12.58 -8.72
C ILE E 49 -39.54 -11.79 -8.65
N GLU E 50 -38.42 -12.49 -8.48
CA GLU E 50 -37.10 -11.86 -8.46
C GLU E 50 -36.53 -11.89 -9.87
N VAL E 51 -36.48 -10.72 -10.50
CA VAL E 51 -35.94 -10.62 -11.85
C VAL E 51 -34.44 -10.91 -11.91
N PHE E 52 -33.69 -10.51 -10.90
CA PHE E 52 -32.23 -10.66 -10.87
C PHE E 52 -31.89 -11.63 -9.74
N ASP E 53 -31.77 -12.92 -10.07
CA ASP E 53 -31.60 -13.95 -9.05
C ASP E 53 -30.21 -13.89 -8.43
N GLU E 54 -30.09 -14.44 -7.22
CA GLU E 54 -28.83 -14.53 -6.51
C GLU E 54 -28.69 -15.87 -5.81
N THR E 55 -29.05 -16.96 -6.48
CA THR E 55 -29.01 -18.28 -5.87
C THR E 55 -27.83 -19.07 -6.37
N PRO E 56 -26.83 -19.37 -5.54
CA PRO E 56 -25.66 -20.12 -6.02
C PRO E 56 -26.03 -21.53 -6.44
N LEU E 57 -25.14 -22.16 -7.20
CA LEU E 57 -25.50 -23.39 -7.88
C LEU E 57 -25.74 -24.53 -6.88
N GLU E 58 -26.41 -25.56 -7.36
CA GLU E 58 -26.78 -26.67 -6.51
C GLU E 58 -25.56 -27.51 -6.16
N ALA E 59 -25.48 -27.92 -4.90
CA ALA E 59 -24.38 -28.70 -4.36
C ALA E 59 -24.92 -29.85 -3.51
N VAL E 60 -25.83 -30.63 -4.07
CA VAL E 60 -26.47 -31.73 -3.36
C VAL E 60 -25.95 -33.08 -3.83
N ARG E 61 -26.06 -33.37 -5.12
CA ARG E 61 -25.60 -34.63 -5.67
C ARG E 61 -24.48 -34.40 -6.68
N LYS E 62 -23.70 -35.45 -6.88
CA LYS E 62 -22.67 -35.46 -7.92
C LYS E 62 -23.35 -35.69 -9.26
N GLY E 63 -22.58 -35.74 -10.33
CA GLY E 63 -23.18 -35.87 -11.63
C GLY E 63 -22.48 -36.84 -12.54
N THR E 64 -23.23 -37.79 -13.10
CA THR E 64 -22.70 -38.76 -14.03
C THR E 64 -23.02 -38.33 -15.46
N MET E 65 -22.65 -39.17 -16.42
CA MET E 65 -22.98 -38.87 -17.82
C MET E 65 -24.44 -39.16 -18.12
N LYS E 66 -25.03 -40.16 -17.47
CA LYS E 66 -26.43 -40.49 -17.75
C LYS E 66 -27.40 -39.51 -17.10
N ASP E 67 -27.07 -39.00 -15.92
CA ASP E 67 -27.89 -38.00 -15.23
C ASP E 67 -26.99 -36.82 -14.85
N PRO E 68 -26.82 -35.86 -15.75
CA PRO E 68 -25.98 -34.70 -15.45
C PRO E 68 -26.74 -33.54 -14.82
N ILE E 69 -25.98 -32.68 -14.16
CA ILE E 69 -26.54 -31.45 -13.60
C ILE E 69 -26.82 -30.46 -14.73
N LEU E 70 -28.06 -29.99 -14.81
CA LEU E 70 -28.51 -29.14 -15.91
C LEU E 70 -28.42 -27.68 -15.51
N ILE E 71 -27.71 -26.88 -16.32
CA ILE E 71 -27.50 -25.47 -16.07
C ILE E 71 -28.15 -24.66 -17.18
N ASP E 72 -29.03 -23.74 -16.81
CA ASP E 72 -29.80 -22.95 -17.77
C ASP E 72 -28.97 -21.78 -18.26
N SER E 73 -29.08 -21.49 -19.56
CA SER E 73 -28.35 -20.35 -20.10
C SER E 73 -29.01 -19.90 -21.40
N TYR E 74 -28.99 -18.59 -21.62
CA TYR E 74 -29.52 -17.99 -22.84
C TYR E 74 -28.44 -17.86 -23.91
N ASP E 75 -27.26 -18.40 -23.67
CA ASP E 75 -26.15 -18.42 -24.62
C ASP E 75 -25.78 -19.86 -24.92
N ASP E 76 -24.79 -20.03 -25.80
CA ASP E 76 -24.31 -21.36 -26.14
C ASP E 76 -23.36 -21.93 -25.09
N TYR E 77 -22.92 -21.12 -24.12
CA TYR E 77 -21.96 -21.56 -23.13
C TYR E 77 -22.30 -20.92 -21.80
N ARG E 78 -21.73 -21.47 -20.72
CA ARG E 78 -21.83 -20.78 -19.45
C ARG E 78 -20.68 -21.15 -18.53
N TYR E 79 -20.23 -20.18 -17.72
CA TYR E 79 -19.14 -20.40 -16.79
C TYR E 79 -19.68 -20.94 -15.48
N VAL E 80 -19.06 -22.02 -14.99
CA VAL E 80 -19.53 -22.72 -13.80
C VAL E 80 -18.36 -22.92 -12.86
N GLY E 81 -18.59 -22.80 -11.57
CA GLY E 81 -17.57 -22.99 -10.54
C GLY E 81 -17.95 -24.13 -9.62
N CYS E 82 -17.02 -25.08 -9.47
CA CYS E 82 -17.26 -26.30 -8.71
C CYS E 82 -16.37 -26.34 -7.48
N THR E 83 -16.96 -26.72 -6.35
CA THR E 83 -16.28 -26.82 -5.08
C THR E 83 -16.60 -28.10 -4.32
N GLY E 84 -17.58 -28.89 -4.75
CA GLY E 84 -17.77 -30.22 -4.24
C GLY E 84 -19.21 -30.51 -3.89
N VAL E 85 -19.43 -31.70 -3.35
CA VAL E 85 -20.78 -32.17 -3.01
C VAL E 85 -21.22 -31.61 -1.66
N PRO E 86 -20.41 -31.69 -0.60
CA PRO E 86 -20.74 -30.95 0.63
C PRO E 86 -20.51 -29.45 0.53
N ALA E 87 -20.14 -28.94 -0.64
CA ALA E 87 -20.15 -27.54 -1.05
C ALA E 87 -18.92 -26.74 -0.61
N ASP E 88 -17.97 -27.31 0.13
CA ASP E 88 -16.71 -26.59 0.34
C ASP E 88 -15.49 -27.50 0.40
N SER E 89 -15.56 -28.68 -0.19
CA SER E 89 -14.49 -29.66 -0.03
C SER E 89 -13.46 -29.57 -1.15
N HIS E 90 -13.89 -29.85 -2.37
CA HIS E 90 -13.07 -29.62 -3.56
C HIS E 90 -12.70 -28.14 -3.63
N ASN E 91 -11.43 -27.87 -3.93
CA ASN E 91 -11.04 -26.48 -4.20
C ASN E 91 -11.73 -25.99 -5.46
N ILE E 92 -11.64 -24.70 -5.72
CA ILE E 92 -12.43 -24.10 -6.79
C ILE E 92 -11.86 -24.54 -8.13
N GLU E 93 -12.73 -25.05 -9.00
CA GLU E 93 -12.36 -25.32 -10.39
C GLU E 93 -13.41 -24.74 -11.31
N TRP E 94 -12.97 -24.19 -12.44
CA TRP E 94 -13.90 -23.51 -13.35
C TRP E 94 -14.06 -24.30 -14.63
N LEU E 95 -15.29 -24.34 -15.12
CA LEU E 95 -15.65 -25.14 -16.29
C LEU E 95 -16.53 -24.32 -17.21
N LYS E 96 -16.52 -24.69 -18.50
CA LYS E 96 -17.31 -24.04 -19.52
C LYS E 96 -18.16 -25.07 -20.26
N PRO E 97 -19.32 -25.43 -19.71
CA PRO E 97 -20.25 -26.27 -20.47
C PRO E 97 -20.84 -25.50 -21.64
N THR E 98 -20.96 -26.21 -22.77
CA THR E 98 -21.49 -25.67 -24.01
C THR E 98 -22.49 -26.66 -24.58
N THR E 99 -23.07 -26.31 -25.73
CA THR E 99 -24.13 -27.12 -26.31
C THR E 99 -23.63 -28.29 -27.14
N GLU E 100 -22.31 -28.43 -27.29
CA GLU E 100 -21.73 -29.55 -28.01
C GLU E 100 -20.84 -30.44 -27.13
N LYS E 101 -20.66 -30.09 -25.86
CA LYS E 101 -19.83 -30.87 -24.95
C LYS E 101 -20.28 -30.59 -23.52
N ASN E 102 -19.84 -31.44 -22.61
CA ASN E 102 -20.14 -31.31 -21.19
C ASN E 102 -18.86 -31.13 -20.41
N ALA E 103 -18.91 -30.33 -19.35
CA ALA E 103 -17.75 -30.17 -18.49
C ALA E 103 -17.68 -31.33 -17.51
N ARG E 104 -16.46 -31.63 -17.06
CA ARG E 104 -16.31 -32.80 -16.22
C ARG E 104 -15.55 -32.62 -14.91
N CYS E 105 -14.90 -31.49 -14.65
CA CYS E 105 -14.29 -31.28 -13.35
C CYS E 105 -13.23 -32.29 -12.96
N TRP E 106 -12.02 -32.13 -13.51
CA TRP E 106 -10.91 -33.07 -13.37
C TRP E 106 -10.70 -33.64 -11.97
N GLU E 107 -11.13 -32.95 -10.92
CA GLU E 107 -10.90 -33.47 -9.57
C GLU E 107 -12.02 -34.38 -9.05
N CYS E 108 -13.23 -33.85 -8.90
CA CYS E 108 -14.24 -34.63 -8.18
C CYS E 108 -15.03 -35.54 -9.10
N GLY E 109 -15.42 -35.06 -10.28
CA GLY E 109 -16.04 -35.94 -11.25
C GLY E 109 -17.45 -35.59 -11.67
N SER E 110 -17.97 -34.46 -11.19
CA SER E 110 -19.32 -34.06 -11.56
C SER E 110 -19.37 -33.60 -13.01
N VAL E 111 -20.48 -33.90 -13.68
CA VAL E 111 -20.69 -33.54 -15.08
C VAL E 111 -21.82 -32.54 -15.17
N TYR E 112 -21.61 -31.49 -15.97
CA TYR E 112 -22.55 -30.39 -16.13
C TYR E 112 -22.97 -30.30 -17.59
N LYS E 113 -24.25 -30.03 -17.81
CA LYS E 113 -24.85 -29.94 -19.13
C LYS E 113 -25.49 -28.58 -19.30
N LEU E 114 -25.52 -28.09 -20.53
CA LEU E 114 -26.04 -26.76 -20.81
C LEU E 114 -27.43 -26.85 -21.44
N ASN E 115 -28.37 -26.13 -20.87
CA ASN E 115 -29.76 -26.11 -21.30
C ASN E 115 -30.06 -24.75 -21.90
N PHE E 116 -30.39 -24.74 -23.19
CA PHE E 116 -30.60 -23.50 -23.93
C PHE E 116 -32.03 -23.02 -23.70
N LEU E 117 -32.18 -21.73 -23.49
CA LEU E 117 -33.50 -21.12 -23.34
C LEU E 117 -33.69 -19.95 -24.29
N ASN F 1 0.41 -54.86 -40.39
CA ASN F 1 1.68 -54.72 -39.70
C ASN F 1 2.38 -53.41 -40.07
N ALA F 2 2.34 -53.08 -41.37
CA ALA F 2 3.00 -51.85 -41.82
C ALA F 2 2.34 -50.61 -41.23
N THR F 3 1.03 -50.66 -40.98
CA THR F 3 0.35 -49.49 -40.44
C THR F 3 0.81 -49.18 -39.02
N VAL F 4 1.04 -50.19 -38.20
CA VAL F 4 1.35 -49.99 -36.80
C VAL F 4 2.84 -50.15 -36.50
N THR F 5 3.57 -50.96 -37.26
CA THR F 5 5.00 -51.13 -37.01
C THR F 5 5.73 -49.82 -37.22
N ASN F 6 6.52 -49.43 -36.23
CA ASN F 6 7.32 -48.21 -36.30
C ASN F 6 6.43 -46.97 -36.43
N LEU F 7 5.65 -46.70 -35.38
CA LEU F 7 4.95 -45.44 -35.24
C LEU F 7 5.82 -44.36 -34.63
N GLU F 8 6.97 -44.71 -34.05
CA GLU F 8 7.78 -43.74 -33.34
C GLU F 8 8.49 -42.76 -34.27
N LYS F 9 8.53 -43.03 -35.57
CA LYS F 9 9.26 -42.18 -36.50
C LYS F 9 8.39 -41.60 -37.59
N ARG F 10 7.16 -42.06 -37.76
CA ARG F 10 6.30 -41.57 -38.83
C ARG F 10 5.02 -40.91 -38.33
N TRP F 11 4.72 -40.98 -37.03
CA TRP F 11 3.34 -40.84 -36.64
C TRP F 11 2.93 -39.37 -36.65
N GLU F 12 3.88 -38.49 -36.32
CA GLU F 12 3.63 -37.06 -36.19
C GLU F 12 3.47 -36.34 -37.51
N ASP F 13 3.92 -36.93 -38.61
CA ASP F 13 3.80 -36.30 -39.91
C ASP F 13 2.47 -36.59 -40.59
N LEU F 14 1.77 -37.65 -40.17
CA LEU F 14 0.49 -37.98 -40.77
C LEU F 14 -0.53 -36.90 -40.41
N PRO F 15 -1.54 -36.71 -41.24
CA PRO F 15 -2.58 -35.71 -40.94
C PRO F 15 -3.45 -36.14 -39.77
N GLU F 16 -4.46 -35.33 -39.50
CA GLU F 16 -5.39 -35.58 -38.40
C GLU F 16 -6.57 -36.43 -38.82
N THR F 17 -6.63 -36.89 -40.07
CA THR F 17 -7.64 -37.85 -40.48
C THR F 17 -7.10 -39.27 -40.58
N ASP F 18 -5.79 -39.44 -40.66
CA ASP F 18 -5.17 -40.76 -40.61
C ASP F 18 -4.74 -41.14 -39.19
N GLN F 19 -4.92 -40.25 -38.22
CA GLN F 19 -4.67 -40.56 -36.82
C GLN F 19 -5.87 -41.20 -36.15
N LYS F 20 -7.06 -40.62 -36.36
CA LYS F 20 -8.27 -41.19 -35.79
C LYS F 20 -8.55 -42.58 -36.34
N ASP F 21 -8.10 -42.90 -37.54
CA ASP F 21 -8.25 -44.26 -38.05
C ASP F 21 -7.45 -45.26 -37.25
N ILE F 22 -6.19 -44.93 -36.92
CA ILE F 22 -5.39 -45.86 -36.12
C ILE F 22 -5.94 -45.93 -34.70
N ILE F 23 -6.39 -44.81 -34.15
CA ILE F 23 -6.97 -44.84 -32.81
C ILE F 23 -8.24 -45.69 -32.79
N SER F 24 -9.04 -45.63 -33.86
CA SER F 24 -10.25 -46.41 -33.93
C SER F 24 -10.00 -47.88 -34.24
N GLN F 25 -8.88 -48.21 -34.87
CA GLN F 25 -8.53 -49.62 -35.06
C GLN F 25 -7.83 -50.22 -33.85
N LEU F 26 -7.27 -49.41 -32.97
CA LEU F 26 -6.73 -49.91 -31.72
C LEU F 26 -7.76 -49.94 -30.60
N SER F 27 -8.98 -49.50 -30.84
CA SER F 27 -10.03 -49.57 -29.84
C SER F 27 -10.86 -50.83 -29.94
N GLU F 28 -11.11 -51.33 -31.15
CA GLU F 28 -11.83 -52.59 -31.34
C GLU F 28 -10.90 -53.78 -31.31
N ARG F 29 -9.61 -53.56 -31.12
CA ARG F 29 -8.62 -54.62 -30.98
C ARG F 29 -8.15 -54.79 -29.55
N GLN F 30 -8.38 -53.80 -28.70
CA GLN F 30 -8.01 -53.90 -27.29
C GLN F 30 -9.10 -54.52 -26.44
N LYS F 31 -10.33 -54.55 -26.93
CA LYS F 31 -11.43 -55.16 -26.17
C LYS F 31 -11.24 -56.66 -26.04
N LEU F 32 -10.51 -57.28 -26.97
CA LEU F 32 -10.24 -58.70 -26.88
C LEU F 32 -9.34 -58.98 -25.69
N PRO F 33 -9.32 -60.23 -25.23
CA PRO F 33 -8.41 -60.59 -24.14
C PRO F 33 -6.97 -60.35 -24.54
N TRP F 34 -6.22 -59.70 -23.66
CA TRP F 34 -4.82 -59.44 -23.96
C TRP F 34 -4.06 -60.77 -24.00
N LYS F 35 -2.80 -60.69 -24.43
CA LYS F 35 -1.94 -61.79 -24.83
C LYS F 35 -2.32 -62.29 -26.22
N ASP F 36 -3.39 -61.77 -26.82
CA ASP F 36 -3.68 -62.01 -28.22
C ASP F 36 -3.30 -60.82 -29.09
N LEU F 37 -2.58 -59.86 -28.51
CA LEU F 37 -2.13 -58.67 -29.21
C LEU F 37 -0.67 -58.84 -29.60
N THR F 38 -0.33 -58.44 -30.82
CA THR F 38 1.05 -58.49 -31.25
C THR F 38 1.87 -57.46 -30.48
N LEU F 39 3.19 -57.63 -30.53
CA LEU F 39 4.07 -56.73 -29.79
C LEU F 39 4.00 -55.31 -30.34
N SER F 40 3.90 -55.16 -31.66
CA SER F 40 3.83 -53.83 -32.25
C SER F 40 2.56 -53.11 -31.80
N GLU F 41 1.45 -53.85 -31.64
CA GLU F 41 0.23 -53.24 -31.14
C GLU F 41 0.40 -52.72 -29.72
N LYS F 42 1.07 -53.48 -28.87
CA LYS F 42 1.32 -53.04 -27.51
C LYS F 42 2.19 -51.79 -27.48
N LYS F 43 3.27 -51.79 -28.28
CA LYS F 43 4.13 -50.62 -28.34
C LYS F 43 3.38 -49.40 -28.86
N ALA F 44 2.55 -49.58 -29.90
CA ALA F 44 1.81 -48.45 -30.45
C ALA F 44 0.77 -47.93 -29.47
N ALA F 45 0.11 -48.83 -28.74
CA ALA F 45 -0.86 -48.40 -27.75
C ALA F 45 -0.18 -47.61 -26.64
N TRP F 46 1.05 -47.99 -26.27
CA TRP F 46 1.77 -47.20 -25.28
C TRP F 46 2.18 -45.85 -25.85
N TYR F 47 2.59 -45.82 -27.12
CA TYR F 47 3.11 -44.57 -27.68
C TYR F 47 2.01 -43.56 -27.94
N ILE F 48 0.83 -44.02 -28.36
CA ILE F 48 -0.23 -43.09 -28.75
C ILE F 48 -0.69 -42.27 -27.56
N SER F 49 -0.73 -42.87 -26.37
CA SER F 49 -1.26 -42.21 -25.19
C SER F 49 -0.18 -41.54 -24.34
N PHE F 50 0.83 -42.28 -23.91
CA PHE F 50 1.93 -41.73 -23.11
C PHE F 50 3.21 -41.84 -23.94
N GLY F 51 3.55 -40.78 -24.65
CA GLY F 51 4.77 -40.75 -25.45
C GLY F 51 5.27 -39.33 -25.56
N GLU F 52 6.47 -39.19 -26.10
CA GLU F 52 7.11 -37.88 -26.21
C GLU F 52 6.79 -37.22 -27.54
N TRP F 53 5.50 -36.94 -27.73
CA TRP F 53 5.03 -36.21 -28.89
C TRP F 53 3.95 -35.24 -28.44
N GLY F 54 3.69 -34.22 -29.25
CA GLY F 54 2.61 -33.31 -28.97
C GLY F 54 2.79 -32.56 -27.67
N PRO F 55 1.80 -32.63 -26.79
CA PRO F 55 1.85 -31.88 -25.53
C PRO F 55 2.78 -32.46 -24.47
N ARG F 56 3.66 -33.40 -24.80
CA ARG F 56 4.65 -33.87 -23.84
C ARG F 56 6.07 -33.60 -24.33
N ARG F 57 6.23 -32.79 -25.36
CA ARG F 57 7.55 -32.37 -25.76
C ARG F 57 8.15 -31.51 -24.67
N PRO F 58 9.48 -31.43 -24.60
CA PRO F 58 10.11 -30.64 -23.55
C PRO F 58 10.10 -29.16 -23.88
N VAL F 59 10.16 -28.34 -22.83
CA VAL F 59 10.19 -26.89 -23.03
C VAL F 59 11.47 -26.49 -23.74
N HIS F 60 12.59 -27.14 -23.40
CA HIS F 60 13.88 -26.90 -24.03
C HIS F 60 14.39 -28.20 -24.61
N THR F 61 14.86 -28.16 -25.85
CA THR F 61 15.58 -29.27 -26.44
C THR F 61 17.08 -29.07 -26.26
N LYS F 62 17.85 -30.08 -26.69
CA LYS F 62 19.30 -30.01 -26.52
C LYS F 62 19.93 -28.93 -27.37
N GLU F 63 19.29 -28.54 -28.47
CA GLU F 63 19.82 -27.53 -29.37
C GLU F 63 19.36 -26.11 -29.01
N ASP F 64 18.55 -25.96 -27.97
CA ASP F 64 18.07 -24.64 -27.57
C ASP F 64 18.91 -24.00 -26.49
N LYS F 65 19.45 -24.82 -25.58
CA LYS F 65 20.37 -24.30 -24.57
C LYS F 65 21.61 -23.71 -25.22
N LEU F 66 22.09 -24.33 -26.30
CA LEU F 66 23.24 -23.77 -27.02
C LEU F 66 22.90 -22.42 -27.63
N TYR F 67 21.72 -22.32 -28.25
CA TYR F 67 21.28 -21.05 -28.81
C TYR F 67 21.22 -19.96 -27.74
N ILE F 68 20.65 -20.28 -26.58
CA ILE F 68 20.53 -19.30 -25.50
C ILE F 68 21.91 -18.88 -24.99
N PHE F 69 22.80 -19.86 -24.79
CA PHE F 69 24.14 -19.56 -24.27
C PHE F 69 24.90 -18.65 -25.22
N TRP F 70 24.91 -19.01 -26.51
CA TRP F 70 25.65 -18.21 -27.48
C TRP F 70 24.96 -16.90 -27.80
N GLY F 71 23.69 -16.75 -27.46
CA GLY F 71 23.06 -15.44 -27.54
C GLY F 71 23.49 -14.54 -26.41
N THR F 72 23.54 -15.07 -25.20
CA THR F 72 23.99 -14.27 -24.06
C THR F 72 25.44 -13.83 -24.24
N VAL F 73 26.30 -14.72 -24.74
CA VAL F 73 27.70 -14.35 -24.96
C VAL F 73 27.79 -13.23 -25.99
N ILE F 74 27.05 -13.33 -27.08
CA ILE F 74 27.03 -12.29 -28.11
C ILE F 74 26.49 -10.98 -27.59
N GLY F 75 25.51 -11.02 -26.69
CA GLY F 75 24.97 -9.79 -26.14
C GLY F 75 25.92 -9.13 -25.16
N ILE F 76 26.77 -9.92 -24.51
CA ILE F 76 27.77 -9.34 -23.62
C ILE F 76 28.99 -8.78 -24.36
N VAL F 77 29.39 -9.41 -25.45
CA VAL F 77 30.53 -8.87 -26.21
C VAL F 77 30.24 -7.50 -26.79
N ILE F 78 29.00 -7.24 -27.23
CA ILE F 78 28.65 -5.93 -27.76
C ILE F 78 28.78 -4.85 -26.69
N SER F 79 28.28 -5.12 -25.49
CA SER F 79 28.38 -4.16 -24.40
C SER F 79 29.84 -3.91 -24.03
N ALA F 80 30.65 -4.97 -24.01
CA ALA F 80 32.07 -4.80 -23.72
C ALA F 80 32.74 -3.90 -24.74
N THR F 81 32.46 -4.12 -26.03
CA THR F 81 33.05 -3.28 -27.06
C THR F 81 32.63 -1.82 -26.93
N ILE F 82 31.35 -1.57 -26.69
CA ILE F 82 30.87 -0.19 -26.62
C ILE F 82 31.47 0.50 -25.39
N PHE F 83 31.54 -0.19 -24.26
CA PHE F 83 32.14 0.43 -23.08
C PHE F 83 33.63 0.68 -23.28
N GLY F 84 34.33 -0.21 -23.97
CA GLY F 84 35.72 0.06 -24.28
C GLY F 84 35.89 1.30 -25.14
N ALA F 85 35.04 1.44 -26.17
CA ALA F 85 35.12 2.60 -27.04
C ALA F 85 34.84 3.88 -26.28
N PHE F 86 33.86 3.86 -25.38
CA PHE F 86 33.58 5.02 -24.54
C PHE F 86 34.63 5.23 -23.46
N ARG F 87 35.45 4.21 -23.18
CA ARG F 87 36.48 4.26 -22.15
C ARG F 87 37.80 4.82 -22.64
N TYR F 88 38.18 4.54 -23.89
CA TYR F 88 39.45 5.06 -24.39
C TYR F 88 39.45 6.58 -24.43
N ASN F 89 38.34 7.18 -24.86
CA ASN F 89 38.23 8.63 -25.01
C ASN F 89 37.68 9.22 -23.72
N ARG F 90 38.57 9.50 -22.79
CA ARG F 90 38.21 10.00 -21.47
C ARG F 90 38.95 11.30 -21.19
N ASN F 91 38.40 12.08 -20.27
CA ASN F 91 39.12 13.21 -19.69
C ASN F 91 39.79 12.71 -18.42
N VAL F 92 41.10 12.49 -18.49
CA VAL F 92 41.88 11.99 -17.37
C VAL F 92 42.49 13.20 -16.66
N PRO F 93 42.05 13.54 -15.45
CA PRO F 93 42.63 14.69 -14.76
C PRO F 93 44.06 14.43 -14.32
N LYS F 94 44.74 15.52 -13.93
CA LYS F 94 46.16 15.45 -13.61
C LYS F 94 46.46 14.62 -12.37
N THR F 95 45.47 14.34 -11.52
CA THR F 95 45.72 13.57 -10.32
C THR F 95 45.88 12.08 -10.61
N MET F 96 45.37 11.60 -11.74
CA MET F 96 45.37 10.18 -12.05
C MET F 96 46.66 9.80 -12.78
N ASN F 97 47.74 9.74 -12.00
CA ASN F 97 49.06 9.44 -12.50
C ASN F 97 49.84 8.74 -11.41
N ARG F 98 50.78 7.88 -11.80
CA ARG F 98 51.51 7.12 -10.79
C ARG F 98 52.49 8.00 -10.02
N GLU F 99 53.11 8.97 -10.67
CA GLU F 99 54.04 9.86 -9.99
C GLU F 99 53.33 10.85 -9.07
N TRP F 100 52.03 11.06 -9.23
CA TRP F 100 51.26 11.91 -8.35
C TRP F 100 50.67 11.14 -7.17
N GLN F 101 50.29 9.89 -7.37
CA GLN F 101 49.72 9.09 -6.30
C GLN F 101 50.79 8.48 -5.41
N ALA F 102 52.05 8.81 -5.65
CA ALA F 102 53.13 8.49 -4.74
C ALA F 102 53.43 9.60 -3.75
N ALA F 103 53.25 10.86 -4.15
CA ALA F 103 53.47 11.96 -3.22
C ALA F 103 52.37 12.03 -2.17
N SER F 104 51.13 11.74 -2.57
CA SER F 104 50.05 11.63 -1.60
C SER F 104 50.35 10.54 -0.59
N ASP F 105 51.06 9.50 -1.00
CA ASP F 105 51.50 8.47 -0.05
C ASP F 105 52.45 9.03 0.98
N GLU F 106 53.41 9.86 0.57
CA GLU F 106 54.33 10.45 1.54
C GLU F 106 53.59 11.35 2.52
N TYR F 107 52.65 12.15 2.01
CA TYR F 107 51.86 12.99 2.90
C TYR F 107 51.06 12.15 3.89
N LEU F 108 50.41 11.09 3.41
CA LEU F 108 49.59 10.25 4.27
C LEU F 108 50.41 9.35 5.19
N LYS F 109 51.70 9.18 4.94
CA LYS F 109 52.55 8.43 5.85
C LYS F 109 53.18 9.32 6.92
N SER F 110 53.45 10.60 6.60
CA SER F 110 53.95 11.51 7.64
C SER F 110 52.93 11.67 8.75
N LYS F 111 51.66 11.82 8.39
CA LYS F 111 50.55 11.80 9.33
C LYS F 111 49.91 10.42 9.28
N ASN F 112 50.15 9.60 10.29
CA ASN F 112 49.80 8.18 10.25
C ASN F 112 48.33 7.96 9.95
N ALA F 113 48.04 7.42 8.78
CA ALA F 113 46.67 7.29 8.30
C ALA F 113 46.40 5.83 8.00
N GLU F 114 45.29 5.32 8.50
CA GLU F 114 44.95 3.92 8.38
C GLU F 114 46.03 3.05 9.05
N PRO F 115 46.23 3.17 10.35
CA PRO F 115 47.17 2.26 11.03
C PRO F 115 46.76 0.81 10.90
N PHE F 116 45.46 0.56 10.84
CA PHE F 116 44.87 -0.73 10.53
C PHE F 116 44.96 -0.92 9.03
N THR F 117 44.06 -1.73 8.46
CA THR F 117 44.20 -2.46 7.20
C THR F 117 45.14 -1.87 6.16
N GLY F 118 44.98 -0.60 5.78
CA GLY F 118 46.02 -0.03 4.96
C GLY F 118 45.72 1.23 4.17
N TYR F 119 46.77 1.96 3.83
CA TYR F 119 46.68 3.13 2.98
C TYR F 119 47.53 2.90 1.74
N SER F 120 46.97 3.21 0.57
CA SER F 120 47.75 3.27 -0.65
C SER F 120 46.87 3.86 -1.75
N GLN F 121 47.32 4.91 -2.39
CA GLN F 121 46.53 5.62 -3.38
C GLN F 121 46.92 5.25 -4.80
N ILE F 122 47.66 4.17 -4.98
CA ILE F 122 48.22 3.82 -6.28
C ILE F 122 47.27 2.88 -6.99
N GLN F 123 46.73 3.34 -8.12
CA GLN F 123 45.96 2.50 -9.04
C GLN F 123 46.29 2.84 -10.48
N SER F 124 47.30 3.67 -10.68
CA SER F 124 47.79 4.06 -12.00
C SER F 124 46.69 4.61 -12.89
N GLU G 1 -5.37 -36.91 8.28
CA GLU G 1 -6.11 -37.36 9.43
C GLU G 1 -6.58 -38.79 9.25
N GLU G 2 -6.78 -39.20 8.01
CA GLU G 2 -7.20 -40.57 7.74
C GLU G 2 -6.12 -41.56 8.13
N THR G 3 -6.55 -42.76 8.48
CA THR G 3 -5.65 -43.86 8.78
C THR G 3 -5.35 -44.61 7.49
N TYR G 4 -4.36 -45.51 7.56
CA TYR G 4 -4.02 -46.32 6.40
C TYR G 4 -5.20 -47.19 5.98
N GLU G 5 -5.90 -47.78 6.96
CA GLU G 5 -6.97 -48.72 6.70
C GLU G 5 -8.28 -48.04 6.29
N GLU G 6 -8.38 -46.72 6.42
CA GLU G 6 -9.51 -46.00 5.84
C GLU G 6 -9.21 -45.51 4.43
N PHE G 7 -7.96 -45.11 4.18
CA PHE G 7 -7.50 -44.77 2.85
C PHE G 7 -7.65 -45.96 1.90
N SER G 8 -7.20 -47.13 2.34
CA SER G 8 -7.21 -48.32 1.51
C SER G 8 -8.59 -48.95 1.38
N GLN G 9 -9.60 -48.39 2.04
CA GLN G 9 -10.99 -48.78 1.82
C GLN G 9 -11.72 -47.78 0.95
N ARG G 10 -11.49 -46.49 1.20
CA ARG G 10 -12.10 -45.46 0.38
C ARG G 10 -11.69 -45.61 -1.07
N TYR G 11 -10.41 -45.85 -1.33
CA TYR G 11 -10.01 -45.87 -2.73
C TYR G 11 -10.37 -47.20 -3.41
N GLU G 12 -10.47 -48.30 -2.65
CA GLU G 12 -11.00 -49.53 -3.26
C GLU G 12 -12.45 -49.35 -3.68
N LYS G 13 -13.29 -48.83 -2.78
CA LYS G 13 -14.68 -48.64 -3.16
C LYS G 13 -14.80 -47.66 -4.32
N GLU G 14 -13.92 -46.66 -4.39
CA GLU G 14 -14.00 -45.71 -5.49
C GLU G 14 -13.56 -46.33 -6.81
N PHE G 15 -12.55 -47.21 -6.79
CA PHE G 15 -12.17 -47.91 -8.02
C PHE G 15 -13.23 -48.92 -8.44
N ASP G 16 -14.04 -49.41 -7.52
CA ASP G 16 -15.08 -50.36 -7.89
C ASP G 16 -16.27 -49.71 -8.58
N GLU G 17 -16.22 -48.41 -8.86
CA GLU G 17 -17.37 -47.75 -9.47
C GLU G 17 -16.96 -46.76 -10.56
N ALA G 18 -15.77 -46.88 -11.11
CA ALA G 18 -15.38 -46.07 -12.26
C ALA G 18 -15.92 -46.71 -13.54
N TYR G 19 -16.49 -45.87 -14.40
CA TYR G 19 -17.27 -46.35 -15.53
C TYR G 19 -16.74 -45.94 -16.89
N ASP G 20 -15.76 -45.04 -16.96
CA ASP G 20 -15.18 -44.61 -18.23
C ASP G 20 -13.66 -44.52 -18.03
N LEU G 21 -12.94 -44.19 -19.10
CA LEU G 21 -11.49 -44.06 -18.98
C LEU G 21 -11.10 -42.78 -18.26
N PHE G 22 -11.85 -41.71 -18.50
CA PHE G 22 -11.64 -40.47 -17.79
C PHE G 22 -11.69 -40.70 -16.29
N GLU G 23 -12.64 -41.50 -15.82
CA GLU G 23 -12.81 -41.68 -14.39
C GLU G 23 -11.69 -42.53 -13.80
N VAL G 24 -11.27 -43.58 -14.49
CA VAL G 24 -10.18 -44.41 -13.99
C VAL G 24 -8.90 -43.59 -13.90
N GLN G 25 -8.61 -42.80 -14.94
CA GLN G 25 -7.43 -41.96 -14.90
C GLN G 25 -7.55 -40.87 -13.83
N ARG G 26 -8.76 -40.37 -13.59
CA ARG G 26 -8.95 -39.36 -12.55
C ARG G 26 -8.66 -39.93 -11.17
N VAL G 27 -9.24 -41.09 -10.87
CA VAL G 27 -9.03 -41.68 -9.56
C VAL G 27 -7.59 -42.15 -9.40
N LEU G 28 -6.94 -42.58 -10.48
CA LEU G 28 -5.53 -42.97 -10.40
C LEU G 28 -4.64 -41.76 -10.24
N ASN G 29 -5.08 -40.60 -10.71
CA ASN G 29 -4.24 -39.41 -10.63
C ASN G 29 -4.06 -38.94 -9.20
N ASN G 30 -5.12 -38.95 -8.39
CA ASN G 30 -5.01 -38.44 -7.02
C ASN G 30 -4.86 -39.54 -5.98
N CYS G 31 -4.74 -40.80 -6.39
CA CYS G 31 -4.28 -41.81 -5.46
C CYS G 31 -2.77 -41.69 -5.23
N PHE G 32 -2.01 -41.44 -6.29
CA PHE G 32 -0.58 -41.16 -6.19
C PHE G 32 -0.30 -39.69 -5.94
N SER G 33 -1.05 -39.08 -5.01
CA SER G 33 -0.87 -37.66 -4.72
C SER G 33 -0.97 -37.41 -3.23
N TYR G 34 -0.78 -38.44 -2.43
CA TYR G 34 -0.83 -38.39 -0.99
C TYR G 34 0.55 -38.75 -0.46
N ASP G 35 0.64 -38.90 0.86
CA ASP G 35 1.88 -39.34 1.47
C ASP G 35 1.96 -40.85 1.63
N ILE G 36 0.86 -41.56 1.39
CA ILE G 36 0.79 -43.00 1.58
C ILE G 36 0.86 -43.68 0.23
N VAL G 37 1.74 -44.65 0.08
CA VAL G 37 1.74 -45.43 -1.17
C VAL G 37 0.53 -46.36 -1.15
N PRO G 38 -0.13 -46.59 -2.28
CA PRO G 38 -1.24 -47.54 -2.29
C PRO G 38 -0.77 -48.94 -1.91
N SER G 39 -1.62 -49.63 -1.17
CA SER G 39 -1.36 -51.02 -0.84
C SER G 39 -1.57 -51.90 -2.07
N PRO G 40 -1.05 -53.13 -2.04
CA PRO G 40 -1.24 -54.03 -3.19
C PRO G 40 -2.69 -54.28 -3.55
N ALA G 41 -3.60 -54.29 -2.57
CA ALA G 41 -5.01 -54.50 -2.90
C ALA G 41 -5.58 -53.35 -3.73
N VAL G 42 -5.18 -52.11 -3.41
CA VAL G 42 -5.70 -50.97 -4.16
C VAL G 42 -5.25 -51.03 -5.62
N ILE G 43 -3.97 -51.35 -5.84
CA ILE G 43 -3.48 -51.49 -7.21
C ILE G 43 -4.15 -52.66 -7.90
N GLY G 44 -4.43 -53.73 -7.15
CA GLY G 44 -5.15 -54.85 -7.74
C GLY G 44 -6.52 -54.46 -8.24
N LYS G 45 -7.24 -53.65 -7.47
CA LYS G 45 -8.53 -53.15 -7.94
C LYS G 45 -8.36 -52.22 -9.14
N ALA G 46 -7.30 -51.41 -9.14
CA ALA G 46 -7.08 -50.48 -10.24
C ALA G 46 -6.86 -51.22 -11.56
N LEU G 47 -6.13 -52.33 -11.51
CA LEU G 47 -5.88 -53.08 -12.75
C LEU G 47 -7.18 -53.65 -13.31
N ASN G 48 -8.05 -54.18 -12.46
CA ASN G 48 -9.35 -54.65 -12.95
C ASN G 48 -10.19 -53.50 -13.49
N ALA G 49 -10.12 -52.33 -12.84
CA ALA G 49 -10.84 -51.17 -13.34
C ALA G 49 -10.36 -50.81 -14.74
N CYS G 50 -9.05 -50.89 -14.97
CA CYS G 50 -8.53 -50.66 -16.32
C CYS G 50 -8.98 -51.74 -17.29
N ARG G 51 -9.17 -52.96 -16.80
CA ARG G 51 -9.55 -54.05 -17.70
C ARG G 51 -11.00 -53.95 -18.12
N ARG G 52 -11.87 -53.36 -17.29
CA ARG G 52 -13.26 -53.20 -17.71
C ARG G 52 -13.40 -52.11 -18.77
N VAL G 53 -12.74 -50.97 -18.57
CA VAL G 53 -12.81 -49.86 -19.52
C VAL G 53 -12.05 -50.13 -20.81
N ASN G 54 -11.26 -51.21 -20.85
CA ASN G 54 -10.52 -51.59 -22.05
C ASN G 54 -9.45 -50.56 -22.41
N ASP G 55 -8.48 -50.39 -21.52
CA ASP G 55 -7.28 -49.62 -21.81
C ASP G 55 -6.05 -50.40 -21.39
N TYR G 56 -4.99 -50.30 -22.18
CA TYR G 56 -3.75 -51.02 -21.95
C TYR G 56 -2.61 -50.14 -21.45
N ALA G 57 -2.51 -48.91 -21.95
CA ALA G 57 -1.42 -48.03 -21.55
C ALA G 57 -1.53 -47.67 -20.07
N THR G 58 -2.75 -47.53 -19.56
CA THR G 58 -2.91 -47.22 -18.14
C THR G 58 -2.42 -48.36 -17.26
N ALA G 59 -2.69 -49.60 -17.66
CA ALA G 59 -2.22 -50.74 -16.88
C ALA G 59 -0.70 -50.86 -16.88
N VAL G 60 -0.03 -50.37 -17.91
CA VAL G 60 1.43 -50.39 -17.93
C VAL G 60 2.01 -49.18 -17.21
N ARG G 61 1.33 -48.04 -17.25
CA ARG G 61 1.83 -46.84 -16.60
C ARG G 61 1.59 -46.86 -15.10
N VAL G 62 0.65 -47.69 -14.63
CA VAL G 62 0.49 -47.86 -13.20
C VAL G 62 1.76 -48.42 -12.58
N PHE G 63 2.33 -49.45 -13.18
CA PHE G 63 3.56 -50.03 -12.65
C PHE G 63 4.75 -49.09 -12.81
N GLU G 64 4.69 -48.16 -13.75
CA GLU G 64 5.73 -47.17 -13.90
C GLU G 64 5.62 -46.06 -12.86
N GLY G 65 4.42 -45.78 -12.37
CA GLY G 65 4.28 -44.84 -11.28
C GLY G 65 4.84 -45.34 -9.97
N LEU G 66 4.77 -46.65 -9.74
CA LEU G 66 5.29 -47.22 -8.50
C LEU G 66 6.81 -47.11 -8.43
N LYS G 67 7.48 -47.15 -9.57
CA LYS G 67 8.93 -47.00 -9.58
C LYS G 67 9.36 -45.62 -9.10
N HIS G 68 8.50 -44.62 -9.28
CA HIS G 68 8.81 -43.28 -8.83
C HIS G 68 8.28 -43.00 -7.42
N LYS G 69 7.16 -43.61 -7.04
CA LYS G 69 6.61 -43.36 -5.71
C LYS G 69 7.45 -44.04 -4.63
N VAL G 70 7.86 -45.28 -4.86
CA VAL G 70 8.59 -46.03 -3.86
C VAL G 70 9.97 -45.42 -3.64
N GLU G 71 10.43 -45.45 -2.38
CA GLU G 71 11.69 -44.81 -2.02
C GLU G 71 12.90 -45.56 -2.55
N THR G 72 12.91 -46.89 -2.42
CA THR G 72 14.10 -47.67 -2.72
C THR G 72 13.81 -48.76 -3.75
N LYS G 73 14.78 -49.65 -3.98
CA LYS G 73 14.61 -50.71 -4.97
C LYS G 73 14.09 -52.01 -4.38
N GLU G 74 14.44 -52.31 -3.13
CA GLU G 74 13.91 -53.52 -2.50
C GLU G 74 12.40 -53.46 -2.41
N GLN G 75 11.85 -52.27 -2.17
CA GLN G 75 10.40 -52.13 -2.10
C GLN G 75 9.76 -52.35 -3.45
N TYR G 76 10.38 -51.83 -4.52
CA TYR G 76 9.86 -52.05 -5.86
C TYR G 76 9.89 -53.51 -6.22
N ASP G 77 10.99 -54.21 -5.90
CA ASP G 77 11.02 -55.65 -6.15
C ASP G 77 10.02 -56.40 -5.29
N ALA G 78 9.71 -55.89 -4.10
CA ALA G 78 8.71 -56.52 -3.27
C ALA G 78 7.30 -56.36 -3.82
N TYR G 79 7.03 -55.22 -4.47
CA TYR G 79 5.70 -55.04 -5.06
C TYR G 79 5.47 -55.96 -6.24
N LEU G 80 6.47 -56.11 -7.11
CA LEU G 80 6.35 -56.95 -8.29
C LEU G 80 6.28 -58.43 -7.97
N GLU G 81 6.77 -58.85 -6.80
CA GLU G 81 6.70 -60.24 -6.38
C GLU G 81 5.38 -60.57 -5.71
N GLU G 82 4.47 -59.61 -5.59
CA GLU G 82 3.14 -59.86 -5.08
C GLU G 82 2.04 -59.63 -6.11
N LEU G 83 2.25 -58.70 -7.04
CA LEU G 83 1.35 -58.53 -8.18
C LEU G 83 1.88 -59.30 -9.39
N LYS G 84 2.16 -60.57 -9.19
CA LYS G 84 2.66 -61.44 -10.26
C LYS G 84 1.57 -62.33 -10.84
N ASP G 85 0.62 -62.77 -10.01
CA ASP G 85 -0.52 -63.49 -10.54
C ASP G 85 -1.39 -62.59 -11.42
N VAL G 86 -1.61 -61.35 -10.99
CA VAL G 86 -2.46 -60.44 -11.75
C VAL G 86 -1.85 -60.14 -13.12
N ARG G 87 -0.54 -59.89 -13.16
CA ARG G 87 0.10 -59.56 -14.41
C ARG G 87 0.04 -60.72 -15.39
N GLU G 88 0.35 -61.94 -14.92
CA GLU G 88 0.33 -63.10 -15.80
C GLU G 88 -1.08 -63.61 -16.08
N GLU G 89 -2.10 -63.11 -15.39
CA GLU G 89 -3.46 -63.52 -15.70
C GLU G 89 -4.16 -62.56 -16.64
N LEU G 90 -4.05 -61.25 -16.41
CA LEU G 90 -4.64 -60.30 -17.33
C LEU G 90 -3.83 -60.18 -18.61
N GLY G 91 -2.51 -60.14 -18.51
CA GLY G 91 -1.65 -60.05 -19.66
C GLY G 91 -0.78 -58.81 -19.73
N ILE G 92 -0.60 -58.09 -18.64
CA ILE G 92 0.16 -56.85 -18.64
C ILE G 92 1.65 -57.16 -18.74
N ASP G 93 2.35 -56.38 -19.55
CA ASP G 93 3.80 -56.46 -19.66
C ASP G 93 4.41 -55.13 -19.24
N LEU G 94 5.44 -55.19 -18.40
CA LEU G 94 6.06 -53.97 -17.90
C LEU G 94 6.69 -53.18 -19.03
N LYS G 95 7.07 -51.93 -18.72
CA LYS G 95 7.74 -51.11 -19.71
C LYS G 95 9.17 -51.55 -19.94
N GLU G 96 9.85 -52.03 -18.91
CA GLU G 96 11.22 -52.51 -19.07
C GLU G 96 11.28 -53.73 -19.98
N GLU G 97 10.19 -54.47 -20.13
CA GLU G 97 10.15 -55.63 -21.01
C GLU G 97 9.69 -55.28 -22.42
N LEU G 98 9.12 -54.10 -22.63
CA LEU G 98 8.72 -53.67 -23.96
C LEU G 98 9.81 -52.89 -24.66
N PHE G 99 10.50 -52.01 -23.94
CA PHE G 99 11.47 -51.10 -24.53
C PHE G 99 10.80 -50.23 -25.59
N PRO G 100 9.69 -49.55 -25.27
CA PRO G 100 8.95 -48.85 -26.32
C PRO G 100 9.64 -47.59 -26.79
N THR H 1 -47.09 20.19 -23.25
CA THR H 1 -48.37 20.40 -22.59
C THR H 1 -48.17 20.89 -21.17
N ALA H 2 -48.65 20.10 -20.20
CA ALA H 2 -48.56 20.48 -18.80
C ALA H 2 -47.13 20.35 -18.30
N THR H 3 -46.96 20.53 -16.99
CA THR H 3 -45.62 20.48 -16.41
C THR H 3 -44.98 19.11 -16.54
N GLU H 4 -45.77 18.07 -16.76
CA GLU H 4 -45.23 16.72 -16.95
C GLU H 4 -44.99 16.44 -18.43
N LYS H 5 -43.77 16.74 -18.84
CA LYS H 5 -43.39 16.41 -20.16
C LYS H 5 -42.45 15.31 -19.84
N ILE H 6 -42.42 14.87 -18.59
CA ILE H 6 -41.47 13.85 -18.18
C ILE H 6 -41.78 12.63 -19.00
N ILE H 7 -43.04 12.30 -19.17
CA ILE H 7 -43.42 11.19 -20.00
C ILE H 7 -43.09 11.38 -21.48
N GLU H 8 -43.32 12.53 -22.09
CA GLU H 8 -42.95 12.74 -23.48
C GLU H 8 -41.46 12.72 -23.79
N LEU H 9 -40.65 13.28 -22.94
CA LEU H 9 -39.24 13.32 -23.16
C LEU H 9 -38.76 11.94 -23.14
N GLN H 10 -39.37 11.11 -22.36
CA GLN H 10 -38.95 9.74 -22.29
C GLN H 10 -39.10 8.99 -23.54
N LYS H 11 -40.20 9.15 -24.19
CA LYS H 11 -40.32 8.54 -25.47
C LYS H 11 -39.37 9.16 -26.48
N PHE H 12 -38.93 10.40 -26.31
CA PHE H 12 -37.90 11.01 -27.16
C PHE H 12 -36.53 10.47 -26.94
N TYR H 13 -36.12 10.34 -25.69
CA TYR H 13 -34.75 9.93 -25.39
C TYR H 13 -34.48 8.46 -25.63
N GLN H 14 -35.52 7.70 -25.92
CA GLN H 14 -35.34 6.30 -26.23
C GLN H 14 -35.42 6.18 -27.73
N SER H 15 -34.45 5.49 -28.35
CA SER H 15 -34.41 5.35 -29.81
C SER H 15 -34.38 6.68 -30.55
N THR H 16 -33.64 7.66 -30.02
CA THR H 16 -33.52 8.95 -30.69
C THR H 16 -32.56 8.82 -31.85
N ASN H 17 -31.83 7.71 -31.91
CA ASN H 17 -30.85 7.50 -32.96
C ASN H 17 -29.81 8.55 -33.13
N LYS H 18 -29.42 9.21 -32.05
CA LYS H 18 -28.41 10.20 -32.06
C LYS H 18 -27.90 10.18 -30.60
N PRO H 19 -26.60 10.44 -30.29
CA PRO H 19 -26.07 10.38 -28.93
C PRO H 19 -26.90 11.24 -28.00
N ILE H 20 -27.02 10.81 -26.75
CA ILE H 20 -27.94 11.44 -25.81
C ILE H 20 -27.49 12.83 -25.40
N TYR H 21 -26.27 13.24 -25.72
CA TYR H 21 -25.84 14.60 -25.41
C TYR H 21 -26.14 15.58 -26.52
N ALA H 22 -26.65 15.11 -27.67
CA ALA H 22 -26.94 15.97 -28.80
C ALA H 22 -28.26 15.63 -29.45
N ALA H 23 -29.19 15.05 -28.69
CA ALA H 23 -30.46 14.63 -29.25
C ALA H 23 -31.51 15.74 -29.19
N HIS H 24 -31.51 16.51 -28.12
CA HIS H 24 -32.46 17.59 -27.98
C HIS H 24 -32.19 18.68 -29.03
N PRO H 25 -33.20 19.42 -29.43
CA PRO H 25 -33.00 20.60 -30.28
C PRO H 25 -32.59 21.84 -29.47
N ARG H 26 -31.67 21.70 -28.54
CA ARG H 26 -31.17 22.82 -27.78
C ARG H 26 -29.76 22.48 -27.49
N SER H 27 -29.34 21.29 -27.88
CA SER H 27 -28.02 20.85 -27.63
C SER H 27 -27.07 21.73 -28.32
N LYS H 28 -27.51 22.34 -29.38
CA LYS H 28 -26.64 23.16 -30.17
C LYS H 28 -26.08 24.28 -29.35
N TYR H 29 -26.87 24.87 -28.52
CA TYR H 29 -26.40 26.00 -27.76
C TYR H 29 -25.30 25.68 -26.79
N TYR H 30 -25.35 24.54 -26.15
CA TYR H 30 -24.33 24.16 -25.25
C TYR H 30 -23.04 23.84 -25.92
N LEU H 31 -23.08 23.19 -27.06
CA LEU H 31 -21.89 22.76 -27.74
C LEU H 31 -21.26 23.56 -28.89
N ILE H 32 -21.97 24.37 -29.66
CA ILE H 32 -21.30 25.23 -30.67
C ILE H 32 -20.39 26.23 -29.97
N PRO H 33 -20.83 26.87 -28.89
CA PRO H 33 -19.89 27.67 -28.13
C PRO H 33 -18.75 26.93 -27.45
N TYR H 34 -19.00 25.82 -26.77
CA TYR H 34 -17.97 25.13 -26.00
C TYR H 34 -16.85 24.48 -26.71
N PHE H 35 -17.15 23.76 -27.74
CA PHE H 35 -16.12 23.11 -28.49
C PHE H 35 -15.24 24.14 -29.12
N GLY H 36 -15.81 25.20 -29.65
CA GLY H 36 -15.03 26.24 -30.26
C GLY H 36 -14.08 26.99 -29.38
N LEU H 37 -14.50 27.38 -28.20
CA LEU H 37 -13.60 27.99 -27.26
C LEU H 37 -12.51 27.07 -26.71
N LEU H 38 -12.74 25.80 -26.50
CA LEU H 38 -11.66 24.91 -26.10
C LEU H 38 -10.57 24.96 -27.15
N GLY H 39 -10.91 24.92 -28.43
CA GLY H 39 -9.84 25.02 -29.40
C GLY H 39 -8.97 26.24 -29.25
N VAL H 40 -9.56 27.39 -29.00
CA VAL H 40 -8.80 28.61 -28.79
C VAL H 40 -7.94 28.52 -27.54
N SER H 41 -8.50 27.97 -26.45
CA SER H 41 -7.71 27.81 -25.24
C SER H 41 -6.54 26.87 -25.46
N VAL H 42 -6.76 25.75 -26.16
CA VAL H 42 -5.66 24.81 -26.38
C VAL H 42 -4.61 25.36 -27.34
N ALA H 43 -5.01 26.12 -28.34
CA ALA H 43 -4.05 26.73 -29.26
C ALA H 43 -3.36 27.94 -28.67
N ALA H 44 -3.87 28.49 -27.57
CA ALA H 44 -3.22 29.60 -26.89
C ALA H 44 -2.30 29.16 -25.77
N THR H 45 -2.27 27.89 -25.42
CA THR H 45 -1.31 27.37 -24.46
C THR H 45 -0.12 26.70 -25.13
N LEU H 46 -0.25 26.32 -26.40
CA LEU H 46 0.84 25.73 -27.15
C LEU H 46 1.65 26.77 -27.91
N PHE H 47 1.13 27.98 -28.04
CA PHE H 47 1.86 29.09 -28.64
C PHE H 47 2.78 29.77 -27.64
N TYR H 48 2.50 29.61 -26.34
CA TYR H 48 3.30 30.21 -25.28
C TYR H 48 4.26 29.25 -24.62
N THR H 49 4.00 27.95 -24.67
CA THR H 49 4.95 26.96 -24.17
C THR H 49 6.03 26.62 -25.18
N GLY H 50 5.91 27.13 -26.40
CA GLY H 50 6.99 27.01 -27.38
C GLY H 50 7.66 28.35 -27.51
N ARG H 51 6.91 29.41 -27.26
CA ARG H 51 7.45 30.76 -27.20
C ARG H 51 8.19 31.03 -25.90
N ALA H 52 8.07 30.14 -24.92
CA ALA H 52 8.85 30.23 -23.69
C ALA H 52 10.11 29.39 -23.73
N CYS H 53 10.12 28.29 -24.50
CA CYS H 53 11.34 27.52 -24.66
C CYS H 53 12.41 28.30 -25.39
N PHE H 54 12.01 29.24 -26.25
CA PHE H 54 12.95 30.07 -26.99
C PHE H 54 13.29 31.37 -26.27
N GLY H 55 12.73 31.61 -25.10
CA GLY H 55 13.10 32.75 -24.29
C GLY H 55 12.39 34.05 -24.63
N ILE H 56 11.41 34.02 -25.52
CA ILE H 56 10.66 35.22 -25.86
C ILE H 56 9.61 35.45 -24.78
N LYS H 57 9.55 36.66 -24.25
CA LYS H 57 8.63 37.03 -23.20
C LYS H 57 7.56 37.98 -23.72
N ASP H 58 6.73 38.47 -22.81
CA ASP H 58 5.68 39.41 -23.15
C ASP H 58 5.83 40.70 -22.34
N ASP I 1 -16.47 -8.38 -35.80
CA ASP I 1 -15.15 -8.64 -36.37
C ASP I 1 -14.14 -9.07 -35.32
N VAL I 2 -14.63 -9.77 -34.29
CA VAL I 2 -13.77 -10.26 -33.21
C VAL I 2 -12.71 -11.19 -33.78
N GLY I 3 -11.48 -11.04 -33.29
CA GLY I 3 -10.37 -11.82 -33.79
C GLY I 3 -9.07 -11.48 -33.10
N PRO I 4 -7.96 -12.06 -33.57
CA PRO I 4 -6.68 -11.88 -32.89
C PRO I 4 -5.91 -10.61 -33.27
N TYR I 5 -6.38 -9.82 -34.23
CA TYR I 5 -5.73 -8.57 -34.61
C TYR I 5 -6.68 -7.39 -34.47
N SER I 6 -7.76 -7.54 -33.70
CA SER I 6 -8.82 -6.55 -33.73
C SER I 6 -8.87 -5.64 -32.51
N ASN I 7 -8.21 -5.99 -31.42
CA ASN I 7 -8.26 -5.18 -30.21
C ASN I 7 -7.10 -4.21 -30.08
N LEU I 8 -6.25 -4.10 -31.10
CA LEU I 8 -5.11 -3.22 -30.95
C LEU I 8 -5.35 -1.89 -31.66
N PRO I 9 -4.89 -0.78 -31.08
CA PRO I 9 -5.17 0.53 -31.67
C PRO I 9 -4.52 0.78 -33.03
N PHE I 10 -3.63 -0.08 -33.48
CA PHE I 10 -2.92 0.11 -34.74
C PHE I 10 -3.08 -1.12 -35.61
N LYS I 11 -2.86 -0.93 -36.92
CA LYS I 11 -2.97 -1.99 -37.90
C LYS I 11 -1.64 -2.70 -38.04
N VAL I 12 -1.67 -4.02 -38.18
CA VAL I 12 -0.44 -4.80 -38.26
C VAL I 12 -0.27 -5.54 -39.57
N LYS I 13 -1.34 -5.98 -40.23
CA LYS I 13 -1.21 -6.73 -41.47
C LYS I 13 -2.11 -6.12 -42.53
N ASN I 14 -1.77 -6.37 -43.80
CA ASN I 14 -2.42 -5.73 -44.92
C ASN I 14 -2.29 -4.21 -44.81
N ARG I 15 -1.04 -3.77 -44.87
CA ARG I 15 -0.68 -2.38 -44.61
C ARG I 15 0.25 -1.91 -45.72
N ARG I 16 0.07 -0.66 -46.16
CA ARG I 16 0.87 -0.13 -47.25
C ARG I 16 2.35 -0.05 -46.86
N VAL I 17 2.64 0.73 -45.82
CA VAL I 17 4.00 0.83 -45.29
C VAL I 17 4.19 -0.28 -44.25
N PRO I 18 5.25 -1.07 -44.34
CA PRO I 18 5.41 -2.20 -43.41
C PRO I 18 5.50 -1.76 -41.97
N TYR I 19 5.05 -2.64 -41.07
CA TYR I 19 4.90 -2.29 -39.67
C TYR I 19 6.23 -1.95 -39.00
N ALA I 20 7.35 -2.42 -39.56
CA ALA I 20 8.64 -2.18 -38.95
C ALA I 20 8.95 -0.70 -38.84
N VAL I 21 8.52 0.09 -39.83
CA VAL I 21 8.78 1.53 -39.77
C VAL I 21 8.09 2.18 -38.59
N PRO I 22 6.78 2.04 -38.39
CA PRO I 22 6.14 2.59 -37.19
C PRO I 22 6.67 1.99 -35.90
N HIS I 23 7.01 0.72 -35.89
CA HIS I 23 7.53 0.12 -34.65
C HIS I 23 8.88 0.73 -34.28
N PHE I 24 9.76 0.93 -35.26
CA PHE I 24 11.09 1.44 -34.96
C PHE I 24 11.06 2.92 -34.63
N LEU I 25 10.19 3.69 -35.30
CA LEU I 25 10.15 5.13 -35.02
C LEU I 25 9.69 5.41 -33.59
N PHE I 26 8.80 4.57 -33.07
CA PHE I 26 8.33 4.72 -31.70
C PHE I 26 9.48 4.66 -30.72
N PHE I 27 10.29 3.60 -30.80
CA PHE I 27 11.39 3.44 -29.86
C PHE I 27 12.52 4.42 -30.13
N ALA I 28 12.74 4.77 -31.40
CA ALA I 28 13.76 5.77 -31.71
C ALA I 28 13.42 7.11 -31.08
N ILE I 29 12.19 7.56 -31.24
CA ILE I 29 11.78 8.83 -30.66
C ILE I 29 11.82 8.75 -29.14
N GLY I 30 11.34 7.65 -28.57
CA GLY I 30 11.32 7.51 -27.13
C GLY I 30 12.72 7.54 -26.52
N MET I 31 13.68 6.88 -27.15
CA MET I 31 15.04 6.85 -26.65
C MET I 31 15.89 8.00 -27.15
N GLY I 32 15.35 8.87 -28.00
CA GLY I 32 16.10 10.02 -28.44
C GLY I 32 15.64 11.34 -27.86
N ILE I 33 14.43 11.37 -27.31
CA ILE I 33 13.95 12.60 -26.66
C ILE I 33 14.88 13.06 -25.54
N PRO I 34 15.31 12.21 -24.60
CA PRO I 34 16.15 12.69 -23.49
C PRO I 34 17.50 13.27 -23.91
N PHE I 35 17.99 12.98 -25.11
CA PHE I 35 19.23 13.62 -25.56
C PHE I 35 18.98 15.01 -26.11
N PHE I 36 17.79 15.25 -26.66
CA PHE I 36 17.45 16.58 -27.16
C PHE I 36 17.45 17.61 -26.04
N ALA I 37 16.91 17.25 -24.87
CA ALA I 37 16.87 18.18 -23.75
C ALA I 37 18.27 18.56 -23.30
N CYS I 38 19.16 17.55 -23.22
CA CYS I 38 20.54 17.83 -22.81
C CYS I 38 21.25 18.69 -23.83
N TYR I 39 21.02 18.45 -25.12
CA TYR I 39 21.61 19.30 -26.15
C TYR I 39 21.11 20.73 -26.02
N VAL I 40 19.80 20.90 -25.81
CA VAL I 40 19.23 22.25 -25.73
C VAL I 40 19.80 23.00 -24.55
N GLN I 41 19.90 22.34 -23.39
CA GLN I 41 20.38 23.05 -22.21
C GLN I 41 21.89 23.14 -22.17
N LEU I 42 22.59 22.40 -23.04
CA LEU I 42 24.03 22.59 -23.16
C LEU I 42 24.35 23.74 -24.09
N LYS I 43 23.58 23.89 -25.17
CA LYS I 43 23.81 24.99 -26.09
C LYS I 43 23.35 26.33 -25.54
N ARG I 44 22.56 26.33 -24.48
CA ARG I 44 22.07 27.55 -23.87
C ARG I 44 23.01 28.13 -22.83
N SER I 45 23.92 27.33 -22.28
CA SER I 45 24.84 27.76 -21.24
C SER I 45 26.25 27.85 -21.79
N GLY I 46 26.37 28.15 -23.07
CA GLY I 46 27.69 28.30 -23.67
C GLY I 46 28.41 27.03 -24.03
N SER I 47 28.37 26.04 -23.14
CA SER I 47 29.16 24.83 -23.34
C SER I 47 28.63 23.99 -24.48
N ILE I 48 29.25 24.14 -25.66
CA ILE I 48 29.04 23.27 -26.83
C ILE I 48 27.58 22.99 -27.15
N SER J 1 5.95 -54.61 7.01
CA SER J 1 6.73 -55.29 5.99
C SER J 1 7.36 -54.30 5.02
N LEU J 2 7.66 -54.75 3.81
CA LEU J 2 8.25 -53.92 2.78
C LEU J 2 7.22 -53.34 1.82
N THR J 3 5.95 -53.73 1.96
CA THR J 3 4.88 -53.22 1.11
C THR J 3 3.88 -52.40 1.91
N ARG J 4 4.37 -51.61 2.86
CA ARG J 4 3.52 -50.71 3.64
C ARG J 4 4.36 -49.48 3.97
N ILE J 5 4.24 -48.47 3.11
CA ILE J 5 4.93 -47.19 3.27
C ILE J 5 3.88 -46.16 3.65
N GLN J 6 4.12 -45.40 4.72
CA GLN J 6 3.13 -44.48 5.22
C GLN J 6 3.56 -43.03 5.12
N GLY J 7 4.68 -42.65 5.73
CA GLY J 7 5.07 -41.25 5.71
C GLY J 7 6.50 -41.06 5.30
N SER J 8 6.74 -40.40 4.17
CA SER J 8 8.09 -40.18 3.67
C SER J 8 8.40 -38.74 3.31
N VAL J 9 7.39 -37.90 3.08
CA VAL J 9 7.68 -36.50 2.80
C VAL J 9 8.00 -35.75 4.09
N LYS J 10 7.42 -36.17 5.21
CA LYS J 10 7.69 -35.50 6.48
C LYS J 10 9.14 -35.65 6.89
N ARG J 11 9.71 -36.84 6.71
CA ARG J 11 11.11 -37.05 7.04
C ARG J 11 12.01 -36.21 6.14
N ARG J 12 11.68 -36.09 4.87
CA ARG J 12 12.44 -35.21 3.98
C ARG J 12 12.37 -33.76 4.44
N ILE J 13 11.18 -33.32 4.87
CA ILE J 13 11.03 -31.96 5.38
C ILE J 13 11.94 -31.75 6.59
N LEU J 14 11.96 -32.70 7.51
CA LEU J 14 12.80 -32.57 8.69
C LEU J 14 14.28 -32.57 8.33
N THR J 15 14.68 -33.41 7.37
CA THR J 15 16.09 -33.43 7.00
C THR J 15 16.51 -32.18 6.25
N ASP J 16 15.61 -31.58 5.46
CA ASP J 16 15.95 -30.33 4.79
C ASP J 16 15.99 -29.14 5.72
N ILE J 17 15.11 -29.08 6.72
CA ILE J 17 15.18 -28.03 7.72
C ILE J 17 16.39 -28.20 8.65
N SER J 18 16.85 -29.43 8.85
CA SER J 18 17.99 -29.71 9.71
C SER J 18 19.33 -29.61 9.00
N VAL J 19 19.34 -29.41 7.68
CA VAL J 19 20.58 -29.14 6.97
C VAL J 19 20.71 -27.68 6.57
N GLY J 20 19.62 -26.95 6.40
CA GLY J 20 19.69 -25.54 6.09
C GLY J 20 19.97 -24.65 7.27
N LEU J 21 19.89 -25.17 8.49
CA LEU J 21 20.22 -24.43 9.68
C LEU J 21 21.65 -24.67 10.14
N THR J 22 22.13 -25.91 10.08
CA THR J 22 23.53 -26.17 10.39
C THR J 22 24.44 -25.44 9.41
N LEU J 23 24.08 -25.46 8.14
CA LEU J 23 24.87 -24.76 7.14
C LEU J 23 24.88 -23.26 7.40
N GLY J 24 23.74 -22.72 7.83
CA GLY J 24 23.70 -21.30 8.15
C GLY J 24 24.60 -20.92 9.31
N PHE J 25 24.56 -21.69 10.40
CA PHE J 25 25.46 -21.41 11.51
C PHE J 25 26.91 -21.63 11.11
N GLY J 26 27.18 -22.59 10.24
CA GLY J 26 28.54 -22.77 9.76
C GLY J 26 29.04 -21.58 8.97
N PHE J 27 28.17 -20.97 8.17
CA PHE J 27 28.56 -19.83 7.35
C PHE J 27 28.48 -18.51 8.11
N ALA J 28 27.83 -18.48 9.26
CA ALA J 28 27.72 -17.26 10.05
C ALA J 28 28.58 -17.28 11.30
N SER J 29 28.98 -18.46 11.77
CA SER J 29 29.96 -18.55 12.83
C SER J 29 31.38 -18.41 12.30
N TYR J 30 31.57 -18.44 10.98
CA TYR J 30 32.82 -18.04 10.37
C TYR J 30 32.93 -16.54 10.21
N TRP J 31 31.80 -15.84 10.14
CA TRP J 31 31.81 -14.38 10.10
C TRP J 31 32.28 -13.78 11.41
N TRP J 32 31.90 -14.37 12.53
CA TRP J 32 32.13 -13.79 13.85
C TRP J 32 33.36 -14.33 14.55
N TRP J 33 34.01 -15.36 14.01
CA TRP J 33 35.20 -15.91 14.63
C TRP J 33 36.40 -15.92 13.69
N GLY J 34 36.26 -15.41 12.48
CA GLY J 34 37.40 -15.35 11.59
C GLY J 34 37.55 -14.04 10.86
N VAL J 35 36.55 -13.17 10.95
CA VAL J 35 36.57 -11.93 10.19
C VAL J 35 36.31 -10.74 11.11
N HIS J 36 35.68 -11.00 12.26
CA HIS J 36 35.36 -9.95 13.21
C HIS J 36 36.29 -9.90 14.41
N LYS J 37 36.43 -11.02 15.13
CA LYS J 37 37.26 -11.05 16.32
C LYS J 37 38.72 -10.74 16.04
N PRO J 38 39.37 -11.30 15.02
CA PRO J 38 40.76 -10.92 14.74
C PRO J 38 40.94 -9.45 14.47
N THR J 39 39.99 -8.79 13.80
CA THR J 39 40.09 -7.35 13.61
C THR J 39 40.07 -6.60 14.92
N VAL J 40 39.20 -7.02 15.84
CA VAL J 40 39.12 -6.36 17.14
C VAL J 40 40.42 -6.54 17.91
N ALA J 41 40.97 -7.75 17.89
CA ALA J 41 42.23 -7.99 18.57
C ALA J 41 43.34 -7.15 17.98
N HIS J 42 43.40 -7.05 16.66
CA HIS J 42 44.44 -6.24 16.01
C HIS J 42 44.31 -4.77 16.38
N ARG J 43 43.09 -4.24 16.35
CA ARG J 43 42.89 -2.84 16.73
C ARG J 43 43.31 -2.58 18.17
N GLU J 44 42.87 -3.43 19.09
CA GLU J 44 43.22 -3.24 20.49
C GLU J 44 44.72 -3.33 20.70
N ASN J 45 45.38 -4.28 20.06
CA ASN J 45 46.83 -4.40 20.22
C ASN J 45 47.55 -3.21 19.60
N TYR J 46 46.96 -2.57 18.59
CA TYR J 46 47.57 -1.34 18.09
C TYR J 46 47.44 -0.21 19.10
N TYR J 47 46.31 -0.14 19.80
CA TYR J 47 46.16 0.94 20.77
C TYR J 47 47.01 0.75 22.02
N ILE J 48 47.49 -0.45 22.30
CA ILE J 48 48.23 -0.72 23.53
C ILE J 48 49.74 -0.77 23.27
N GLU J 49 50.20 -0.11 22.22
CA GLU J 49 51.63 0.13 22.05
C GLU J 49 51.83 1.63 21.95
N LEU J 50 50.78 2.32 21.53
CA LEU J 50 50.85 3.77 21.35
C LEU J 50 50.85 4.49 22.68
N ALA J 51 50.37 3.86 23.75
CA ALA J 51 50.46 4.44 25.08
C ALA J 51 51.79 4.13 25.74
N LYS J 52 52.36 2.95 25.46
CA LYS J 52 53.69 2.64 25.97
C LYS J 52 54.74 3.56 25.37
N LYS J 53 54.63 3.84 24.07
CA LYS J 53 55.57 4.78 23.44
C LYS J 53 55.45 6.17 24.05
N LYS J 54 54.22 6.63 24.30
CA LYS J 54 54.04 7.92 24.94
C LYS J 54 54.58 7.90 26.37
N LYS J 55 54.45 6.78 27.07
CA LYS J 55 54.97 6.67 28.43
C LYS J 55 56.49 6.83 28.46
N ALA J 56 57.18 6.23 27.49
CA ALA J 56 58.63 6.32 27.42
C ALA J 56 59.06 7.75 27.11
#